data_3ICQ
#
_entry.id   3ICQ
#
_cell.length_a   143.000
_cell.length_b   143.800
_cell.length_c   166.900
_cell.angle_alpha   90.000
_cell.angle_beta   90.000
_cell.angle_gamma   90.000
#
_symmetry.space_group_name_H-M   'P 21 21 21'
#
loop_
_entity.id
_entity.type
_entity.pdbx_description
1 polymer Exportin-T
2 polymer 'GTP-binding nuclear protein GSP1/CNR1'
3 polymer 'RNA (62-MER)'
4 non-polymer "GUANOSINE-5'-TRIPHOSPHATE"
5 non-polymer 'MAGNESIUM ION'
6 water water
#
loop_
_entity_poly.entity_id
_entity_poly.type
_entity_poly.pdbx_seq_one_letter_code
_entity_poly.pdbx_strand_id
1 'polypeptide(L)'
;GPMSAQDVENAVEAALDPSVGPIIKQQATDFIGSLRSSSTGWKICHEIFSEKTKYKPSTRLICLQTLSEKVREWNNESNL
LELQMIRDSVWSYIKELSFLDEPAYISNAVQHLLTLLFLQLYPSNWNDFFASLQGVIAASSQSEFSNFYLKVLLSIGDEI
ADSLVLKTDVQIQKDNLVKDAIRANDMSDIVSFVYEMMLAYSNAKNYGTVGLCLQVYAQWVSWININLIVNEPCMNLLYS
FLQIEELRCAACETMTEIVNKKMKPLEKLNLLNILNLNLFFSKSQEQSTDPNFDEHVAKLINAQGVELVAIKSDPSELSP
ELKENCSFQLYNLFPYLIRYLSDDYDETSTAVFPFLSDLLVSLRKESSSKELSASLKEFLKSLLEAIIKKMKYDESQEWD
DDPDSEEEAEFQEMRKKLKIFQDTINSIDSSLFSSYMYSAITSSLSTAATLSPENSWQLIEFALYETYIFGEGLRGPDAF
FNEVDKSPTVLSQILALVTTSQVCRHPHPLVQLLYMEILVRYASFFDYESAAIPALIEYFVGPRGIHNTNERVRPRAWYL
FYRFVKSIKKQVVNYTESSLAMLGDLLNISVSPVTDMDAPVPTLNSSIRNSDFNSQLYLFETVGVLISSGNLTPEEQALY
CDSLINALIGKANAALSSDLSALENIISVYCSLMAIGNFAKGFPARGSEEVAWLASFNKASDEIFLILDRMGFNEDIRGA
VRFTSGRIINVVGPDMLPKVPQLISILLNSIDMNELVDVLSFISQLIHIYKDNMMEITNRMLPTLLMRIFSSLSAAPQGT
DDAVKQNDLRKSYISFILQLLNKGFGSILFTEENQVYFDPLINSILHFANLVGEPATQKSSIALVSKMVSLWGGKDGIAG
FENFTLSLTPLCFEMPVNPNFNTRDGQSLVVLGELAGLQKIILEKLGDIYKSYLVTVYFPTVNFPDVMASEYLQALSNLD
SRSFKQFFQKFIQALKSGNV
;
T,U
2 'polypeptide(L)'
;EVPTFKLVLVGDGGTGKTTFVKRHLTGEFEKKYIATIGVEVHPLSFYTNFGEIKFDVWDTAGLEKFGGLRDGYYINAQCA
IIMFDVTSRITYKNVPNWHRDLVRVCENIPIVLCGNKVDVKERKVKAKTITFHRKKNLQYYDISAKSNYNFEKPFLWLAR
KLAGNPQLEFV
;
B,C
3 'polyribonucleotide' GCGGAUUUAACUCAGUUGGGAGAGCGCCUUCGGGAGGUCCUGUGUUCGAUCCACAGAAUUCGCACCA D,E
#
loop_
_chem_comp.id
_chem_comp.type
_chem_comp.name
_chem_comp.formula
A RNA linking ADENOSINE-5'-MONOPHOSPHATE 'C10 H14 N5 O7 P'
C RNA linking CYTIDINE-5'-MONOPHOSPHATE 'C9 H14 N3 O8 P'
G RNA linking GUANOSINE-5'-MONOPHOSPHATE 'C10 H14 N5 O8 P'
GTP non-polymer GUANOSINE-5'-TRIPHOSPHATE 'C10 H16 N5 O14 P3'
MG non-polymer 'MAGNESIUM ION' 'Mg 2'
U RNA linking URIDINE-5'-MONOPHOSPHATE 'C9 H13 N2 O9 P'
#
# COMPACT_ATOMS: atom_id res chain seq x y z
N SER A 4 13.89 -0.35 -18.30
CA SER A 4 12.87 -1.07 -17.49
C SER A 4 12.55 -2.43 -18.12
N ALA A 5 12.63 -2.50 -19.44
CA ALA A 5 12.33 -3.73 -20.14
C ALA A 5 13.20 -4.88 -19.64
N GLN A 6 14.52 -4.74 -19.79
CA GLN A 6 15.45 -5.78 -19.38
C GLN A 6 15.29 -6.13 -17.90
N ASP A 7 14.71 -5.20 -17.14
CA ASP A 7 14.48 -5.40 -15.70
C ASP A 7 13.36 -6.38 -15.51
N VAL A 8 12.23 -6.07 -16.14
CA VAL A 8 11.07 -6.92 -16.08
C VAL A 8 11.53 -8.30 -16.50
N GLU A 9 12.17 -8.38 -17.67
CA GLU A 9 12.63 -9.67 -18.18
C GLU A 9 13.44 -10.43 -17.13
N ASN A 10 14.15 -9.69 -16.28
CA ASN A 10 14.93 -10.33 -15.24
C ASN A 10 14.00 -10.72 -14.10
N ALA A 11 13.21 -9.77 -13.61
CA ALA A 11 12.27 -10.03 -12.52
C ALA A 11 11.59 -11.37 -12.77
N VAL A 12 10.88 -11.45 -13.89
CA VAL A 12 10.19 -12.66 -14.27
C VAL A 12 11.15 -13.84 -14.26
N GLU A 13 12.31 -13.68 -14.87
CA GLU A 13 13.29 -14.75 -14.91
C GLU A 13 13.66 -15.12 -13.48
N ALA A 14 13.74 -14.11 -12.62
CA ALA A 14 14.08 -14.34 -11.23
C ALA A 14 13.03 -15.22 -10.57
N ALA A 15 11.78 -14.78 -10.67
CA ALA A 15 10.66 -15.49 -10.09
C ALA A 15 10.54 -16.92 -10.63
N LEU A 16 10.86 -17.11 -11.90
CA LEU A 16 10.76 -18.43 -12.52
C LEU A 16 11.87 -19.42 -12.12
N ASP A 17 12.88 -18.93 -11.40
CA ASP A 17 13.99 -19.80 -10.97
C ASP A 17 13.86 -20.00 -9.46
N PRO A 18 13.47 -21.20 -9.02
CA PRO A 18 13.38 -21.27 -7.56
C PRO A 18 14.73 -21.61 -6.93
N SER A 19 15.78 -21.53 -7.74
CA SER A 19 17.14 -21.80 -7.29
C SER A 19 17.77 -20.50 -6.77
N VAL A 20 16.93 -19.53 -6.43
CA VAL A 20 17.40 -18.25 -5.95
C VAL A 20 17.08 -17.90 -4.50
N GLY A 21 17.82 -16.90 -4.01
CA GLY A 21 17.62 -16.41 -2.67
C GLY A 21 16.28 -15.71 -2.64
N PRO A 22 15.63 -15.70 -1.48
CA PRO A 22 14.32 -15.08 -1.25
C PRO A 22 14.42 -13.59 -1.43
N ILE A 23 15.56 -13.05 -1.04
CA ILE A 23 15.79 -11.63 -1.14
C ILE A 23 15.59 -11.16 -2.58
N ILE A 24 16.11 -11.94 -3.53
CA ILE A 24 15.97 -11.59 -4.95
C ILE A 24 14.55 -11.77 -5.45
N LYS A 25 13.86 -12.79 -4.96
CA LYS A 25 12.47 -13.00 -5.37
C LYS A 25 11.59 -11.83 -4.90
N GLN A 26 11.71 -11.46 -3.62
CA GLN A 26 10.92 -10.37 -3.07
C GLN A 26 10.86 -9.21 -4.06
N GLN A 27 12.00 -8.55 -4.28
CA GLN A 27 12.08 -7.43 -5.20
C GLN A 27 11.39 -7.78 -6.52
N ALA A 28 11.80 -8.89 -7.12
CA ALA A 28 11.23 -9.33 -8.37
C ALA A 28 9.70 -9.42 -8.32
N THR A 29 9.19 -10.34 -7.51
CA THR A 29 7.75 -10.58 -7.36
C THR A 29 6.95 -9.30 -7.15
N ASP A 30 7.51 -8.36 -6.41
CA ASP A 30 6.79 -7.12 -6.17
C ASP A 30 6.90 -6.14 -7.32
N PHE A 31 7.96 -6.26 -8.10
CA PHE A 31 8.19 -5.39 -9.26
C PHE A 31 7.14 -5.69 -10.32
N ILE A 32 6.97 -6.97 -10.60
CA ILE A 32 6.02 -7.43 -11.59
C ILE A 32 4.59 -7.12 -11.14
N GLY A 33 4.31 -7.34 -9.85
CA GLY A 33 3.00 -7.06 -9.32
C GLY A 33 2.77 -5.56 -9.25
N SER A 34 3.85 -4.80 -9.22
CA SER A 34 3.77 -3.35 -9.17
C SER A 34 3.13 -2.87 -10.47
N LEU A 35 3.43 -3.59 -11.54
CA LEU A 35 2.93 -3.27 -12.87
C LEU A 35 1.41 -3.13 -12.88
N ARG A 36 0.71 -4.09 -12.27
CA ARG A 36 -0.75 -4.02 -12.22
C ARG A 36 -1.21 -2.82 -11.39
N SER A 37 -0.61 -2.65 -10.21
CA SER A 37 -0.97 -1.56 -9.32
C SER A 37 -0.69 -0.19 -9.94
N SER A 38 0.52 0.00 -10.44
CA SER A 38 0.95 1.26 -11.03
C SER A 38 0.05 1.81 -12.13
N SER A 39 0.08 3.13 -12.25
CA SER A 39 -0.68 3.81 -13.27
C SER A 39 0.16 3.73 -14.54
N THR A 40 1.47 3.67 -14.38
CA THR A 40 2.37 3.61 -15.52
C THR A 40 2.87 2.21 -15.87
N GLY A 41 2.91 1.35 -14.85
CA GLY A 41 3.41 -0.01 -15.03
C GLY A 41 3.17 -0.74 -16.35
N TRP A 42 1.94 -0.74 -16.81
CA TRP A 42 1.60 -1.44 -18.05
C TRP A 42 2.26 -0.96 -19.33
N LYS A 43 2.63 0.31 -19.39
CA LYS A 43 3.29 0.83 -20.57
C LYS A 43 4.50 -0.04 -20.90
N ILE A 44 5.18 -0.52 -19.86
CA ILE A 44 6.36 -1.35 -20.05
C ILE A 44 6.05 -2.73 -20.67
N CYS A 45 4.85 -3.25 -20.42
CA CYS A 45 4.44 -4.55 -20.96
C CYS A 45 3.89 -4.39 -22.36
N HIS A 46 3.36 -3.21 -22.63
CA HIS A 46 2.81 -2.89 -23.92
C HIS A 46 3.90 -3.01 -24.98
N GLU A 47 5.11 -2.61 -24.61
CA GLU A 47 6.25 -2.65 -25.51
C GLU A 47 6.83 -4.05 -25.67
N ILE A 48 6.76 -4.85 -24.62
CA ILE A 48 7.34 -6.19 -24.66
C ILE A 48 6.55 -7.27 -25.40
N PHE A 49 5.25 -7.36 -25.14
CA PHE A 49 4.41 -8.39 -25.74
C PHE A 49 4.51 -8.51 -27.26
N SER A 50 4.63 -7.37 -27.95
CA SER A 50 4.76 -7.41 -29.39
C SER A 50 6.19 -7.81 -29.78
N GLU A 51 7.19 -7.31 -29.05
CA GLU A 51 8.60 -7.60 -29.34
C GLU A 51 8.92 -9.09 -29.36
N LYS A 52 9.27 -9.64 -30.51
CA LYS A 52 9.57 -11.06 -30.56
C LYS A 52 11.05 -11.32 -30.76
N THR A 53 11.70 -10.43 -31.53
CA THR A 53 13.11 -10.54 -31.83
C THR A 53 13.99 -10.29 -30.62
N LYS A 54 13.47 -9.56 -29.64
CA LYS A 54 14.27 -9.24 -28.46
C LYS A 54 13.78 -9.73 -27.11
N TYR A 55 12.57 -10.30 -27.04
CA TYR A 55 12.08 -10.76 -25.74
C TYR A 55 11.73 -12.23 -25.57
N LYS A 56 11.78 -12.66 -24.32
CA LYS A 56 11.49 -14.04 -23.95
C LYS A 56 10.01 -14.30 -23.76
N PRO A 57 9.52 -15.41 -24.33
CA PRO A 57 8.11 -15.81 -24.24
C PRO A 57 7.66 -15.75 -22.79
N SER A 58 8.53 -16.22 -21.92
CA SER A 58 8.31 -16.22 -20.49
C SER A 58 7.95 -14.79 -20.04
N THR A 59 8.67 -13.80 -20.57
CA THR A 59 8.42 -12.40 -20.20
C THR A 59 7.14 -11.87 -20.81
N ARG A 60 7.02 -12.10 -22.13
CA ARG A 60 5.87 -11.66 -22.88
C ARG A 60 4.62 -12.18 -22.22
N LEU A 61 4.69 -13.41 -21.70
CA LEU A 61 3.53 -13.98 -21.04
C LEU A 61 3.10 -13.09 -19.90
N ILE A 62 3.97 -12.94 -18.90
CA ILE A 62 3.64 -12.12 -17.74
C ILE A 62 3.23 -10.70 -18.15
N CYS A 63 3.63 -10.25 -19.34
CA CYS A 63 3.25 -8.91 -19.78
C CYS A 63 1.84 -8.96 -20.38
N LEU A 64 1.59 -10.03 -21.13
CA LEU A 64 0.32 -10.27 -21.75
C LEU A 64 -0.76 -10.37 -20.67
N GLN A 65 -0.49 -11.23 -19.69
CA GLN A 65 -1.40 -11.44 -18.57
C GLN A 65 -1.68 -10.12 -17.86
N THR A 66 -0.61 -9.38 -17.58
CA THR A 66 -0.73 -8.09 -16.92
C THR A 66 -1.73 -7.29 -17.70
N LEU A 67 -1.34 -6.99 -18.92
CA LEU A 67 -2.14 -6.22 -19.86
C LEU A 67 -3.62 -6.62 -19.83
N SER A 68 -3.90 -7.93 -19.79
CA SER A 68 -5.28 -8.44 -19.75
C SER A 68 -6.00 -8.01 -18.48
N GLU A 69 -5.36 -8.18 -17.34
CA GLU A 69 -5.98 -7.77 -16.10
C GLU A 69 -6.25 -6.26 -16.14
N LYS A 70 -5.33 -5.53 -16.78
CA LYS A 70 -5.44 -4.07 -16.90
C LYS A 70 -6.60 -3.65 -17.79
N VAL A 71 -6.87 -4.45 -18.81
CA VAL A 71 -7.96 -4.19 -19.72
C VAL A 71 -9.31 -4.43 -19.03
N ARG A 72 -9.31 -5.22 -17.96
CA ARG A 72 -10.54 -5.52 -17.24
C ARG A 72 -11.15 -4.34 -16.53
N GLU A 73 -10.32 -3.57 -15.82
CA GLU A 73 -10.83 -2.46 -15.06
C GLU A 73 -10.96 -1.09 -15.72
N TRP A 74 -10.73 -0.98 -17.02
CA TRP A 74 -10.88 0.34 -17.62
C TRP A 74 -12.31 0.65 -18.08
N ASN A 75 -12.95 1.62 -17.42
CA ASN A 75 -14.31 1.99 -17.81
C ASN A 75 -14.28 2.45 -19.27
N ASN A 76 -15.25 1.99 -20.06
CA ASN A 76 -15.31 2.35 -21.47
C ASN A 76 -15.14 3.83 -21.69
N GLU A 77 -16.14 4.59 -21.24
CA GLU A 77 -16.17 6.03 -21.39
C GLU A 77 -14.94 6.79 -20.89
N SER A 78 -14.40 6.40 -19.74
CA SER A 78 -13.25 7.10 -19.17
C SER A 78 -11.88 6.67 -19.68
N ASN A 79 -11.80 5.56 -20.39
CA ASN A 79 -10.52 5.07 -20.89
C ASN A 79 -10.59 4.58 -22.32
N LEU A 80 -11.65 4.93 -23.04
CA LEU A 80 -11.79 4.46 -24.41
C LEU A 80 -10.55 4.77 -25.23
N LEU A 81 -9.66 5.60 -24.69
CA LEU A 81 -8.43 5.96 -25.39
C LEU A 81 -7.34 4.91 -25.21
N GLU A 82 -7.18 4.43 -23.98
CA GLU A 82 -6.19 3.41 -23.66
C GLU A 82 -6.64 2.04 -24.18
N LEU A 83 -7.90 1.70 -23.95
CA LEU A 83 -8.44 0.45 -24.43
C LEU A 83 -8.22 0.40 -25.94
N GLN A 84 -8.57 1.48 -26.64
CA GLN A 84 -8.38 1.56 -28.10
C GLN A 84 -6.91 1.43 -28.45
N MET A 85 -6.08 2.05 -27.63
CA MET A 85 -4.65 2.06 -27.83
C MET A 85 -4.03 0.69 -27.73
N ILE A 86 -4.46 -0.07 -26.72
CA ILE A 86 -3.93 -1.41 -26.53
C ILE A 86 -4.52 -2.36 -27.58
N ARG A 87 -5.70 -2.01 -28.13
CA ARG A 87 -6.31 -2.85 -29.16
C ARG A 87 -5.49 -2.79 -30.43
N ASP A 88 -5.41 -1.61 -31.04
CA ASP A 88 -4.65 -1.45 -32.27
C ASP A 88 -3.32 -2.18 -32.16
N SER A 89 -2.77 -2.22 -30.96
CA SER A 89 -1.50 -2.87 -30.72
C SER A 89 -1.61 -4.37 -30.82
N VAL A 90 -2.62 -4.92 -30.15
CA VAL A 90 -2.85 -6.35 -30.18
C VAL A 90 -3.24 -6.77 -31.58
N TRP A 91 -4.06 -5.95 -32.23
CA TRP A 91 -4.53 -6.22 -33.58
C TRP A 91 -3.39 -6.16 -34.62
N SER A 92 -2.52 -5.16 -34.52
CA SER A 92 -1.40 -5.08 -35.46
C SER A 92 -0.61 -6.36 -35.30
N TYR A 93 -0.46 -6.78 -34.05
CA TYR A 93 0.28 -8.00 -33.69
C TYR A 93 -0.36 -9.27 -34.23
N ILE A 94 -1.65 -9.39 -33.96
CA ILE A 94 -2.46 -10.52 -34.38
C ILE A 94 -2.45 -10.61 -35.91
N LYS A 95 -2.41 -9.45 -36.57
CA LYS A 95 -2.40 -9.34 -38.02
C LYS A 95 -1.17 -9.93 -38.67
N GLU A 96 -0.01 -9.70 -38.07
CA GLU A 96 1.24 -10.19 -38.62
C GLU A 96 1.27 -11.68 -38.82
N LEU A 97 0.86 -12.43 -37.79
CA LEU A 97 0.82 -13.88 -37.85
C LEU A 97 2.17 -14.56 -37.73
N SER A 98 3.19 -13.87 -37.21
CA SER A 98 4.50 -14.51 -37.18
C SER A 98 5.13 -14.82 -35.85
N PHE A 99 4.37 -14.65 -34.78
CA PHE A 99 4.93 -14.97 -33.50
C PHE A 99 3.90 -15.79 -32.77
N LEU A 100 2.71 -15.94 -33.32
CA LEU A 100 1.76 -16.73 -32.56
C LEU A 100 2.01 -18.23 -32.61
N ASP A 101 2.99 -18.63 -33.40
CA ASP A 101 3.32 -20.03 -33.46
C ASP A 101 4.54 -20.20 -32.53
N GLU A 102 4.47 -19.47 -31.40
CA GLU A 102 5.47 -19.50 -30.34
C GLU A 102 4.92 -20.65 -29.48
N PRO A 103 5.31 -20.73 -28.20
CA PRO A 103 4.79 -21.80 -27.36
C PRO A 103 3.29 -21.54 -27.14
N ALA A 104 2.55 -22.61 -26.84
CA ALA A 104 1.10 -22.56 -26.62
C ALA A 104 0.60 -21.45 -25.68
N TYR A 105 1.28 -21.23 -24.55
CA TYR A 105 0.82 -20.21 -23.64
C TYR A 105 0.85 -18.85 -24.29
N ILE A 106 1.74 -18.62 -25.24
CA ILE A 106 1.80 -17.30 -25.85
C ILE A 106 0.72 -17.05 -26.86
N SER A 107 0.06 -18.09 -27.32
CA SER A 107 -0.99 -17.88 -28.30
C SER A 107 -2.27 -17.87 -27.53
N ASN A 108 -2.32 -18.73 -26.52
CA ASN A 108 -3.51 -18.82 -25.71
C ASN A 108 -3.75 -17.55 -24.96
N ALA A 109 -2.69 -16.95 -24.43
CA ALA A 109 -2.84 -15.72 -23.64
C ALA A 109 -3.21 -14.54 -24.50
N VAL A 110 -2.84 -14.62 -25.77
CA VAL A 110 -3.16 -13.53 -26.70
C VAL A 110 -4.66 -13.53 -26.88
N GLN A 111 -5.18 -14.71 -27.19
CA GLN A 111 -6.60 -14.89 -27.38
C GLN A 111 -7.34 -14.24 -26.22
N HIS A 112 -6.88 -14.51 -25.00
CA HIS A 112 -7.50 -13.97 -23.80
C HIS A 112 -7.58 -12.46 -23.78
N LEU A 113 -6.46 -11.79 -24.05
CA LEU A 113 -6.47 -10.32 -24.06
C LEU A 113 -7.49 -9.82 -25.10
N LEU A 114 -7.35 -10.27 -26.34
CA LEU A 114 -8.24 -9.87 -27.42
C LEU A 114 -9.69 -9.93 -27.03
N THR A 115 -10.10 -11.04 -26.43
CA THR A 115 -11.49 -11.24 -26.01
C THR A 115 -11.93 -10.24 -24.94
N LEU A 116 -11.03 -9.92 -24.03
CA LEU A 116 -11.37 -8.95 -23.00
C LEU A 116 -11.55 -7.63 -23.74
N LEU A 117 -10.55 -7.25 -24.53
CA LEU A 117 -10.63 -6.02 -25.34
C LEU A 117 -12.00 -6.01 -25.98
N PHE A 118 -12.28 -7.05 -26.78
CA PHE A 118 -13.56 -7.23 -27.45
C PHE A 118 -14.69 -6.94 -26.49
N LEU A 119 -14.65 -7.55 -25.31
CA LEU A 119 -15.73 -7.35 -24.35
C LEU A 119 -15.97 -5.90 -23.90
N GLN A 120 -15.02 -5.01 -24.13
CA GLN A 120 -15.18 -3.62 -23.72
C GLN A 120 -15.42 -2.66 -24.87
N LEU A 121 -15.21 -3.14 -26.09
CA LEU A 121 -15.38 -2.28 -27.25
C LEU A 121 -16.34 -2.71 -28.33
N TYR A 122 -16.68 -4.00 -28.43
CA TYR A 122 -17.56 -4.48 -29.51
C TYR A 122 -18.93 -3.86 -29.79
N PRO A 123 -19.81 -3.88 -28.78
CA PRO A 123 -21.09 -3.28 -29.15
C PRO A 123 -21.05 -2.06 -30.09
N SER A 124 -20.26 -1.05 -29.76
CA SER A 124 -20.20 0.19 -30.55
C SER A 124 -18.83 0.61 -31.04
N ASN A 125 -17.84 0.62 -30.16
CA ASN A 125 -16.48 1.03 -30.51
C ASN A 125 -15.77 0.12 -31.49
N TRP A 126 -16.14 -1.15 -31.53
CA TRP A 126 -15.47 -2.09 -32.44
C TRP A 126 -16.46 -2.76 -33.39
N ASN A 127 -17.02 -1.98 -34.30
CA ASN A 127 -18.00 -2.47 -35.25
C ASN A 127 -17.58 -3.64 -36.12
N ASP A 128 -16.39 -3.57 -36.67
CA ASP A 128 -15.89 -4.61 -37.56
C ASP A 128 -15.17 -5.80 -36.91
N PHE A 129 -15.23 -5.96 -35.59
CA PHE A 129 -14.51 -7.06 -34.96
C PHE A 129 -14.60 -8.41 -35.70
N PHE A 130 -15.80 -8.84 -36.07
CA PHE A 130 -15.88 -10.13 -36.73
C PHE A 130 -15.58 -10.11 -38.20
N ALA A 131 -15.94 -9.03 -38.87
CA ALA A 131 -15.68 -8.96 -40.29
C ALA A 131 -14.18 -9.00 -40.53
N SER A 132 -13.50 -8.01 -39.97
CA SER A 132 -12.06 -7.88 -40.10
C SER A 132 -11.26 -9.07 -39.64
N LEU A 133 -11.54 -9.59 -38.45
CA LEU A 133 -10.79 -10.74 -37.91
C LEU A 133 -10.91 -11.94 -38.85
N GLN A 134 -12.13 -12.20 -39.26
CA GLN A 134 -12.43 -13.29 -40.15
C GLN A 134 -11.76 -13.04 -41.48
N GLY A 135 -11.84 -11.83 -42.00
CA GLY A 135 -11.21 -11.52 -43.27
C GLY A 135 -9.71 -11.84 -43.28
N VAL A 136 -9.11 -11.71 -42.11
CA VAL A 136 -7.68 -11.97 -41.95
C VAL A 136 -7.44 -13.47 -41.85
N ILE A 137 -8.20 -14.13 -40.99
CA ILE A 137 -8.05 -15.55 -40.84
C ILE A 137 -8.21 -16.25 -42.18
N ALA A 138 -9.15 -15.77 -42.99
CA ALA A 138 -9.37 -16.36 -44.30
C ALA A 138 -8.22 -16.01 -45.26
N ALA A 139 -7.78 -14.76 -45.22
CA ALA A 139 -6.69 -14.28 -46.08
C ALA A 139 -5.43 -15.14 -45.92
N SER A 140 -4.98 -15.34 -44.68
CA SER A 140 -3.81 -16.17 -44.40
C SER A 140 -4.38 -17.57 -44.27
N SER A 141 -4.47 -18.29 -45.38
CA SER A 141 -5.07 -19.63 -45.37
C SER A 141 -4.30 -20.79 -44.78
N GLN A 142 -4.45 -20.99 -43.48
CA GLN A 142 -3.81 -22.11 -42.83
C GLN A 142 -4.58 -22.45 -41.59
N SER A 143 -4.64 -23.76 -41.34
CA SER A 143 -5.34 -24.32 -40.22
C SER A 143 -4.89 -23.71 -38.92
N GLU A 144 -3.58 -23.73 -38.68
CA GLU A 144 -3.05 -23.18 -37.44
C GLU A 144 -3.78 -21.89 -37.17
N PHE A 145 -4.02 -21.10 -38.22
CA PHE A 145 -4.72 -19.85 -38.03
C PHE A 145 -6.22 -19.94 -37.80
N SER A 146 -6.86 -20.83 -38.53
CA SER A 146 -8.28 -21.06 -38.38
C SER A 146 -8.49 -21.49 -36.92
N ASN A 147 -7.67 -22.43 -36.46
CA ASN A 147 -7.78 -22.90 -35.10
C ASN A 147 -7.74 -21.69 -34.18
N PHE A 148 -6.74 -20.83 -34.34
CA PHE A 148 -6.64 -19.65 -33.48
C PHE A 148 -7.99 -18.93 -33.43
N TYR A 149 -8.55 -18.67 -34.60
CA TYR A 149 -9.83 -17.99 -34.68
C TYR A 149 -10.88 -18.79 -33.91
N LEU A 150 -11.05 -20.06 -34.27
CA LEU A 150 -12.01 -20.92 -33.60
C LEU A 150 -11.95 -20.82 -32.09
N LYS A 151 -10.74 -20.80 -31.53
CA LYS A 151 -10.59 -20.70 -30.08
C LYS A 151 -11.01 -19.34 -29.54
N VAL A 152 -10.94 -18.30 -30.35
CA VAL A 152 -11.33 -16.97 -29.88
C VAL A 152 -12.85 -16.98 -29.70
N LEU A 153 -13.53 -17.70 -30.58
CA LEU A 153 -14.97 -17.81 -30.53
C LEU A 153 -15.34 -18.58 -29.28
N LEU A 154 -14.58 -19.62 -28.96
CA LEU A 154 -14.85 -20.42 -27.76
C LEU A 154 -14.63 -19.58 -26.53
N SER A 155 -13.59 -18.75 -26.58
CA SER A 155 -13.22 -17.85 -25.48
C SER A 155 -14.37 -16.84 -25.25
N ILE A 156 -14.92 -16.27 -26.32
CA ILE A 156 -16.01 -15.31 -26.21
C ILE A 156 -17.21 -15.97 -25.53
N GLY A 157 -17.38 -17.26 -25.80
CA GLY A 157 -18.48 -18.01 -25.21
C GLY A 157 -18.18 -18.26 -23.75
N ASP A 158 -16.93 -18.63 -23.46
CA ASP A 158 -16.52 -18.87 -22.10
C ASP A 158 -16.95 -17.65 -21.29
N GLU A 159 -16.70 -16.45 -21.82
CA GLU A 159 -17.04 -15.20 -21.12
C GLU A 159 -18.49 -14.73 -21.18
N ILE A 160 -19.32 -15.37 -21.98
CA ILE A 160 -20.73 -14.97 -22.12
C ILE A 160 -21.73 -16.12 -22.01
N ALA A 161 -21.28 -17.35 -22.16
CA ALA A 161 -22.17 -18.49 -22.08
C ALA A 161 -21.92 -19.36 -20.86
N ASP A 162 -20.74 -19.29 -20.28
CA ASP A 162 -20.48 -20.14 -19.12
C ASP A 162 -21.29 -19.68 -17.92
N SER A 163 -22.19 -20.55 -17.48
CA SER A 163 -23.04 -20.28 -16.34
C SER A 163 -22.19 -20.40 -15.07
N LEU A 164 -21.19 -21.27 -15.17
CA LEU A 164 -20.27 -21.58 -14.09
C LEU A 164 -19.56 -20.47 -13.32
N VAL A 165 -19.11 -19.42 -14.00
CA VAL A 165 -18.41 -18.33 -13.31
C VAL A 165 -19.35 -17.47 -12.45
N LEU A 166 -18.75 -16.67 -11.56
CA LEU A 166 -19.51 -15.79 -10.67
C LEU A 166 -20.69 -15.15 -11.40
N LYS A 167 -21.89 -15.27 -10.85
CA LYS A 167 -23.07 -14.72 -11.48
C LYS A 167 -23.51 -13.36 -10.94
N THR A 168 -22.85 -12.30 -11.39
CA THR A 168 -23.18 -10.95 -10.94
C THR A 168 -24.38 -10.43 -11.74
N ASP A 169 -25.25 -9.64 -11.12
CA ASP A 169 -26.41 -9.11 -11.82
C ASP A 169 -25.98 -8.13 -12.90
N VAL A 170 -24.91 -7.40 -12.62
CA VAL A 170 -24.37 -6.45 -13.58
C VAL A 170 -23.69 -7.19 -14.72
N GLN A 171 -22.58 -7.86 -14.41
CA GLN A 171 -21.85 -8.59 -15.45
C GLN A 171 -22.84 -9.26 -16.39
N ILE A 172 -23.93 -9.76 -15.81
CA ILE A 172 -24.98 -10.42 -16.58
C ILE A 172 -25.71 -9.48 -17.55
N GLN A 173 -26.05 -8.29 -17.07
CA GLN A 173 -26.73 -7.31 -17.91
C GLN A 173 -25.74 -6.83 -18.96
N LYS A 174 -24.47 -6.81 -18.58
CA LYS A 174 -23.39 -6.37 -19.45
C LYS A 174 -23.07 -7.49 -20.42
N ASP A 175 -23.29 -8.72 -19.98
CA ASP A 175 -23.02 -9.87 -20.82
C ASP A 175 -24.15 -10.01 -21.83
N ASN A 176 -25.38 -9.82 -21.37
CA ASN A 176 -26.49 -9.96 -22.28
C ASN A 176 -26.43 -8.94 -23.40
N LEU A 177 -25.78 -7.81 -23.16
CA LEU A 177 -25.70 -6.85 -24.23
C LEU A 177 -24.80 -7.38 -25.35
N VAL A 178 -23.62 -7.86 -24.99
CA VAL A 178 -22.73 -8.39 -26.02
C VAL A 178 -23.39 -9.48 -26.81
N LYS A 179 -24.23 -10.28 -26.15
CA LYS A 179 -24.93 -11.37 -26.82
C LYS A 179 -25.85 -10.79 -27.90
N ASP A 180 -26.71 -9.85 -27.51
CA ASP A 180 -27.63 -9.23 -28.44
C ASP A 180 -26.89 -8.49 -29.56
N ALA A 181 -25.74 -7.90 -29.25
CA ALA A 181 -24.94 -7.19 -30.25
C ALA A 181 -24.46 -8.18 -31.30
N ILE A 182 -23.89 -9.28 -30.84
CA ILE A 182 -23.40 -10.34 -31.72
C ILE A 182 -24.57 -10.89 -32.48
N ARG A 183 -25.72 -10.96 -31.82
CA ARG A 183 -26.89 -11.48 -32.49
C ARG A 183 -27.39 -10.56 -33.59
N ALA A 184 -27.47 -9.28 -33.26
CA ALA A 184 -27.97 -8.29 -34.20
C ALA A 184 -26.99 -7.84 -35.26
N ASN A 185 -25.71 -8.19 -35.14
CA ASN A 185 -24.74 -7.75 -36.14
C ASN A 185 -24.03 -8.78 -36.97
N ASP A 186 -23.16 -9.59 -36.38
CA ASP A 186 -22.42 -10.56 -37.19
C ASP A 186 -22.64 -12.02 -36.87
N MET A 187 -23.80 -12.41 -36.37
CA MET A 187 -23.94 -13.82 -36.07
C MET A 187 -24.04 -14.65 -37.33
N SER A 188 -24.84 -14.19 -38.27
CA SER A 188 -25.03 -14.90 -39.52
C SER A 188 -23.71 -15.23 -40.19
N ASP A 189 -22.71 -14.35 -40.07
CA ASP A 189 -21.44 -14.58 -40.72
C ASP A 189 -20.46 -15.33 -39.86
N ILE A 190 -20.67 -15.28 -38.54
CA ILE A 190 -19.76 -16.00 -37.65
C ILE A 190 -20.00 -17.46 -37.92
N VAL A 191 -21.27 -17.83 -38.04
CA VAL A 191 -21.67 -19.21 -38.29
C VAL A 191 -21.33 -19.64 -39.71
N SER A 192 -21.51 -18.74 -40.66
CA SER A 192 -21.22 -19.03 -42.05
C SER A 192 -19.74 -19.34 -42.21
N PHE A 193 -18.92 -18.56 -41.49
CA PHE A 193 -17.47 -18.68 -41.51
C PHE A 193 -17.07 -20.04 -40.99
N VAL A 194 -17.57 -20.35 -39.80
CA VAL A 194 -17.33 -21.61 -39.15
C VAL A 194 -17.78 -22.75 -40.07
N TYR A 195 -18.98 -22.63 -40.64
CA TYR A 195 -19.48 -23.68 -41.53
C TYR A 195 -18.49 -24.04 -42.64
N GLU A 196 -18.15 -23.03 -43.42
CA GLU A 196 -17.23 -23.24 -44.51
C GLU A 196 -16.01 -23.99 -44.01
N MET A 197 -15.52 -23.63 -42.82
CA MET A 197 -14.34 -24.29 -42.27
C MET A 197 -14.62 -25.75 -42.00
N MET A 198 -15.78 -26.05 -41.40
CA MET A 198 -16.15 -27.43 -41.11
C MET A 198 -16.21 -28.20 -42.39
N LEU A 199 -16.87 -27.60 -43.36
CA LEU A 199 -16.99 -28.20 -44.67
C LEU A 199 -15.62 -28.41 -45.34
N ALA A 200 -14.80 -27.36 -45.34
CA ALA A 200 -13.49 -27.43 -45.96
C ALA A 200 -12.56 -28.41 -45.26
N TYR A 201 -12.13 -28.09 -44.04
CA TYR A 201 -11.23 -28.98 -43.35
C TYR A 201 -11.81 -30.38 -43.25
N SER A 202 -13.13 -30.49 -43.37
CA SER A 202 -13.78 -31.78 -43.31
C SER A 202 -13.39 -32.63 -44.51
N ASN A 203 -13.51 -32.08 -45.71
CA ASN A 203 -13.14 -32.82 -46.92
C ASN A 203 -11.65 -33.10 -46.92
N ALA A 204 -10.88 -32.20 -46.35
CA ALA A 204 -9.43 -32.36 -46.32
C ALA A 204 -8.96 -33.37 -45.30
N LYS A 205 -9.91 -33.94 -44.58
CA LYS A 205 -9.56 -34.92 -43.57
C LYS A 205 -8.70 -34.33 -42.46
N ASN A 206 -8.85 -33.02 -42.19
CA ASN A 206 -8.13 -32.31 -41.11
C ASN A 206 -9.05 -32.33 -39.88
N TYR A 207 -9.05 -33.46 -39.17
CA TYR A 207 -9.92 -33.62 -38.01
C TYR A 207 -9.62 -32.72 -36.84
N GLY A 208 -8.41 -32.21 -36.77
CA GLY A 208 -8.09 -31.32 -35.67
C GLY A 208 -9.01 -30.11 -35.66
N THR A 209 -9.00 -29.37 -36.75
CA THR A 209 -9.81 -28.19 -36.87
C THR A 209 -11.29 -28.51 -36.89
N VAL A 210 -11.70 -29.58 -37.58
CA VAL A 210 -13.13 -29.89 -37.62
C VAL A 210 -13.61 -30.09 -36.18
N GLY A 211 -12.75 -30.66 -35.35
CA GLY A 211 -13.12 -30.83 -33.96
C GLY A 211 -13.47 -29.47 -33.37
N LEU A 212 -12.50 -28.55 -33.39
CA LEU A 212 -12.67 -27.20 -32.88
C LEU A 212 -13.93 -26.55 -33.40
N CYS A 213 -14.26 -26.81 -34.66
CA CYS A 213 -15.47 -26.27 -35.25
C CYS A 213 -16.66 -26.85 -34.52
N LEU A 214 -16.71 -28.18 -34.44
CA LEU A 214 -17.81 -28.85 -33.77
C LEU A 214 -18.03 -28.36 -32.33
N GLN A 215 -16.97 -27.87 -31.70
CA GLN A 215 -17.08 -27.39 -30.33
C GLN A 215 -17.82 -26.08 -30.33
N VAL A 216 -17.30 -25.12 -31.09
CA VAL A 216 -17.91 -23.81 -31.24
C VAL A 216 -19.42 -24.01 -31.43
N TYR A 217 -19.80 -24.95 -32.31
CA TYR A 217 -21.22 -25.23 -32.56
C TYR A 217 -21.88 -25.72 -31.29
N ALA A 218 -21.23 -26.61 -30.55
CA ALA A 218 -21.78 -27.13 -29.30
C ALA A 218 -21.96 -25.98 -28.32
N GLN A 219 -20.87 -25.29 -28.03
CA GLN A 219 -20.91 -24.16 -27.11
C GLN A 219 -21.96 -23.11 -27.45
N TRP A 220 -21.93 -22.59 -28.68
CA TRP A 220 -22.86 -21.54 -29.11
C TRP A 220 -24.32 -21.90 -29.35
N VAL A 221 -24.62 -23.15 -29.68
CA VAL A 221 -26.00 -23.57 -29.90
C VAL A 221 -26.86 -23.15 -28.70
N SER A 222 -26.29 -23.22 -27.50
CA SER A 222 -27.02 -22.85 -26.31
C SER A 222 -27.69 -21.48 -26.44
N TRP A 223 -27.04 -20.53 -27.11
CA TRP A 223 -27.62 -19.19 -27.22
C TRP A 223 -27.60 -18.47 -28.58
N ILE A 224 -27.87 -19.17 -29.67
CA ILE A 224 -27.85 -18.49 -30.95
C ILE A 224 -29.01 -18.95 -31.82
N ASN A 225 -29.30 -18.23 -32.90
CA ASN A 225 -30.41 -18.64 -33.75
C ASN A 225 -30.24 -20.08 -34.17
N ILE A 226 -31.05 -20.97 -33.62
CA ILE A 226 -30.95 -22.39 -33.94
C ILE A 226 -30.97 -22.62 -35.41
N ASN A 227 -31.74 -21.79 -36.09
CA ASN A 227 -31.89 -21.89 -37.53
C ASN A 227 -30.57 -21.88 -38.27
N LEU A 228 -29.63 -21.03 -37.84
CA LEU A 228 -28.35 -20.99 -38.50
C LEU A 228 -27.73 -22.36 -38.38
N ILE A 229 -27.91 -23.00 -37.23
CA ILE A 229 -27.29 -24.30 -37.08
C ILE A 229 -28.03 -25.52 -37.63
N VAL A 230 -29.36 -25.50 -37.65
CA VAL A 230 -30.10 -26.65 -38.15
C VAL A 230 -30.60 -26.58 -39.61
N ASN A 231 -29.81 -26.00 -40.50
CA ASN A 231 -30.19 -25.93 -41.91
C ASN A 231 -29.88 -27.32 -42.52
N GLU A 232 -30.45 -27.61 -43.69
CA GLU A 232 -30.25 -28.90 -44.33
C GLU A 232 -28.78 -29.23 -44.60
N PRO A 233 -28.01 -28.32 -45.23
CA PRO A 233 -26.60 -28.58 -45.52
C PRO A 233 -25.66 -28.79 -44.34
N CYS A 234 -25.91 -28.09 -43.24
CA CYS A 234 -25.05 -28.23 -42.07
C CYS A 234 -25.37 -29.53 -41.35
N MET A 235 -26.65 -29.84 -41.22
CA MET A 235 -27.04 -31.07 -40.54
C MET A 235 -26.41 -32.23 -41.30
N ASN A 236 -26.64 -32.29 -42.61
CA ASN A 236 -26.10 -33.37 -43.41
C ASN A 236 -24.62 -33.59 -43.09
N LEU A 237 -23.91 -32.50 -42.93
CA LEU A 237 -22.50 -32.59 -42.62
C LEU A 237 -22.29 -33.25 -41.26
N LEU A 238 -23.20 -33.02 -40.32
CA LEU A 238 -23.07 -33.62 -39.00
C LEU A 238 -23.34 -35.13 -39.02
N TYR A 239 -24.54 -35.52 -39.44
CA TYR A 239 -24.90 -36.93 -39.49
C TYR A 239 -23.74 -37.70 -40.05
N SER A 240 -23.03 -37.08 -41.00
CA SER A 240 -21.90 -37.75 -41.62
C SER A 240 -20.82 -37.97 -40.58
N PHE A 241 -20.49 -36.92 -39.84
CA PHE A 241 -19.46 -37.02 -38.83
C PHE A 241 -19.78 -38.12 -37.83
N LEU A 242 -21.04 -38.51 -37.78
CA LEU A 242 -21.46 -39.55 -36.86
C LEU A 242 -20.92 -40.90 -37.24
N GLN A 243 -20.30 -40.99 -38.41
CA GLN A 243 -19.75 -42.26 -38.87
C GLN A 243 -18.25 -42.20 -39.16
N ILE A 244 -17.56 -41.27 -38.53
CA ILE A 244 -16.13 -41.09 -38.70
C ILE A 244 -15.47 -41.21 -37.35
N GLU A 245 -14.71 -42.29 -37.11
CA GLU A 245 -14.04 -42.50 -35.83
C GLU A 245 -13.52 -41.22 -35.21
N GLU A 246 -12.68 -40.51 -35.96
CA GLU A 246 -12.09 -39.27 -35.49
C GLU A 246 -13.10 -38.21 -35.02
N LEU A 247 -14.18 -38.03 -35.78
CA LEU A 247 -15.18 -37.00 -35.45
C LEU A 247 -16.48 -37.47 -34.78
N ARG A 248 -16.65 -38.78 -34.65
CA ARG A 248 -17.86 -39.37 -34.05
C ARG A 248 -18.35 -38.76 -32.75
N CYS A 249 -17.42 -38.58 -31.81
CA CYS A 249 -17.78 -38.05 -30.52
C CYS A 249 -18.10 -36.57 -30.53
N ALA A 250 -17.17 -35.73 -30.96
CA ALA A 250 -17.45 -34.29 -30.99
C ALA A 250 -18.83 -34.12 -31.58
N ALA A 251 -19.10 -34.89 -32.62
CA ALA A 251 -20.39 -34.83 -33.28
C ALA A 251 -21.56 -35.18 -32.35
N CYS A 252 -21.39 -36.19 -31.49
CA CYS A 252 -22.47 -36.54 -30.59
C CYS A 252 -22.62 -35.54 -29.47
N GLU A 253 -21.55 -34.79 -29.20
CA GLU A 253 -21.58 -33.82 -28.13
C GLU A 253 -22.27 -32.59 -28.61
N THR A 254 -22.04 -32.25 -29.86
CA THR A 254 -22.67 -31.07 -30.43
C THR A 254 -24.12 -31.47 -30.76
N MET A 255 -24.30 -32.72 -31.19
CA MET A 255 -25.64 -33.21 -31.51
C MET A 255 -26.52 -32.99 -30.28
N THR A 256 -25.95 -33.35 -29.15
CA THR A 256 -26.66 -33.21 -27.90
C THR A 256 -27.10 -31.77 -27.71
N GLU A 257 -26.11 -30.88 -27.64
CA GLU A 257 -26.35 -29.45 -27.45
C GLU A 257 -27.47 -28.91 -28.32
N ILE A 258 -27.56 -29.37 -29.56
CA ILE A 258 -28.63 -28.95 -30.45
C ILE A 258 -29.93 -29.42 -29.85
N VAL A 259 -29.91 -30.64 -29.31
CA VAL A 259 -31.08 -31.22 -28.69
C VAL A 259 -31.47 -30.58 -27.37
N ASN A 260 -30.52 -30.05 -26.62
CA ASN A 260 -30.82 -29.41 -25.35
C ASN A 260 -31.12 -27.92 -25.54
N LYS A 261 -30.79 -27.36 -26.71
CA LYS A 261 -31.10 -25.94 -26.91
C LYS A 261 -32.55 -25.78 -26.52
N LYS A 262 -32.75 -24.96 -25.52
CA LYS A 262 -34.05 -24.68 -24.97
C LYS A 262 -35.01 -23.89 -25.85
N MET A 263 -36.26 -24.34 -25.90
CA MET A 263 -37.30 -23.70 -26.71
C MET A 263 -38.71 -24.23 -26.40
N LYS A 264 -39.71 -23.68 -27.09
CA LYS A 264 -41.10 -24.07 -26.89
C LYS A 264 -41.30 -25.55 -27.24
N PRO A 265 -42.00 -26.28 -26.38
CA PRO A 265 -42.23 -27.72 -26.61
C PRO A 265 -42.59 -28.12 -28.03
N LEU A 266 -43.46 -27.36 -28.68
CA LEU A 266 -43.83 -27.71 -30.05
C LEU A 266 -42.61 -27.47 -30.98
N GLU A 267 -41.71 -26.59 -30.56
CA GLU A 267 -40.53 -26.27 -31.36
C GLU A 267 -39.48 -27.38 -31.32
N LYS A 268 -39.23 -27.98 -30.16
CA LYS A 268 -38.25 -29.06 -30.06
C LYS A 268 -38.69 -30.24 -30.87
N LEU A 269 -39.95 -30.60 -30.66
CA LEU A 269 -40.51 -31.76 -31.33
C LEU A 269 -40.06 -31.79 -32.79
N ASN A 270 -40.22 -30.69 -33.51
CA ASN A 270 -39.80 -30.64 -34.91
C ASN A 270 -38.31 -30.88 -34.98
N LEU A 271 -37.54 -29.98 -34.39
CA LEU A 271 -36.10 -30.11 -34.40
C LEU A 271 -35.74 -31.55 -34.13
N LEU A 272 -36.21 -32.02 -32.99
CA LEU A 272 -35.99 -33.36 -32.49
C LEU A 272 -36.38 -34.35 -33.54
N ASN A 273 -37.46 -34.07 -34.25
CA ASN A 273 -37.92 -34.95 -35.31
C ASN A 273 -36.94 -34.87 -36.49
N ILE A 274 -36.77 -33.66 -37.01
CA ILE A 274 -35.90 -33.38 -38.14
C ILE A 274 -34.50 -33.98 -38.06
N LEU A 275 -34.00 -34.23 -36.86
CA LEU A 275 -32.69 -34.80 -36.77
C LEU A 275 -32.68 -36.28 -37.13
N ASN A 276 -33.86 -36.89 -37.28
CA ASN A 276 -33.93 -38.30 -37.64
C ASN A 276 -32.75 -39.06 -37.06
N LEU A 277 -32.62 -38.98 -35.74
CA LEU A 277 -31.52 -39.62 -35.06
C LEU A 277 -31.66 -41.09 -34.76
N ASN A 278 -32.85 -41.66 -34.92
CA ASN A 278 -33.04 -43.07 -34.63
C ASN A 278 -32.20 -44.07 -35.40
N LEU A 279 -31.89 -43.76 -36.66
CA LEU A 279 -31.07 -44.66 -37.45
C LEU A 279 -29.69 -44.75 -36.83
N PHE A 280 -29.18 -43.63 -36.34
CA PHE A 280 -27.88 -43.59 -35.70
C PHE A 280 -27.96 -44.50 -34.47
N PHE A 281 -29.09 -44.41 -33.78
CA PHE A 281 -29.32 -45.21 -32.58
C PHE A 281 -29.41 -46.66 -32.94
N SER A 282 -30.11 -46.96 -34.03
CA SER A 282 -30.27 -48.33 -34.50
C SER A 282 -28.94 -49.05 -34.65
N LYS A 283 -27.94 -48.38 -35.23
CA LYS A 283 -26.64 -49.01 -35.41
C LYS A 283 -25.86 -49.05 -34.11
N SER A 284 -25.71 -47.89 -33.46
CA SER A 284 -24.99 -47.82 -32.20
C SER A 284 -25.43 -48.94 -31.24
N SER A 288 -20.58 -53.12 -31.10
CA SER A 288 -19.27 -52.56 -31.36
C SER A 288 -18.66 -52.16 -30.03
N THR A 289 -17.35 -52.32 -29.91
CA THR A 289 -16.72 -52.00 -28.64
C THR A 289 -15.84 -50.77 -28.47
N ASP A 290 -16.46 -49.59 -28.42
CA ASP A 290 -15.73 -48.37 -28.10
C ASP A 290 -16.68 -47.73 -27.10
N PRO A 291 -16.38 -47.88 -25.81
CA PRO A 291 -17.11 -47.39 -24.64
C PRO A 291 -17.22 -45.88 -24.53
N ASN A 292 -16.20 -45.18 -24.98
CA ASN A 292 -16.23 -43.72 -24.96
C ASN A 292 -17.40 -43.30 -25.84
N PHE A 293 -17.43 -43.83 -27.05
CA PHE A 293 -18.51 -43.54 -28.00
C PHE A 293 -19.87 -43.89 -27.40
N ASP A 294 -20.00 -45.12 -26.94
CA ASP A 294 -21.25 -45.55 -26.36
C ASP A 294 -21.68 -44.59 -25.27
N GLU A 295 -20.72 -44.02 -24.57
CA GLU A 295 -21.08 -43.10 -23.52
C GLU A 295 -21.61 -41.85 -24.16
N HIS A 296 -21.12 -41.55 -25.36
CA HIS A 296 -21.57 -40.35 -26.07
C HIS A 296 -22.97 -40.56 -26.60
N VAL A 297 -23.20 -41.73 -27.19
CA VAL A 297 -24.51 -42.07 -27.74
C VAL A 297 -25.52 -42.10 -26.60
N ALA A 298 -25.14 -42.76 -25.52
CA ALA A 298 -25.98 -42.82 -24.34
C ALA A 298 -26.38 -41.41 -23.97
N LYS A 299 -25.40 -40.55 -23.76
CA LYS A 299 -25.67 -39.16 -23.40
C LYS A 299 -26.62 -38.46 -24.39
N LEU A 300 -26.53 -38.85 -25.66
CA LEU A 300 -27.38 -38.27 -26.68
C LEU A 300 -28.76 -38.82 -26.53
N ILE A 301 -28.87 -40.13 -26.31
CA ILE A 301 -30.18 -40.75 -26.13
C ILE A 301 -30.83 -40.16 -24.91
N ASN A 302 -30.05 -40.11 -23.85
CA ASN A 302 -30.52 -39.56 -22.61
C ASN A 302 -31.01 -38.13 -22.85
N ALA A 303 -30.23 -37.36 -23.61
CA ALA A 303 -30.60 -35.98 -23.93
C ALA A 303 -31.96 -35.94 -24.64
N GLN A 304 -32.09 -36.75 -25.68
CA GLN A 304 -33.33 -36.80 -26.42
C GLN A 304 -34.44 -37.31 -25.49
N GLY A 305 -34.14 -38.32 -24.69
CA GLY A 305 -35.11 -38.88 -23.75
C GLY A 305 -35.67 -37.85 -22.78
N VAL A 306 -34.78 -37.17 -22.05
CA VAL A 306 -35.18 -36.15 -21.07
C VAL A 306 -36.05 -35.08 -21.71
N GLU A 307 -35.75 -34.75 -22.97
CA GLU A 307 -36.53 -33.73 -23.65
C GLU A 307 -37.95 -34.20 -23.82
N LEU A 308 -38.12 -35.26 -24.63
CA LEU A 308 -39.43 -35.84 -24.92
C LEU A 308 -40.31 -36.06 -23.69
N VAL A 309 -39.73 -36.42 -22.56
CA VAL A 309 -40.52 -36.65 -21.36
C VAL A 309 -41.05 -35.33 -20.82
N ALA A 310 -40.25 -34.27 -20.96
CA ALA A 310 -40.63 -32.95 -20.49
C ALA A 310 -41.64 -32.34 -21.43
N ILE A 311 -41.52 -32.67 -22.72
CA ILE A 311 -42.45 -32.17 -23.72
C ILE A 311 -43.82 -32.81 -23.52
N LYS A 312 -43.83 -34.09 -23.15
CA LYS A 312 -45.05 -34.88 -22.93
C LYS A 312 -45.73 -34.57 -21.62
N SER A 313 -45.11 -33.77 -20.76
CA SER A 313 -45.73 -33.47 -19.48
C SER A 313 -46.36 -32.07 -19.43
N ASP A 314 -45.99 -31.23 -20.38
CA ASP A 314 -46.52 -29.87 -20.41
C ASP A 314 -47.99 -29.91 -20.84
N PRO A 315 -48.89 -29.26 -20.06
CA PRO A 315 -50.30 -29.29 -20.48
C PRO A 315 -50.65 -28.14 -21.44
N SER A 316 -49.65 -27.33 -21.75
CA SER A 316 -49.79 -26.18 -22.64
C SER A 316 -50.59 -26.54 -23.89
N GLU A 317 -49.89 -27.04 -24.90
CA GLU A 317 -50.57 -27.40 -26.12
C GLU A 317 -51.15 -28.77 -25.93
N LEU A 318 -52.48 -28.81 -26.00
CA LEU A 318 -53.24 -30.01 -25.80
C LEU A 318 -53.38 -30.91 -27.01
N SER A 319 -52.87 -30.51 -28.16
CA SER A 319 -53.01 -31.38 -29.32
C SER A 319 -52.37 -32.72 -29.02
N PRO A 320 -53.11 -33.82 -29.24
CA PRO A 320 -52.56 -35.15 -29.00
C PRO A 320 -51.61 -35.42 -30.14
N GLU A 321 -51.76 -34.62 -31.20
CA GLU A 321 -50.86 -34.74 -32.34
C GLU A 321 -49.50 -34.66 -31.68
N LEU A 322 -49.31 -33.64 -30.85
CA LEU A 322 -48.04 -33.46 -30.12
C LEU A 322 -47.87 -34.64 -29.17
N LYS A 323 -48.89 -34.92 -28.39
CA LYS A 323 -48.83 -36.01 -27.42
C LYS A 323 -48.64 -37.39 -28.06
N GLU A 324 -49.11 -37.54 -29.29
CA GLU A 324 -49.01 -38.81 -29.99
C GLU A 324 -47.63 -39.05 -30.53
N ASN A 325 -47.12 -38.09 -31.28
CA ASN A 325 -45.80 -38.20 -31.86
C ASN A 325 -44.74 -38.13 -30.76
N CYS A 326 -45.03 -37.36 -29.73
CA CYS A 326 -44.12 -37.20 -28.61
C CYS A 326 -44.05 -38.49 -27.79
N SER A 327 -45.19 -39.05 -27.44
CA SER A 327 -45.25 -40.30 -26.67
C SER A 327 -44.87 -41.47 -27.58
N PHE A 328 -45.10 -41.34 -28.88
CA PHE A 328 -44.72 -42.40 -29.79
C PHE A 328 -43.19 -42.45 -29.82
N GLN A 329 -42.55 -41.29 -30.00
CA GLN A 329 -41.09 -41.21 -30.05
C GLN A 329 -40.44 -41.65 -28.73
N LEU A 330 -41.12 -41.42 -27.61
CA LEU A 330 -40.62 -41.80 -26.29
C LEU A 330 -40.57 -43.30 -26.11
N TYR A 331 -41.72 -43.96 -26.30
CA TYR A 331 -41.78 -45.42 -26.17
C TYR A 331 -40.78 -46.02 -27.14
N ASN A 332 -40.43 -45.26 -28.17
CA ASN A 332 -39.48 -45.73 -29.17
C ASN A 332 -38.07 -45.77 -28.60
N LEU A 333 -37.76 -44.82 -27.73
CA LEU A 333 -36.44 -44.74 -27.12
C LEU A 333 -36.15 -45.77 -26.03
N PHE A 334 -37.22 -46.37 -25.47
CA PHE A 334 -37.12 -47.37 -24.40
C PHE A 334 -36.09 -48.50 -24.58
N PRO A 335 -36.04 -49.12 -25.76
CA PRO A 335 -35.08 -50.20 -25.99
C PRO A 335 -33.67 -49.70 -25.66
N TYR A 336 -33.31 -48.58 -26.28
CA TYR A 336 -32.01 -47.96 -26.09
C TYR A 336 -31.76 -47.66 -24.62
N LEU A 337 -32.71 -46.97 -23.97
CA LEU A 337 -32.59 -46.63 -22.56
C LEU A 337 -32.20 -47.85 -21.72
N ILE A 338 -32.71 -49.02 -22.08
CA ILE A 338 -32.39 -50.25 -21.36
C ILE A 338 -31.03 -50.81 -21.79
N ARG A 339 -30.77 -50.80 -23.09
CA ARG A 339 -29.52 -51.34 -23.62
C ARG A 339 -28.30 -50.72 -22.94
N TYR A 340 -28.35 -49.40 -22.76
CA TYR A 340 -27.26 -48.67 -22.13
C TYR A 340 -27.33 -48.69 -20.63
N LEU A 341 -28.54 -48.75 -20.07
CA LEU A 341 -28.67 -48.76 -18.62
C LEU A 341 -28.00 -50.02 -18.11
N SER A 342 -27.98 -51.03 -18.97
CA SER A 342 -27.42 -52.33 -18.66
C SER A 342 -25.97 -52.51 -19.08
N ASP A 343 -25.41 -51.54 -19.80
CA ASP A 343 -24.04 -51.68 -20.26
C ASP A 343 -23.09 -51.99 -19.12
N ASP A 344 -22.24 -53.01 -19.29
CA ASP A 344 -21.29 -53.40 -18.26
C ASP A 344 -20.50 -52.19 -17.78
N TYR A 345 -20.08 -51.32 -18.71
CA TYR A 345 -19.34 -50.10 -18.37
C TYR A 345 -20.20 -49.16 -17.57
N ASP A 346 -19.76 -48.81 -16.36
CA ASP A 346 -20.56 -47.95 -15.49
C ASP A 346 -20.63 -46.48 -15.86
N GLU A 347 -19.71 -46.03 -16.70
CA GLU A 347 -19.73 -44.63 -17.11
C GLU A 347 -20.90 -44.47 -18.06
N THR A 348 -21.03 -45.43 -18.96
CA THR A 348 -22.08 -45.44 -19.96
C THR A 348 -23.52 -45.44 -19.42
N SER A 349 -23.84 -46.38 -18.54
CA SER A 349 -25.21 -46.50 -17.99
C SER A 349 -25.69 -45.25 -17.27
N THR A 350 -24.79 -44.69 -16.46
CA THR A 350 -25.10 -43.52 -15.68
C THR A 350 -25.41 -42.32 -16.53
N ALA A 351 -24.98 -42.37 -17.78
CA ALA A 351 -25.23 -41.24 -18.67
C ALA A 351 -26.67 -41.19 -19.07
N VAL A 352 -27.49 -42.00 -18.43
CA VAL A 352 -28.90 -42.05 -18.79
C VAL A 352 -29.78 -42.00 -17.55
N PHE A 353 -29.17 -41.93 -16.37
CA PHE A 353 -29.98 -41.90 -15.17
C PHE A 353 -31.02 -40.80 -15.25
N PRO A 354 -30.62 -39.56 -15.54
CA PRO A 354 -31.57 -38.45 -15.63
C PRO A 354 -32.80 -38.73 -16.51
N PHE A 355 -32.59 -39.38 -17.66
CA PHE A 355 -33.71 -39.73 -18.52
C PHE A 355 -34.54 -40.74 -17.74
N LEU A 356 -33.91 -41.75 -17.16
CA LEU A 356 -34.67 -42.73 -16.40
C LEU A 356 -35.39 -42.06 -15.25
N SER A 357 -34.68 -41.21 -14.55
CA SER A 357 -35.23 -40.48 -13.43
C SER A 357 -36.55 -39.84 -13.85
N ASP A 358 -36.50 -38.93 -14.82
CA ASP A 358 -37.69 -38.23 -15.26
C ASP A 358 -38.76 -39.13 -15.83
N LEU A 359 -38.38 -40.05 -16.69
CA LEU A 359 -39.33 -40.98 -17.28
C LEU A 359 -40.22 -41.64 -16.24
N LEU A 360 -39.59 -42.22 -15.22
CA LEU A 360 -40.30 -42.88 -14.14
C LEU A 360 -41.27 -41.95 -13.43
N VAL A 361 -40.80 -40.73 -13.15
CA VAL A 361 -41.66 -39.75 -12.50
C VAL A 361 -42.92 -39.54 -13.32
N SER A 362 -42.72 -39.25 -14.60
CA SER A 362 -43.80 -39.05 -15.53
C SER A 362 -44.69 -40.29 -15.50
N LEU A 363 -44.05 -41.45 -15.39
CA LEU A 363 -44.75 -42.72 -15.33
C LEU A 363 -45.61 -42.95 -14.12
N ARG A 364 -45.23 -42.47 -12.95
CA ARG A 364 -46.13 -42.70 -11.85
C ARG A 364 -47.13 -41.56 -11.74
N LYS A 365 -46.94 -40.53 -12.55
CA LYS A 365 -47.88 -39.43 -12.53
C LYS A 365 -49.03 -39.92 -13.40
N GLU A 366 -48.70 -40.78 -14.35
CA GLU A 366 -49.69 -41.31 -15.25
C GLU A 366 -50.39 -42.53 -14.69
N SER A 367 -49.80 -43.18 -13.68
CA SER A 367 -50.44 -44.36 -13.09
C SER A 367 -51.29 -43.96 -11.91
N SER A 368 -51.19 -42.69 -11.53
CA SER A 368 -51.98 -42.18 -10.43
C SER A 368 -53.39 -42.04 -10.96
N SER A 369 -53.53 -41.99 -12.29
CA SER A 369 -54.82 -41.85 -12.95
C SER A 369 -55.45 -43.18 -13.38
N LYS A 370 -54.66 -44.00 -14.08
CA LYS A 370 -55.14 -45.31 -14.57
C LYS A 370 -54.03 -46.36 -14.36
N GLU A 371 -54.39 -47.63 -14.45
CA GLU A 371 -53.39 -48.69 -14.25
C GLU A 371 -52.45 -48.76 -15.47
N LEU A 372 -51.19 -49.10 -15.23
CA LEU A 372 -50.23 -49.19 -16.32
C LEU A 372 -50.61 -50.26 -17.34
N SER A 373 -50.16 -50.07 -18.57
CA SER A 373 -50.46 -51.01 -19.65
C SER A 373 -49.62 -52.28 -19.53
N ALA A 374 -50.18 -53.39 -19.97
CA ALA A 374 -49.45 -54.65 -19.95
C ALA A 374 -48.09 -54.30 -20.53
N SER A 375 -48.15 -53.50 -21.61
CA SER A 375 -46.98 -53.02 -22.34
C SER A 375 -45.94 -52.38 -21.42
N LEU A 376 -46.38 -51.50 -20.51
CA LEU A 376 -45.45 -50.84 -19.60
C LEU A 376 -45.00 -51.74 -18.46
N LYS A 377 -45.92 -52.52 -17.90
CA LYS A 377 -45.57 -53.40 -16.81
C LYS A 377 -44.34 -54.24 -17.16
N GLU A 378 -44.19 -54.53 -18.45
CA GLU A 378 -43.05 -55.29 -18.90
C GLU A 378 -41.85 -54.37 -18.87
N PHE A 379 -42.04 -53.15 -19.37
CA PHE A 379 -40.95 -52.19 -19.40
C PHE A 379 -40.33 -52.08 -18.02
N LEU A 380 -41.15 -51.73 -17.02
CA LEU A 380 -40.64 -51.60 -15.66
C LEU A 380 -39.93 -52.88 -15.28
N LYS A 381 -40.56 -54.02 -15.59
CA LYS A 381 -39.99 -55.31 -15.27
C LYS A 381 -38.63 -55.44 -15.92
N SER A 382 -38.53 -54.95 -17.15
CA SER A 382 -37.28 -55.01 -17.89
C SER A 382 -36.31 -53.97 -17.34
N LEU A 383 -36.83 -52.93 -16.73
CA LEU A 383 -35.96 -51.90 -16.17
C LEU A 383 -35.31 -52.49 -14.95
N LEU A 384 -36.10 -53.21 -14.14
CA LEU A 384 -35.61 -53.84 -12.92
C LEU A 384 -34.58 -54.88 -13.27
N GLU A 385 -34.82 -55.59 -14.36
CA GLU A 385 -33.88 -56.60 -14.81
C GLU A 385 -32.50 -55.96 -14.98
N ALA A 386 -32.48 -54.75 -15.54
CA ALA A 386 -31.24 -54.02 -15.77
C ALA A 386 -30.65 -53.56 -14.45
N ILE A 387 -31.44 -52.76 -13.74
CA ILE A 387 -31.04 -52.23 -12.45
C ILE A 387 -30.46 -53.28 -11.53
N ILE A 388 -31.00 -54.50 -11.61
CA ILE A 388 -30.55 -55.61 -10.78
C ILE A 388 -29.17 -56.02 -11.23
N LYS A 389 -28.93 -55.91 -12.52
CA LYS A 389 -27.63 -56.29 -13.06
C LYS A 389 -26.54 -55.34 -12.61
N LYS A 390 -26.88 -54.06 -12.49
CA LYS A 390 -25.91 -53.05 -12.11
C LYS A 390 -25.64 -53.09 -10.64
N MET A 391 -26.58 -53.65 -9.92
CA MET A 391 -26.50 -53.71 -8.47
C MET A 391 -25.50 -54.73 -7.95
N LYS A 392 -25.26 -55.81 -8.70
CA LYS A 392 -24.37 -56.89 -8.29
C LYS A 392 -22.89 -56.61 -8.45
N TYR A 393 -22.08 -57.27 -7.64
CA TYR A 393 -20.64 -57.13 -7.75
C TYR A 393 -20.26 -57.80 -9.04
N ASP A 394 -19.15 -57.37 -9.60
CA ASP A 394 -18.68 -57.96 -10.82
C ASP A 394 -18.19 -59.37 -10.44
N GLU A 395 -18.74 -60.40 -11.09
CA GLU A 395 -18.34 -61.79 -10.81
C GLU A 395 -16.99 -62.18 -11.42
N SER A 396 -16.14 -61.19 -11.68
CA SER A 396 -14.81 -61.44 -12.24
C SER A 396 -13.76 -60.94 -11.25
N GLN A 397 -13.77 -59.64 -10.96
CA GLN A 397 -12.77 -59.08 -10.05
C GLN A 397 -13.12 -59.36 -8.57
N GLU A 398 -12.26 -60.10 -7.88
CA GLU A 398 -12.49 -60.40 -6.48
C GLU A 398 -12.57 -59.15 -5.63
N TRP A 399 -13.40 -59.21 -4.58
CA TRP A 399 -13.59 -58.09 -3.69
C TRP A 399 -12.29 -57.50 -3.19
N ASP A 400 -12.25 -56.19 -2.99
CA ASP A 400 -11.05 -55.60 -2.47
C ASP A 400 -11.22 -55.43 -0.97
N ASP A 401 -10.17 -55.76 -0.24
CA ASP A 401 -10.16 -55.68 1.21
C ASP A 401 -9.61 -54.30 1.55
N ASP A 402 -9.63 -53.44 0.54
CA ASP A 402 -9.13 -52.07 0.68
C ASP A 402 -10.28 -51.11 0.91
N PRO A 403 -10.34 -50.51 2.11
CA PRO A 403 -11.42 -49.56 2.40
C PRO A 403 -11.19 -48.21 1.72
N ASP A 404 -10.08 -48.09 1.01
CA ASP A 404 -9.75 -46.84 0.33
C ASP A 404 -9.79 -46.97 -1.17
N SER A 405 -10.18 -48.14 -1.68
CA SER A 405 -10.24 -48.35 -3.12
C SER A 405 -11.33 -47.47 -3.71
N GLU A 406 -10.92 -46.51 -4.54
CA GLU A 406 -11.86 -45.59 -5.15
C GLU A 406 -12.94 -46.38 -5.84
N GLU A 407 -12.61 -47.57 -6.31
CA GLU A 407 -13.60 -48.40 -6.98
C GLU A 407 -14.80 -48.70 -6.08
N GLU A 408 -14.55 -49.21 -4.87
CA GLU A 408 -15.62 -49.52 -3.94
C GLU A 408 -16.42 -48.28 -3.58
N ALA A 409 -15.78 -47.13 -3.60
CA ALA A 409 -16.47 -45.90 -3.28
C ALA A 409 -17.37 -45.45 -4.43
N GLU A 410 -16.96 -45.72 -5.66
CA GLU A 410 -17.75 -45.35 -6.81
C GLU A 410 -18.91 -46.31 -6.98
N PHE A 411 -18.69 -47.54 -6.54
CA PHE A 411 -19.73 -48.53 -6.64
C PHE A 411 -20.84 -48.14 -5.67
N GLN A 412 -20.48 -47.96 -4.39
CA GLN A 412 -21.48 -47.61 -3.41
C GLN A 412 -22.33 -46.44 -3.84
N GLU A 413 -21.74 -45.55 -4.63
CA GLU A 413 -22.47 -44.36 -5.11
C GLU A 413 -23.57 -44.75 -6.09
N MET A 414 -23.25 -45.70 -6.96
CA MET A 414 -24.20 -46.13 -7.94
C MET A 414 -25.32 -46.93 -7.31
N ARG A 415 -25.01 -47.64 -6.24
CA ARG A 415 -26.00 -48.43 -5.54
C ARG A 415 -26.99 -47.51 -4.87
N LYS A 416 -26.48 -46.37 -4.40
CA LYS A 416 -27.29 -45.36 -3.73
C LYS A 416 -28.34 -44.74 -4.65
N LYS A 417 -28.03 -44.74 -5.94
CA LYS A 417 -28.91 -44.21 -6.98
C LYS A 417 -29.78 -45.34 -7.45
N LEU A 418 -29.15 -46.45 -7.84
CA LEU A 418 -29.87 -47.62 -8.32
C LEU A 418 -30.98 -48.00 -7.37
N LYS A 419 -30.92 -47.53 -6.12
CA LYS A 419 -31.96 -47.85 -5.14
C LYS A 419 -33.17 -46.94 -5.28
N ILE A 420 -32.91 -45.68 -5.59
CA ILE A 420 -34.01 -44.76 -5.70
C ILE A 420 -34.80 -45.08 -6.97
N PHE A 421 -34.16 -45.75 -7.92
CA PHE A 421 -34.86 -46.11 -9.13
C PHE A 421 -35.82 -47.24 -8.78
N GLN A 422 -35.37 -48.12 -7.90
CA GLN A 422 -36.18 -49.26 -7.47
C GLN A 422 -37.33 -48.74 -6.61
N ASP A 423 -37.03 -47.76 -5.76
CA ASP A 423 -38.05 -47.18 -4.89
C ASP A 423 -39.17 -46.41 -5.64
N THR A 424 -38.81 -45.82 -6.78
CA THR A 424 -39.74 -45.07 -7.60
C THR A 424 -40.59 -46.05 -8.37
N ILE A 425 -39.94 -47.11 -8.87
CA ILE A 425 -40.63 -48.15 -9.61
C ILE A 425 -41.64 -48.72 -8.66
N ASN A 426 -41.19 -48.95 -7.44
CA ASN A 426 -42.08 -49.47 -6.43
C ASN A 426 -43.31 -48.58 -6.40
N SER A 427 -43.09 -47.27 -6.37
CA SER A 427 -44.19 -46.31 -6.32
C SER A 427 -45.20 -46.53 -7.42
N ILE A 428 -44.71 -46.77 -8.63
CA ILE A 428 -45.60 -46.97 -9.75
C ILE A 428 -46.40 -48.26 -9.63
N ASP A 429 -45.81 -49.25 -8.95
CA ASP A 429 -46.49 -50.53 -8.81
C ASP A 429 -45.80 -51.35 -7.72
N SER A 430 -46.20 -51.17 -6.47
CA SER A 430 -45.52 -51.90 -5.40
C SER A 430 -45.62 -53.41 -5.46
N SER A 431 -46.67 -53.93 -6.09
CA SER A 431 -46.82 -55.37 -6.19
C SER A 431 -45.94 -55.95 -7.29
N LEU A 432 -45.71 -55.16 -8.32
CA LEU A 432 -44.87 -55.58 -9.43
C LEU A 432 -43.45 -55.66 -8.93
N PHE A 433 -43.06 -54.62 -8.22
CA PHE A 433 -41.72 -54.55 -7.66
C PHE A 433 -41.53 -55.69 -6.66
N SER A 434 -42.42 -55.75 -5.66
CA SER A 434 -42.38 -56.75 -4.61
C SER A 434 -42.08 -58.17 -5.10
N SER A 435 -43.01 -58.71 -5.88
CA SER A 435 -42.89 -60.04 -6.44
C SER A 435 -41.56 -60.17 -7.13
N TYR A 436 -41.32 -59.29 -8.10
CA TYR A 436 -40.08 -59.29 -8.86
C TYR A 436 -38.81 -59.35 -8.00
N MET A 437 -38.83 -58.67 -6.86
CA MET A 437 -37.67 -58.65 -5.99
C MET A 437 -37.59 -59.96 -5.24
N TYR A 438 -38.72 -60.43 -4.73
CA TYR A 438 -38.71 -61.70 -4.02
C TYR A 438 -38.08 -62.80 -4.88
N SER A 439 -38.50 -62.90 -6.14
CA SER A 439 -37.98 -63.91 -7.04
C SER A 439 -36.52 -63.64 -7.40
N ALA A 440 -36.10 -62.38 -7.32
CA ALA A 440 -34.71 -62.01 -7.62
C ALA A 440 -33.81 -62.43 -6.46
N ILE A 441 -34.28 -62.21 -5.23
CA ILE A 441 -33.53 -62.58 -4.04
C ILE A 441 -33.54 -64.10 -3.88
N THR A 442 -34.71 -64.70 -4.06
CA THR A 442 -34.84 -66.15 -3.97
C THR A 442 -33.99 -66.76 -5.06
N SER A 443 -34.21 -66.31 -6.29
CA SER A 443 -33.46 -66.81 -7.43
C SER A 443 -31.98 -66.77 -7.15
N SER A 444 -31.49 -65.58 -6.80
CA SER A 444 -30.07 -65.40 -6.55
C SER A 444 -29.47 -66.33 -5.50
N LEU A 445 -30.22 -66.57 -4.43
CA LEU A 445 -29.77 -67.45 -3.37
C LEU A 445 -29.74 -68.91 -3.86
N SER A 446 -30.76 -69.31 -4.62
CA SER A 446 -30.82 -70.66 -5.18
C SER A 446 -29.53 -70.90 -5.94
N THR A 447 -29.27 -70.08 -6.96
CA THR A 447 -28.07 -70.18 -7.78
C THR A 447 -26.79 -70.18 -6.95
N ALA A 448 -26.74 -69.39 -5.89
CA ALA A 448 -25.55 -69.34 -5.07
C ALA A 448 -25.19 -70.73 -4.55
N ALA A 449 -26.18 -71.51 -4.13
CA ALA A 449 -25.95 -72.85 -3.59
C ALA A 449 -25.28 -73.81 -4.59
N THR A 450 -25.37 -73.50 -5.87
CA THR A 450 -24.80 -74.36 -6.89
C THR A 450 -23.37 -73.97 -7.19
N LEU A 451 -22.79 -73.10 -6.39
CA LEU A 451 -21.43 -72.67 -6.66
C LEU A 451 -20.41 -72.89 -5.56
N SER A 452 -19.13 -72.98 -5.94
CA SER A 452 -18.08 -73.17 -4.96
C SER A 452 -18.10 -71.92 -4.09
N PRO A 453 -18.06 -72.11 -2.77
CA PRO A 453 -18.09 -70.94 -1.89
C PRO A 453 -17.22 -69.78 -2.37
N GLU A 454 -16.03 -70.12 -2.83
CA GLU A 454 -15.08 -69.13 -3.32
C GLU A 454 -15.66 -68.17 -4.35
N ASN A 455 -16.57 -68.67 -5.18
CA ASN A 455 -17.13 -67.81 -6.20
C ASN A 455 -18.67 -67.79 -6.22
N SER A 456 -19.26 -67.56 -5.06
CA SER A 456 -20.71 -67.48 -4.98
C SER A 456 -21.10 -66.20 -4.20
N TRP A 457 -20.14 -65.64 -3.48
CA TRP A 457 -20.39 -64.45 -2.66
C TRP A 457 -21.12 -63.30 -3.35
N GLN A 458 -20.64 -62.89 -4.53
CA GLN A 458 -21.29 -61.79 -5.27
C GLN A 458 -22.80 -61.97 -5.27
N LEU A 459 -23.25 -63.17 -5.66
CA LEU A 459 -24.66 -63.48 -5.72
C LEU A 459 -25.38 -63.41 -4.37
N ILE A 460 -24.70 -63.81 -3.30
CA ILE A 460 -25.30 -63.77 -1.98
C ILE A 460 -25.31 -62.36 -1.45
N GLU A 461 -24.19 -61.66 -1.62
CA GLU A 461 -24.04 -60.27 -1.17
C GLU A 461 -25.17 -59.43 -1.79
N PHE A 462 -25.49 -59.70 -3.05
CA PHE A 462 -26.55 -58.99 -3.72
C PHE A 462 -27.88 -59.34 -3.07
N ALA A 463 -28.06 -60.62 -2.75
CA ALA A 463 -29.31 -61.09 -2.14
C ALA A 463 -29.58 -60.44 -0.79
N LEU A 464 -28.56 -60.41 0.05
CA LEU A 464 -28.68 -59.81 1.35
C LEU A 464 -28.68 -58.30 1.26
N TYR A 465 -28.21 -57.77 0.14
CA TYR A 465 -28.19 -56.32 -0.01
C TYR A 465 -29.65 -55.89 -0.20
N GLU A 466 -30.26 -56.35 -1.30
CA GLU A 466 -31.65 -56.03 -1.59
C GLU A 466 -32.49 -56.25 -0.36
N THR A 467 -32.27 -57.37 0.33
CA THR A 467 -32.99 -57.71 1.53
C THR A 467 -32.78 -56.59 2.54
N TYR A 468 -31.53 -56.27 2.80
CA TYR A 468 -31.21 -55.23 3.75
C TYR A 468 -32.00 -53.94 3.52
N ILE A 469 -32.18 -53.60 2.24
CA ILE A 469 -32.89 -52.40 1.85
C ILE A 469 -34.38 -52.58 1.59
N PHE A 470 -34.78 -53.76 1.11
CA PHE A 470 -36.17 -53.99 0.76
C PHE A 470 -37.20 -53.28 1.64
N GLY A 471 -36.98 -53.30 2.96
CA GLY A 471 -37.92 -52.67 3.86
C GLY A 471 -37.34 -51.61 4.76
N GLU A 472 -36.60 -50.68 4.18
CA GLU A 472 -35.96 -49.57 4.89
C GLU A 472 -37.04 -48.52 5.16
N GLY A 473 -37.27 -48.18 6.42
CA GLY A 473 -38.29 -47.18 6.74
C GLY A 473 -39.63 -47.81 7.01
N LEU A 474 -39.90 -48.96 6.38
CA LEU A 474 -41.14 -49.67 6.59
C LEU A 474 -40.89 -50.43 7.87
N ARG A 475 -41.13 -49.79 9.01
CA ARG A 475 -40.89 -50.44 10.28
C ARG A 475 -42.10 -50.68 11.18
N GLY A 476 -43.29 -50.43 10.67
CA GLY A 476 -44.47 -50.68 11.49
C GLY A 476 -44.84 -52.15 11.35
N PRO A 477 -45.63 -52.73 12.27
CA PRO A 477 -45.99 -54.14 12.14
C PRO A 477 -46.67 -54.44 10.80
N ASP A 478 -46.87 -53.41 9.99
CA ASP A 478 -47.52 -53.52 8.69
C ASP A 478 -46.54 -53.88 7.56
N ALA A 479 -45.26 -53.88 7.90
CA ALA A 479 -44.19 -54.20 6.98
C ALA A 479 -44.11 -55.71 6.90
N PHE A 480 -44.49 -56.33 8.02
CA PHE A 480 -44.47 -57.76 8.17
C PHE A 480 -45.76 -58.46 7.85
N PHE A 481 -46.86 -57.93 8.36
CA PHE A 481 -48.15 -58.57 8.15
C PHE A 481 -49.21 -57.62 7.63
N ASN A 482 -50.04 -58.14 6.72
CA ASN A 482 -51.15 -57.40 6.10
C ASN A 482 -52.10 -56.87 7.16
N GLU A 483 -52.35 -55.56 7.13
CA GLU A 483 -53.23 -54.93 8.10
C GLU A 483 -54.66 -55.45 8.17
N VAL A 484 -55.03 -56.35 7.25
CA VAL A 484 -56.39 -56.89 7.23
C VAL A 484 -56.49 -58.43 7.28
N ASP A 485 -55.72 -59.10 6.45
CA ASP A 485 -55.71 -60.56 6.37
C ASP A 485 -54.73 -61.07 7.43
N LYS A 486 -53.83 -60.20 7.84
CA LYS A 486 -52.81 -60.53 8.82
C LYS A 486 -51.85 -61.51 8.17
N SER A 487 -51.94 -61.61 6.84
CA SER A 487 -51.05 -62.49 6.08
C SER A 487 -49.63 -61.92 5.95
N PRO A 488 -48.63 -62.78 5.74
CA PRO A 488 -47.27 -62.26 5.62
C PRO A 488 -47.07 -61.29 4.46
N THR A 489 -46.07 -60.42 4.62
CA THR A 489 -45.70 -59.42 3.63
C THR A 489 -44.48 -59.91 2.90
N VAL A 490 -44.33 -59.51 1.64
CA VAL A 490 -43.16 -59.92 0.89
C VAL A 490 -41.88 -59.63 1.71
N LEU A 491 -41.96 -58.70 2.66
CA LEU A 491 -40.80 -58.43 3.48
C LEU A 491 -40.67 -59.65 4.35
N SER A 492 -41.72 -59.95 5.11
CA SER A 492 -41.74 -61.10 5.99
C SER A 492 -41.25 -62.36 5.30
N GLN A 493 -41.66 -62.53 4.04
CA GLN A 493 -41.21 -63.70 3.29
C GLN A 493 -39.75 -63.65 2.87
N ILE A 494 -39.25 -62.48 2.51
CA ILE A 494 -37.86 -62.36 2.11
C ILE A 494 -37.01 -62.61 3.35
N LEU A 495 -37.31 -61.91 4.43
CA LEU A 495 -36.57 -62.06 5.68
C LEU A 495 -36.54 -63.50 6.14
N ALA A 496 -37.72 -64.12 6.14
CA ALA A 496 -37.82 -65.51 6.56
C ALA A 496 -36.81 -66.36 5.79
N LEU A 497 -36.93 -66.34 4.47
CA LEU A 497 -36.04 -67.08 3.59
C LEU A 497 -34.59 -66.97 4.04
N VAL A 498 -34.13 -65.73 4.16
CA VAL A 498 -32.77 -65.43 4.55
C VAL A 498 -32.35 -66.00 5.91
N THR A 499 -33.16 -65.79 6.93
CA THR A 499 -32.82 -66.30 8.25
C THR A 499 -32.70 -67.82 8.22
N THR A 500 -33.50 -68.46 7.38
CA THR A 500 -33.56 -69.91 7.22
C THR A 500 -32.52 -70.40 6.21
N SER A 501 -31.99 -69.51 5.40
CA SER A 501 -30.99 -69.90 4.41
C SER A 501 -29.65 -70.15 5.08
N GLN A 502 -28.79 -70.91 4.44
CA GLN A 502 -27.48 -71.20 4.99
C GLN A 502 -26.64 -69.94 5.08
N VAL A 503 -26.91 -68.97 4.22
CA VAL A 503 -26.19 -67.69 4.23
C VAL A 503 -25.27 -67.48 5.47
N CYS A 504 -25.84 -67.59 6.67
CA CYS A 504 -25.09 -67.38 7.92
C CYS A 504 -23.80 -68.19 8.07
N ARG A 505 -23.63 -69.22 7.24
CA ARG A 505 -22.44 -70.08 7.30
C ARG A 505 -21.41 -69.73 6.24
N HIS A 506 -21.68 -68.70 5.45
CA HIS A 506 -20.76 -68.30 4.41
C HIS A 506 -19.61 -67.55 5.01
N PRO A 507 -18.39 -67.82 4.53
CA PRO A 507 -17.17 -67.18 5.02
C PRO A 507 -16.94 -65.69 4.72
N HIS A 508 -17.26 -65.27 3.49
CA HIS A 508 -17.05 -63.88 3.05
C HIS A 508 -17.61 -62.78 3.95
N PRO A 509 -16.77 -61.78 4.26
CA PRO A 509 -17.02 -60.60 5.09
C PRO A 509 -18.30 -59.85 4.75
N LEU A 510 -18.35 -59.32 3.54
CA LEU A 510 -19.51 -58.58 3.08
C LEU A 510 -20.77 -59.35 3.39
N VAL A 511 -20.70 -60.67 3.25
CA VAL A 511 -21.86 -61.53 3.52
C VAL A 511 -22.20 -61.61 4.99
N GLN A 512 -21.20 -61.88 5.83
CA GLN A 512 -21.44 -62.01 7.26
C GLN A 512 -21.90 -60.70 7.87
N LEU A 513 -21.27 -59.60 7.50
CA LEU A 513 -21.65 -58.30 8.03
C LEU A 513 -23.10 -58.03 7.66
N LEU A 514 -23.35 -57.98 6.36
CA LEU A 514 -24.67 -57.72 5.85
C LEU A 514 -25.73 -58.60 6.52
N TYR A 515 -25.34 -59.79 6.97
CA TYR A 515 -26.30 -60.68 7.63
C TYR A 515 -26.70 -60.11 8.98
N MET A 516 -25.69 -59.74 9.75
CA MET A 516 -25.89 -59.19 11.08
C MET A 516 -26.63 -57.88 10.97
N GLU A 517 -26.30 -57.10 9.93
CA GLU A 517 -26.97 -55.83 9.70
C GLU A 517 -28.46 -56.10 9.50
N ILE A 518 -28.76 -57.13 8.71
CA ILE A 518 -30.15 -57.49 8.44
C ILE A 518 -30.86 -57.90 9.72
N LEU A 519 -30.14 -58.66 10.56
CA LEU A 519 -30.69 -59.15 11.84
C LEU A 519 -30.95 -58.00 12.79
N VAL A 520 -30.09 -56.99 12.74
CA VAL A 520 -30.29 -55.86 13.61
C VAL A 520 -31.48 -55.06 13.11
N ARG A 521 -31.32 -54.50 11.91
CA ARG A 521 -32.35 -53.67 11.31
C ARG A 521 -33.76 -54.20 11.49
N TYR A 522 -33.98 -55.47 11.15
CA TYR A 522 -35.31 -56.04 11.26
C TYR A 522 -35.49 -56.95 12.46
N ALA A 523 -34.88 -56.62 13.59
CA ALA A 523 -35.00 -57.46 14.77
C ALA A 523 -36.44 -57.53 15.27
N SER A 524 -37.21 -56.48 15.04
CA SER A 524 -38.61 -56.43 15.46
C SER A 524 -39.42 -57.53 14.78
N PHE A 525 -38.92 -58.03 13.67
CA PHE A 525 -39.58 -59.08 12.91
C PHE A 525 -39.68 -60.29 13.78
N PHE A 526 -38.58 -60.57 14.47
CA PHE A 526 -38.49 -61.72 15.35
C PHE A 526 -39.28 -61.53 16.61
N ASP A 527 -39.96 -60.39 16.72
CA ASP A 527 -40.77 -60.13 17.91
C ASP A 527 -41.89 -61.15 17.91
N TYR A 528 -42.29 -61.59 16.71
CA TYR A 528 -43.35 -62.57 16.59
C TYR A 528 -42.82 -64.00 16.75
N GLU A 529 -41.83 -64.35 15.95
CA GLU A 529 -41.22 -65.66 15.99
C GLU A 529 -40.14 -65.68 17.09
N SER A 530 -40.56 -65.65 18.34
CA SER A 530 -39.62 -65.63 19.48
C SER A 530 -38.78 -66.90 19.68
N ALA A 531 -39.23 -68.01 19.12
CA ALA A 531 -38.53 -69.27 19.26
C ALA A 531 -37.29 -69.33 18.40
N ALA A 532 -37.16 -68.36 17.50
CA ALA A 532 -36.03 -68.32 16.59
C ALA A 532 -34.89 -67.45 17.08
N ILE A 533 -35.07 -66.80 18.23
CA ILE A 533 -34.04 -65.93 18.75
C ILE A 533 -32.71 -66.57 19.16
N PRO A 534 -32.74 -67.74 19.78
CA PRO A 534 -31.51 -68.42 20.21
C PRO A 534 -30.36 -68.55 19.21
N ALA A 535 -30.65 -68.82 17.94
CA ALA A 535 -29.56 -68.95 16.96
C ALA A 535 -29.00 -67.57 16.60
N LEU A 536 -29.89 -66.58 16.57
CA LEU A 536 -29.48 -65.22 16.24
C LEU A 536 -28.52 -64.76 17.34
N ILE A 537 -28.86 -65.10 18.58
CA ILE A 537 -28.01 -64.73 19.70
C ILE A 537 -26.76 -65.60 19.73
N GLU A 538 -26.93 -66.89 19.46
CA GLU A 538 -25.82 -67.82 19.43
C GLU A 538 -25.00 -67.51 18.19
N TYR A 539 -25.62 -66.90 17.19
CA TYR A 539 -24.89 -66.60 15.96
C TYR A 539 -23.90 -65.52 16.30
N PHE A 540 -24.41 -64.38 16.77
CA PHE A 540 -23.54 -63.28 17.12
C PHE A 540 -22.43 -63.83 18.02
N VAL A 541 -22.83 -64.58 19.03
CA VAL A 541 -21.93 -65.20 20.01
C VAL A 541 -20.88 -66.13 19.39
N GLY A 542 -21.34 -67.11 18.61
CA GLY A 542 -20.44 -68.05 17.97
C GLY A 542 -19.24 -67.50 17.23
N PRO A 543 -18.39 -68.39 16.68
CA PRO A 543 -17.17 -68.05 15.95
C PRO A 543 -17.32 -67.38 14.58
N ARG A 544 -18.51 -66.90 14.26
CA ARG A 544 -18.73 -66.26 12.97
C ARG A 544 -19.16 -64.82 13.18
N GLY A 545 -19.95 -64.63 14.22
CA GLY A 545 -20.50 -63.33 14.55
C GLY A 545 -19.75 -62.35 15.42
N ILE A 546 -19.32 -62.78 16.61
CA ILE A 546 -18.61 -61.91 17.55
C ILE A 546 -17.15 -62.28 17.68
N HIS A 547 -16.88 -63.58 17.54
CA HIS A 547 -15.52 -64.08 17.65
C HIS A 547 -14.91 -64.24 16.27
N ASN A 548 -15.51 -63.61 15.26
CA ASN A 548 -14.98 -63.73 13.91
C ASN A 548 -13.47 -63.50 13.87
N THR A 549 -12.80 -64.19 12.96
CA THR A 549 -11.37 -64.06 12.78
C THR A 549 -11.06 -63.03 11.71
N ASN A 550 -12.07 -62.30 11.26
CA ASN A 550 -11.82 -61.26 10.27
C ASN A 550 -11.67 -60.00 11.09
N GLU A 551 -10.82 -59.11 10.61
CA GLU A 551 -10.52 -57.88 11.30
C GLU A 551 -11.69 -56.90 11.29
N ARG A 552 -12.22 -56.57 10.12
CA ARG A 552 -13.32 -55.61 10.06
C ARG A 552 -14.57 -56.14 10.72
N VAL A 553 -14.84 -57.41 10.50
CA VAL A 553 -16.04 -57.99 11.08
C VAL A 553 -16.02 -58.04 12.60
N ARG A 554 -14.95 -58.54 13.19
CA ARG A 554 -14.86 -58.64 14.64
C ARG A 554 -15.30 -57.36 15.38
N PRO A 555 -14.64 -56.21 15.12
CA PRO A 555 -15.06 -54.99 15.82
C PRO A 555 -16.53 -54.67 15.52
N ARG A 556 -16.83 -54.46 14.24
CA ARG A 556 -18.16 -54.12 13.76
C ARG A 556 -19.25 -55.04 14.31
N ALA A 557 -18.85 -56.28 14.57
CA ALA A 557 -19.74 -57.30 15.10
C ALA A 557 -20.25 -56.96 16.49
N TRP A 558 -19.32 -56.52 17.33
CA TRP A 558 -19.65 -56.19 18.71
C TRP A 558 -20.69 -55.09 18.82
N TYR A 559 -20.69 -54.16 17.87
CA TYR A 559 -21.66 -53.06 17.90
C TYR A 559 -23.05 -53.59 17.57
N LEU A 560 -23.12 -54.40 16.52
CA LEU A 560 -24.38 -54.96 16.06
C LEU A 560 -25.00 -55.85 17.12
N PHE A 561 -24.17 -56.67 17.75
CA PHE A 561 -24.67 -57.54 18.81
C PHE A 561 -25.31 -56.70 19.92
N TYR A 562 -24.69 -55.56 20.20
CA TYR A 562 -25.19 -54.66 21.22
C TYR A 562 -26.51 -54.07 20.75
N ARG A 563 -26.59 -53.67 19.49
CA ARG A 563 -27.82 -53.10 18.94
C ARG A 563 -28.89 -54.20 18.91
N PHE A 564 -28.48 -55.39 18.47
CA PHE A 564 -29.37 -56.53 18.38
C PHE A 564 -29.94 -56.77 19.76
N VAL A 565 -29.07 -57.03 20.74
CA VAL A 565 -29.50 -57.28 22.11
C VAL A 565 -30.33 -56.16 22.70
N LYS A 566 -29.94 -54.93 22.37
CA LYS A 566 -30.65 -53.79 22.91
C LYS A 566 -32.08 -53.76 22.44
N SER A 567 -32.30 -54.13 21.18
CA SER A 567 -33.64 -54.14 20.59
C SER A 567 -34.41 -55.46 20.80
N ILE A 568 -33.70 -56.54 21.06
CA ILE A 568 -34.30 -57.85 21.23
C ILE A 568 -34.52 -58.27 22.65
N LYS A 569 -34.56 -57.33 23.56
CA LYS A 569 -34.79 -57.72 24.93
C LYS A 569 -36.25 -58.16 24.99
N LYS A 570 -36.54 -59.14 25.84
CA LYS A 570 -37.91 -59.65 25.97
C LYS A 570 -38.91 -58.64 26.50
N VAL A 573 -34.35 -63.16 27.10
CA VAL A 573 -34.73 -63.74 28.39
C VAL A 573 -33.91 -64.99 28.72
N ASN A 574 -34.00 -66.00 27.86
CA ASN A 574 -33.30 -67.27 28.06
C ASN A 574 -31.88 -67.36 27.49
N TYR A 575 -31.33 -66.26 27.01
CA TYR A 575 -29.99 -66.30 26.44
C TYR A 575 -28.99 -65.52 27.28
N THR A 576 -29.45 -65.04 28.45
CA THR A 576 -28.61 -64.25 29.37
C THR A 576 -27.27 -64.84 29.77
N GLU A 577 -27.33 -65.98 30.44
CA GLU A 577 -26.14 -66.66 30.94
C GLU A 577 -25.09 -67.09 29.93
N SER A 578 -25.50 -67.72 28.84
CA SER A 578 -24.56 -68.15 27.83
C SER A 578 -23.91 -66.94 27.13
N SER A 579 -24.70 -65.90 26.92
CA SER A 579 -24.21 -64.70 26.26
C SER A 579 -23.12 -64.09 27.12
N LEU A 580 -23.38 -64.00 28.42
CA LEU A 580 -22.41 -63.44 29.33
C LEU A 580 -21.14 -64.27 29.34
N ALA A 581 -21.29 -65.59 29.35
CA ALA A 581 -20.14 -66.49 29.38
C ALA A 581 -19.26 -66.35 28.13
N MET A 582 -19.89 -66.29 26.98
CA MET A 582 -19.19 -66.19 25.72
C MET A 582 -18.46 -64.85 25.54
N LEU A 583 -19.00 -63.79 26.14
CA LEU A 583 -18.39 -62.47 26.05
C LEU A 583 -17.06 -62.43 26.82
N GLY A 584 -17.00 -63.23 27.88
CA GLY A 584 -15.80 -63.30 28.71
C GLY A 584 -14.47 -63.21 28.00
N ASP A 585 -14.20 -64.15 27.09
CA ASP A 585 -12.92 -64.16 26.37
C ASP A 585 -12.59 -62.82 25.74
N LEU A 586 -13.60 -61.97 25.65
CA LEU A 586 -13.42 -60.69 24.99
C LEU A 586 -13.35 -59.44 25.87
N LEU A 587 -13.57 -59.57 27.17
CA LEU A 587 -13.56 -58.39 28.01
C LEU A 587 -12.23 -57.89 28.58
N ASN A 588 -11.16 -58.69 28.62
CA ASN A 588 -9.91 -58.15 29.16
C ASN A 588 -9.31 -57.16 28.17
N ILE A 589 -8.94 -55.99 28.67
CA ILE A 589 -8.39 -54.92 27.86
C ILE A 589 -6.90 -54.95 27.62
N SER A 590 -6.48 -54.79 26.36
CA SER A 590 -5.06 -54.74 26.05
C SER A 590 -4.75 -53.68 24.99
N VAL A 591 -4.67 -52.44 25.43
CA VAL A 591 -4.35 -51.35 24.53
C VAL A 591 -2.86 -51.13 24.64
N SER A 592 -2.20 -51.05 23.49
CA SER A 592 -0.77 -50.87 23.45
C SER A 592 -0.44 -49.52 22.89
N PRO A 593 0.63 -48.93 23.40
CA PRO A 593 1.00 -47.61 22.90
C PRO A 593 1.52 -47.76 21.48
N VAL A 594 1.09 -46.88 20.58
CA VAL A 594 1.52 -46.95 19.19
C VAL A 594 1.92 -45.60 18.64
N THR A 595 2.75 -45.61 17.60
CA THR A 595 3.23 -44.41 16.95
C THR A 595 2.21 -43.99 15.89
N ASP A 596 2.13 -42.68 15.63
CA ASP A 596 1.19 -42.18 14.64
C ASP A 596 1.63 -41.07 13.72
N MET A 597 0.68 -40.69 12.87
CA MET A 597 0.84 -39.64 11.89
C MET A 597 1.04 -38.32 12.64
N ASP A 598 0.26 -38.14 13.71
CA ASP A 598 0.32 -36.93 14.53
C ASP A 598 1.00 -37.19 15.87
N ALA A 599 1.55 -38.40 16.04
CA ALA A 599 2.20 -38.75 17.29
C ALA A 599 3.52 -39.49 17.16
N PRO A 600 4.64 -38.75 17.11
CA PRO A 600 5.94 -39.45 16.99
C PRO A 600 6.08 -40.22 18.30
N VAL A 601 5.51 -39.63 19.34
CA VAL A 601 5.52 -40.21 20.67
C VAL A 601 4.12 -40.78 20.87
N PRO A 602 4.03 -42.07 21.20
CA PRO A 602 2.69 -42.62 21.41
C PRO A 602 1.92 -41.86 22.48
N THR A 603 0.69 -41.49 22.13
CA THR A 603 -0.22 -40.74 22.98
C THR A 603 -1.38 -41.64 23.35
N LEU A 604 -1.94 -41.43 24.53
CA LEU A 604 -3.11 -42.22 24.93
C LEU A 604 -4.06 -42.20 23.75
N ASN A 605 -4.14 -41.04 23.11
CA ASN A 605 -5.03 -40.88 21.98
C ASN A 605 -4.62 -41.76 20.82
N SER A 606 -3.35 -41.70 20.43
CA SER A 606 -2.87 -42.51 19.31
C SER A 606 -2.99 -44.02 19.60
N SER A 607 -2.57 -44.43 20.79
CA SER A 607 -2.64 -45.83 21.22
C SER A 607 -4.04 -46.39 21.10
N ILE A 608 -4.98 -45.63 21.65
CA ILE A 608 -6.38 -46.01 21.66
C ILE A 608 -7.07 -45.87 20.31
N ARG A 609 -6.70 -44.82 19.57
CA ARG A 609 -7.29 -44.56 18.26
C ARG A 609 -6.97 -45.70 17.32
N ASN A 610 -5.97 -46.51 17.66
CA ASN A 610 -5.59 -47.64 16.82
C ASN A 610 -6.03 -48.98 17.37
N SER A 611 -6.75 -48.97 18.48
CA SER A 611 -7.21 -50.21 19.07
C SER A 611 -8.65 -50.43 18.67
N ASP A 612 -9.24 -51.47 19.21
CA ASP A 612 -10.63 -51.77 18.94
C ASP A 612 -11.35 -51.54 20.26
N PHE A 613 -10.69 -50.77 21.13
CA PHE A 613 -11.23 -50.46 22.44
C PHE A 613 -12.58 -49.74 22.39
N ASN A 614 -12.70 -48.73 21.55
CA ASN A 614 -13.93 -47.99 21.43
C ASN A 614 -15.04 -48.96 21.10
N SER A 615 -14.78 -49.85 20.14
CA SER A 615 -15.75 -50.86 19.72
C SER A 615 -16.05 -51.82 20.86
N GLN A 616 -15.00 -52.31 21.51
CA GLN A 616 -15.16 -53.22 22.63
C GLN A 616 -16.06 -52.60 23.71
N LEU A 617 -16.05 -51.28 23.81
CA LEU A 617 -16.87 -50.63 24.82
C LEU A 617 -18.33 -51.00 24.68
N TYR A 618 -18.70 -51.56 23.53
CA TYR A 618 -20.09 -51.96 23.32
C TYR A 618 -20.37 -53.25 24.07
N LEU A 619 -19.37 -54.12 24.12
CA LEU A 619 -19.52 -55.39 24.84
C LEU A 619 -19.84 -55.06 26.30
N PHE A 620 -19.01 -54.24 26.93
CA PHE A 620 -19.26 -53.86 28.31
C PHE A 620 -20.67 -53.33 28.46
N GLU A 621 -21.10 -52.50 27.52
CA GLU A 621 -22.44 -51.96 27.60
C GLU A 621 -23.43 -53.10 27.40
N THR A 622 -23.13 -54.00 26.46
CA THR A 622 -24.02 -55.12 26.21
C THR A 622 -24.19 -55.94 27.49
N VAL A 623 -23.06 -56.39 28.03
CA VAL A 623 -23.00 -57.18 29.26
C VAL A 623 -23.82 -56.56 30.37
N GLY A 624 -24.03 -55.25 30.29
CA GLY A 624 -24.82 -54.57 31.29
C GLY A 624 -26.29 -54.60 30.92
N VAL A 625 -26.58 -54.73 29.65
CA VAL A 625 -27.97 -54.79 29.19
C VAL A 625 -28.47 -56.23 29.39
N LEU A 626 -27.56 -57.19 29.25
CA LEU A 626 -27.90 -58.58 29.45
C LEU A 626 -28.30 -58.82 30.91
N ILE A 627 -27.57 -58.16 31.80
CA ILE A 627 -27.76 -58.27 33.24
C ILE A 627 -28.95 -57.50 33.84
N SER A 628 -29.60 -56.66 33.04
CA SER A 628 -30.73 -55.89 33.55
C SER A 628 -32.03 -56.37 32.89
N SER A 629 -31.90 -57.09 31.78
CA SER A 629 -33.05 -57.62 31.06
C SER A 629 -32.96 -59.15 31.06
N GLY A 630 -32.21 -59.70 32.01
CA GLY A 630 -32.04 -61.14 32.08
C GLY A 630 -32.68 -61.83 33.27
N ASN A 631 -33.02 -63.11 33.09
CA ASN A 631 -33.64 -63.91 34.14
C ASN A 631 -32.56 -64.37 35.10
N LEU A 632 -32.01 -63.43 35.85
CA LEU A 632 -30.97 -63.71 36.83
C LEU A 632 -31.32 -63.07 38.16
N THR A 633 -31.55 -63.91 39.16
CA THR A 633 -31.90 -63.47 40.50
C THR A 633 -31.00 -62.33 40.94
N PRO A 634 -31.48 -61.48 41.85
CA PRO A 634 -30.70 -60.35 42.37
C PRO A 634 -29.29 -60.74 42.80
N GLU A 635 -29.18 -61.92 43.42
CA GLU A 635 -27.90 -62.43 43.87
C GLU A 635 -26.97 -62.67 42.69
N GLU A 636 -27.42 -63.47 41.73
CA GLU A 636 -26.59 -63.78 40.56
C GLU A 636 -26.22 -62.56 39.75
N GLN A 637 -27.16 -61.64 39.57
CA GLN A 637 -26.85 -60.45 38.81
C GLN A 637 -25.84 -59.57 39.54
N ALA A 638 -26.11 -59.29 40.81
CA ALA A 638 -25.17 -58.47 41.58
C ALA A 638 -23.79 -59.12 41.63
N LEU A 639 -23.74 -60.44 41.54
CA LEU A 639 -22.49 -61.19 41.55
C LEU A 639 -21.62 -60.85 40.34
N TYR A 640 -22.22 -60.91 39.15
CA TYR A 640 -21.51 -60.59 37.91
C TYR A 640 -21.12 -59.12 37.94
N CYS A 641 -22.01 -58.29 38.50
CA CYS A 641 -21.79 -56.85 38.62
C CYS A 641 -20.51 -56.56 39.37
N ASP A 642 -20.48 -56.97 40.64
CA ASP A 642 -19.33 -56.75 41.48
C ASP A 642 -18.11 -57.59 41.07
N SER A 643 -18.31 -58.60 40.22
CA SER A 643 -17.17 -59.41 39.77
C SER A 643 -16.40 -58.68 38.67
N LEU A 644 -17.09 -57.79 37.97
CA LEU A 644 -16.48 -57.03 36.89
C LEU A 644 -15.96 -55.67 37.35
N ILE A 645 -16.69 -55.00 38.24
CA ILE A 645 -16.27 -53.70 38.73
C ILE A 645 -15.05 -53.81 39.63
N ASN A 646 -14.88 -54.97 40.26
CA ASN A 646 -13.74 -55.18 41.13
C ASN A 646 -12.50 -55.56 40.33
N ALA A 647 -12.70 -56.12 39.15
CA ALA A 647 -11.59 -56.51 38.29
C ALA A 647 -11.09 -55.29 37.53
N LEU A 648 -12.01 -54.40 37.20
CA LEU A 648 -11.65 -53.18 36.50
C LEU A 648 -11.02 -52.25 37.52
N ILE A 649 -11.70 -52.04 38.63
CA ILE A 649 -11.17 -51.18 39.67
C ILE A 649 -9.79 -51.70 39.97
N GLY A 650 -9.68 -53.02 40.07
CA GLY A 650 -8.40 -53.63 40.34
C GLY A 650 -7.34 -53.32 39.30
N LYS A 651 -7.72 -53.18 38.03
CA LYS A 651 -6.75 -52.89 36.99
C LYS A 651 -6.33 -51.44 37.08
N ALA A 652 -7.14 -50.66 37.79
CA ALA A 652 -6.89 -49.24 37.98
C ALA A 652 -5.98 -49.00 39.15
N ASN A 653 -6.16 -49.80 40.20
CA ASN A 653 -5.33 -49.61 41.38
C ASN A 653 -3.90 -50.02 41.11
N ALA A 654 -3.72 -51.10 40.36
CA ALA A 654 -2.38 -51.59 40.04
C ALA A 654 -1.71 -50.63 39.10
N ALA A 655 -2.50 -49.97 38.28
CA ALA A 655 -1.98 -49.03 37.31
C ALA A 655 -1.68 -47.69 38.00
N LEU A 656 -2.54 -47.30 38.93
CA LEU A 656 -2.38 -46.05 39.67
C LEU A 656 -1.15 -46.04 40.58
N SER A 657 -1.01 -47.09 41.37
CA SER A 657 0.09 -47.17 42.32
C SER A 657 1.51 -47.22 41.69
N SER A 658 1.64 -47.77 40.49
CA SER A 658 2.94 -47.79 39.85
C SER A 658 3.19 -46.38 39.33
N ASP A 659 4.23 -46.19 38.52
CA ASP A 659 4.53 -44.85 38.01
C ASP A 659 3.42 -44.18 37.20
N LEU A 660 2.65 -43.30 37.84
CA LEU A 660 1.54 -42.61 37.18
C LEU A 660 1.86 -41.96 35.86
N SER A 661 3.14 -41.73 35.59
CA SER A 661 3.53 -41.07 34.34
C SER A 661 3.46 -41.96 33.11
N ALA A 662 3.74 -43.24 33.30
CA ALA A 662 3.73 -44.21 32.21
C ALA A 662 2.43 -44.23 31.41
N LEU A 663 2.57 -44.20 30.08
CA LEU A 663 1.43 -44.23 29.16
C LEU A 663 0.65 -45.51 29.40
N GLU A 664 1.40 -46.56 29.68
CA GLU A 664 0.82 -47.87 29.94
C GLU A 664 -0.06 -47.83 31.18
N ASN A 665 0.38 -47.09 32.20
CA ASN A 665 -0.41 -46.97 33.43
C ASN A 665 -1.54 -46.02 33.16
N ILE A 666 -1.26 -44.97 32.38
CA ILE A 666 -2.30 -44.03 32.10
C ILE A 666 -3.35 -44.73 31.27
N ILE A 667 -2.94 -45.32 30.15
CA ILE A 667 -3.90 -46.05 29.31
C ILE A 667 -4.77 -46.96 30.18
N SER A 668 -4.09 -47.86 30.87
CA SER A 668 -4.69 -48.82 31.77
C SER A 668 -5.80 -48.20 32.63
N VAL A 669 -5.51 -47.05 33.27
CA VAL A 669 -6.48 -46.34 34.14
C VAL A 669 -7.68 -45.82 33.35
N TYR A 670 -7.38 -45.19 32.22
CA TYR A 670 -8.40 -44.61 31.34
C TYR A 670 -9.43 -45.65 30.92
N CYS A 671 -8.95 -46.77 30.39
CA CYS A 671 -9.80 -47.87 29.93
C CYS A 671 -10.64 -48.46 31.04
N SER A 672 -10.01 -48.63 32.19
CA SER A 672 -10.68 -49.20 33.35
C SER A 672 -11.83 -48.29 33.75
N LEU A 673 -11.65 -46.98 33.55
CA LEU A 673 -12.69 -46.02 33.91
C LEU A 673 -13.75 -45.99 32.81
N MET A 674 -13.30 -46.14 31.56
CA MET A 674 -14.21 -46.13 30.42
C MET A 674 -15.14 -47.35 30.42
N ALA A 675 -14.55 -48.54 30.61
CA ALA A 675 -15.31 -49.79 30.63
C ALA A 675 -16.38 -49.73 31.71
N ILE A 676 -16.03 -49.20 32.88
CA ILE A 676 -17.01 -49.11 33.97
C ILE A 676 -18.10 -48.08 33.65
N GLY A 677 -17.72 -47.06 32.88
CA GLY A 677 -18.66 -46.03 32.50
C GLY A 677 -19.65 -46.54 31.48
N ASN A 678 -19.17 -47.43 30.61
CA ASN A 678 -20.02 -48.02 29.58
C ASN A 678 -20.79 -49.21 30.11
N PHE A 679 -20.31 -49.77 31.21
CA PHE A 679 -20.97 -50.90 31.86
C PHE A 679 -22.23 -50.34 32.48
N ALA A 680 -22.09 -49.17 33.08
CA ALA A 680 -23.23 -48.51 33.71
C ALA A 680 -24.13 -47.86 32.68
N LYS A 681 -23.64 -47.71 31.44
CA LYS A 681 -24.44 -47.07 30.40
C LYS A 681 -25.45 -48.02 29.79
N GLY A 682 -25.62 -49.17 30.42
CA GLY A 682 -26.56 -50.16 29.93
C GLY A 682 -27.62 -50.47 30.96
N PHE A 683 -27.33 -50.14 32.21
CA PHE A 683 -28.28 -50.37 33.31
C PHE A 683 -29.31 -49.28 33.26
N PRO A 684 -30.50 -49.56 33.81
CA PRO A 684 -31.58 -48.59 33.83
C PRO A 684 -31.40 -47.54 34.94
N ALA A 685 -31.96 -46.36 34.74
CA ALA A 685 -31.85 -45.29 35.74
C ALA A 685 -32.36 -45.76 37.08
N ARG A 686 -32.00 -45.03 38.13
CA ARG A 686 -32.42 -45.38 39.49
C ARG A 686 -33.94 -45.28 39.64
N GLU A 689 -37.44 -48.01 43.73
CA GLU A 689 -37.14 -49.44 43.74
C GLU A 689 -35.66 -49.68 44.04
N GLU A 690 -35.33 -50.83 44.63
CA GLU A 690 -33.95 -51.13 44.94
C GLU A 690 -33.40 -52.20 44.02
N VAL A 691 -32.47 -51.80 43.14
CA VAL A 691 -31.87 -52.73 42.20
C VAL A 691 -30.63 -53.34 42.84
N ALA A 692 -30.24 -54.53 42.40
CA ALA A 692 -29.08 -55.25 42.94
C ALA A 692 -27.77 -54.54 42.65
N TRP A 693 -27.62 -54.05 41.43
CA TRP A 693 -26.42 -53.37 40.98
C TRP A 693 -25.99 -52.11 41.78
N LEU A 694 -26.97 -51.37 42.32
CA LEU A 694 -26.71 -50.14 43.09
C LEU A 694 -25.47 -50.16 43.96
N ALA A 695 -25.45 -51.06 44.94
CA ALA A 695 -24.31 -51.19 45.84
C ALA A 695 -23.02 -51.26 45.06
N SER A 696 -22.94 -52.28 44.21
CA SER A 696 -21.77 -52.51 43.38
C SER A 696 -21.32 -51.31 42.54
N PHE A 697 -22.27 -50.44 42.13
CA PHE A 697 -21.94 -49.24 41.35
C PHE A 697 -21.54 -48.05 42.20
N ASN A 698 -22.00 -48.03 43.44
CA ASN A 698 -21.67 -46.98 44.39
C ASN A 698 -20.24 -47.20 44.89
N LYS A 699 -19.80 -48.45 44.94
CA LYS A 699 -18.44 -48.78 45.37
C LYS A 699 -17.47 -48.26 44.31
N ALA A 700 -17.93 -48.30 43.05
CA ALA A 700 -17.14 -47.83 41.93
C ALA A 700 -17.05 -46.30 41.94
N SER A 701 -18.12 -45.64 42.36
CA SER A 701 -18.09 -44.18 42.38
C SER A 701 -16.92 -43.71 43.20
N ASP A 702 -16.71 -44.32 44.37
CA ASP A 702 -15.61 -43.90 45.22
C ASP A 702 -14.25 -44.03 44.51
N GLU A 703 -14.11 -45.07 43.69
CA GLU A 703 -12.88 -45.34 42.94
C GLU A 703 -12.50 -44.24 41.95
N ILE A 704 -13.46 -43.44 41.49
CA ILE A 704 -13.10 -42.39 40.54
C ILE A 704 -12.19 -41.39 41.25
N PHE A 705 -12.63 -40.89 42.39
CA PHE A 705 -11.83 -39.96 43.20
C PHE A 705 -10.43 -40.51 43.45
N LEU A 706 -10.34 -41.77 43.87
CA LEU A 706 -9.05 -42.40 44.09
C LEU A 706 -8.15 -42.13 42.90
N ILE A 707 -8.66 -42.38 41.70
CA ILE A 707 -7.86 -42.15 40.50
C ILE A 707 -7.84 -40.68 40.09
N LEU A 708 -8.86 -39.94 40.52
CA LEU A 708 -8.97 -38.53 40.20
C LEU A 708 -7.96 -37.74 41.03
N ASP A 709 -7.62 -38.28 42.20
CA ASP A 709 -6.67 -37.66 43.12
C ASP A 709 -5.26 -37.73 42.57
N ARG A 710 -4.86 -38.92 42.11
CA ARG A 710 -3.51 -39.13 41.58
C ARG A 710 -3.26 -38.77 40.12
N MET A 711 -4.24 -39.00 39.27
CA MET A 711 -4.07 -38.69 37.85
C MET A 711 -4.99 -37.57 37.39
N GLY A 712 -5.62 -36.86 38.31
CA GLY A 712 -6.49 -35.78 37.91
C GLY A 712 -5.76 -34.73 37.09
N PHE A 713 -4.43 -34.82 37.09
CA PHE A 713 -3.60 -33.90 36.33
C PHE A 713 -3.92 -34.00 34.82
N ASN A 714 -3.85 -35.23 34.31
CA ASN A 714 -4.11 -35.61 32.91
C ASN A 714 -5.57 -35.46 32.51
N GLU A 715 -5.85 -34.66 31.48
CA GLU A 715 -7.24 -34.45 31.09
C GLU A 715 -7.95 -35.64 30.50
N ASP A 716 -7.22 -36.51 29.82
CA ASP A 716 -7.84 -37.70 29.26
C ASP A 716 -8.60 -38.41 30.36
N ILE A 717 -7.91 -38.65 31.48
CA ILE A 717 -8.56 -39.28 32.61
C ILE A 717 -9.74 -38.43 33.01
N ARG A 718 -9.59 -37.11 32.92
CA ARG A 718 -10.67 -36.24 33.30
C ARG A 718 -11.93 -36.42 32.46
N GLY A 719 -11.78 -36.58 31.15
CA GLY A 719 -12.98 -36.80 30.34
C GLY A 719 -13.61 -38.10 30.82
N ALA A 720 -12.77 -39.11 30.95
CA ALA A 720 -13.22 -40.42 31.40
C ALA A 720 -13.94 -40.33 32.72
N VAL A 721 -13.64 -39.29 33.49
CA VAL A 721 -14.29 -39.13 34.79
C VAL A 721 -15.59 -38.40 34.66
N ARG A 722 -15.58 -37.30 33.92
CA ARG A 722 -16.80 -36.52 33.71
C ARG A 722 -17.83 -37.45 33.08
N PHE A 723 -17.34 -38.43 32.31
CA PHE A 723 -18.21 -39.39 31.65
C PHE A 723 -18.75 -40.49 32.55
N THR A 724 -17.85 -41.31 33.07
CA THR A 724 -18.25 -42.41 33.93
C THR A 724 -19.12 -41.95 35.08
N SER A 725 -18.70 -40.91 35.82
CA SER A 725 -19.53 -40.47 36.94
C SER A 725 -20.94 -40.04 36.51
N GLY A 726 -21.07 -39.52 35.31
CA GLY A 726 -22.38 -39.15 34.83
C GLY A 726 -23.24 -40.37 34.56
N ARG A 727 -22.61 -41.47 34.11
CA ARG A 727 -23.34 -42.73 33.85
C ARG A 727 -23.79 -43.34 35.15
N ILE A 728 -22.88 -43.36 36.12
CA ILE A 728 -23.16 -43.90 37.44
C ILE A 728 -24.20 -43.04 38.15
N ILE A 729 -24.14 -41.74 37.96
CA ILE A 729 -25.12 -40.87 38.58
C ILE A 729 -26.48 -41.17 37.93
N ASN A 730 -26.47 -41.49 36.65
CA ASN A 730 -27.73 -41.81 35.98
C ASN A 730 -28.09 -43.23 36.32
N VAL A 731 -27.27 -43.89 37.15
CA VAL A 731 -27.55 -45.27 37.55
C VAL A 731 -27.94 -45.29 39.02
N VAL A 732 -27.15 -44.58 39.81
CA VAL A 732 -27.35 -44.48 41.24
C VAL A 732 -28.33 -43.36 41.56
N GLY A 733 -28.12 -42.21 40.92
CA GLY A 733 -28.99 -41.08 41.12
C GLY A 733 -28.67 -40.30 42.37
N PRO A 734 -29.64 -40.20 43.30
CA PRO A 734 -29.48 -39.47 44.56
C PRO A 734 -28.47 -40.04 45.57
N ASP A 735 -28.06 -41.30 45.39
CA ASP A 735 -27.08 -41.91 46.30
C ASP A 735 -25.66 -41.35 46.09
N MET A 736 -25.49 -40.39 45.20
CA MET A 736 -24.17 -39.80 44.95
C MET A 736 -24.17 -38.29 45.14
N LEU A 737 -25.37 -37.73 45.10
CA LEU A 737 -25.60 -36.30 45.26
C LEU A 737 -24.71 -35.61 46.31
N PRO A 738 -24.48 -36.26 47.46
CA PRO A 738 -23.64 -35.63 48.49
C PRO A 738 -22.17 -35.41 48.12
N LYS A 739 -21.67 -36.15 47.15
CA LYS A 739 -20.28 -36.00 46.76
C LYS A 739 -20.13 -35.30 45.43
N VAL A 740 -21.26 -34.92 44.83
CA VAL A 740 -21.25 -34.22 43.55
C VAL A 740 -20.35 -32.99 43.56
N PRO A 741 -20.46 -32.15 44.60
CA PRO A 741 -19.64 -30.94 44.68
C PRO A 741 -18.14 -31.21 44.76
N GLN A 742 -17.73 -32.31 45.39
CA GLN A 742 -16.30 -32.64 45.48
C GLN A 742 -15.79 -32.99 44.09
N LEU A 743 -16.67 -33.57 43.28
CA LEU A 743 -16.34 -33.92 41.91
C LEU A 743 -16.12 -32.62 41.13
N ILE A 744 -17.20 -31.85 41.01
CA ILE A 744 -17.20 -30.56 40.31
C ILE A 744 -15.91 -29.79 40.62
N SER A 745 -15.65 -29.59 41.91
CA SER A 745 -14.49 -28.84 42.37
C SER A 745 -13.15 -29.27 41.83
N ILE A 746 -12.89 -30.58 41.88
CA ILE A 746 -11.63 -31.10 41.38
C ILE A 746 -11.53 -30.78 39.89
N LEU A 747 -12.48 -31.31 39.12
CA LEU A 747 -12.48 -31.09 37.67
C LEU A 747 -12.25 -29.62 37.27
N LEU A 748 -12.74 -28.68 38.06
CA LEU A 748 -12.60 -27.26 37.74
C LEU A 748 -11.19 -26.70 37.55
N ASN A 749 -10.28 -27.02 38.46
CA ASN A 749 -8.93 -26.46 38.36
C ASN A 749 -8.10 -26.99 37.23
N SER A 750 -8.34 -28.24 36.88
CA SER A 750 -7.57 -28.81 35.81
C SER A 750 -8.23 -28.44 34.50
N ILE A 751 -9.30 -27.66 34.58
CA ILE A 751 -10.04 -27.22 33.40
C ILE A 751 -9.06 -26.66 32.34
N ASP A 752 -9.37 -26.86 31.07
CA ASP A 752 -8.52 -26.37 29.98
C ASP A 752 -9.37 -25.58 29.01
N MET A 753 -8.95 -25.50 27.77
CA MET A 753 -9.77 -24.79 26.81
C MET A 753 -10.40 -25.88 25.97
N ASN A 754 -9.69 -26.99 25.83
CA ASN A 754 -10.15 -28.12 25.04
C ASN A 754 -11.36 -28.79 25.67
N GLU A 755 -11.44 -28.71 26.98
CA GLU A 755 -12.54 -29.33 27.67
C GLU A 755 -13.58 -28.38 28.17
N LEU A 756 -13.68 -27.18 27.62
CA LEU A 756 -14.71 -26.26 28.09
C LEU A 756 -16.08 -26.77 27.66
N VAL A 757 -16.09 -27.63 26.65
CA VAL A 757 -17.35 -28.16 26.18
C VAL A 757 -17.74 -29.49 26.79
N ASP A 758 -16.75 -30.32 27.12
CA ASP A 758 -17.04 -31.60 27.73
C ASP A 758 -17.52 -31.32 29.15
N VAL A 759 -17.08 -30.18 29.66
CA VAL A 759 -17.41 -29.68 30.99
C VAL A 759 -18.85 -29.19 31.03
N LEU A 760 -19.18 -28.27 30.12
CA LEU A 760 -20.52 -27.72 30.09
C LEU A 760 -21.58 -28.80 30.02
N SER A 761 -21.42 -29.79 29.14
CA SER A 761 -22.42 -30.84 29.04
C SER A 761 -22.46 -31.71 30.30
N PHE A 762 -21.30 -31.91 30.94
CA PHE A 762 -21.28 -32.72 32.14
C PHE A 762 -22.12 -32.00 33.16
N ILE A 763 -22.03 -30.68 33.19
CA ILE A 763 -22.81 -29.91 34.15
C ILE A 763 -24.31 -29.97 33.90
N SER A 764 -24.75 -29.69 32.68
CA SER A 764 -26.17 -29.75 32.42
C SER A 764 -26.63 -31.20 32.53
N GLN A 765 -25.73 -32.13 32.25
CA GLN A 765 -26.08 -33.53 32.38
C GLN A 765 -26.60 -33.74 33.81
N LEU A 766 -25.90 -33.14 34.76
CA LEU A 766 -26.25 -33.21 36.17
C LEU A 766 -27.42 -32.28 36.47
N ILE A 767 -27.35 -31.04 35.98
CA ILE A 767 -28.42 -30.06 36.20
C ILE A 767 -29.77 -30.67 35.85
N HIS A 768 -29.73 -31.72 35.02
CA HIS A 768 -30.93 -32.42 34.60
C HIS A 768 -31.28 -33.49 35.64
N ILE A 769 -30.32 -34.37 35.92
CA ILE A 769 -30.52 -35.44 36.90
C ILE A 769 -31.03 -34.86 38.24
N TYR A 770 -30.36 -33.86 38.79
CA TYR A 770 -30.83 -33.22 40.03
C TYR A 770 -30.93 -31.76 39.69
N LYS A 771 -32.15 -31.25 39.52
CA LYS A 771 -32.31 -29.87 39.12
C LYS A 771 -32.02 -28.85 40.21
N ASP A 772 -32.93 -28.78 41.17
CA ASP A 772 -32.79 -27.82 42.27
C ASP A 772 -31.48 -28.02 43.04
N ASN A 773 -31.08 -29.28 43.21
CA ASN A 773 -29.85 -29.62 43.94
C ASN A 773 -28.56 -29.00 43.40
N MET A 774 -28.46 -28.94 42.07
CA MET A 774 -27.27 -28.42 41.40
C MET A 774 -27.17 -26.89 41.42
N MET A 775 -28.25 -26.23 41.85
CA MET A 775 -28.29 -24.77 41.88
C MET A 775 -27.14 -24.09 42.63
N GLU A 776 -26.98 -24.40 43.91
CA GLU A 776 -25.93 -23.78 44.71
C GLU A 776 -24.54 -24.03 44.16
N ILE A 777 -24.32 -25.24 43.65
CA ILE A 777 -23.03 -25.62 43.09
C ILE A 777 -22.72 -24.74 41.89
N THR A 778 -23.69 -24.63 40.99
CA THR A 778 -23.54 -23.82 39.78
C THR A 778 -23.16 -22.39 40.16
N ASN A 779 -23.79 -21.83 41.18
CA ASN A 779 -23.52 -20.46 41.58
C ASN A 779 -22.03 -20.23 41.81
N ARG A 780 -21.43 -21.06 42.66
CA ARG A 780 -20.02 -20.95 43.01
C ARG A 780 -19.13 -21.30 41.85
N MET A 781 -19.71 -21.89 40.82
CA MET A 781 -18.93 -22.32 39.66
C MET A 781 -19.09 -21.45 38.41
N LEU A 782 -20.27 -20.86 38.25
CA LEU A 782 -20.51 -20.02 37.09
C LEU A 782 -19.37 -19.01 36.90
N PRO A 783 -18.88 -18.41 37.99
CA PRO A 783 -17.81 -17.42 37.87
C PRO A 783 -16.58 -17.93 37.12
N THR A 784 -16.23 -19.20 37.32
CA THR A 784 -15.07 -19.75 36.64
C THR A 784 -15.37 -20.04 35.18
N LEU A 785 -16.41 -20.84 34.93
CA LEU A 785 -16.81 -21.20 33.58
C LEU A 785 -17.04 -19.97 32.68
N LEU A 786 -17.60 -18.91 33.24
CA LEU A 786 -17.89 -17.72 32.45
C LEU A 786 -16.67 -17.01 31.88
N MET A 787 -15.72 -16.67 32.75
CA MET A 787 -14.54 -15.96 32.27
C MET A 787 -13.66 -16.78 31.34
N ARG A 788 -13.75 -18.10 31.43
CA ARG A 788 -12.97 -18.97 30.55
C ARG A 788 -13.61 -18.84 29.15
N ILE A 789 -14.90 -19.13 29.09
CA ILE A 789 -15.68 -19.04 27.86
C ILE A 789 -15.53 -17.65 27.25
N PHE A 790 -15.67 -16.63 28.08
CA PHE A 790 -15.52 -15.26 27.61
C PHE A 790 -14.14 -15.08 26.95
N SER A 791 -13.11 -15.67 27.53
CA SER A 791 -11.76 -15.50 27.00
C SER A 791 -11.45 -16.26 25.72
N SER A 792 -11.97 -17.48 25.57
CA SER A 792 -11.67 -18.24 24.36
C SER A 792 -12.54 -17.85 23.19
N LEU A 793 -13.67 -17.20 23.47
CA LEU A 793 -14.60 -16.78 22.42
C LEU A 793 -14.29 -15.40 21.88
N SER A 794 -13.54 -14.62 22.65
CA SER A 794 -13.13 -13.27 22.28
C SER A 794 -11.92 -13.35 21.33
N ALA A 795 -11.19 -14.43 21.46
CA ALA A 795 -10.02 -14.71 20.65
C ALA A 795 -10.38 -14.97 19.20
N ALA A 796 -10.10 -14.03 18.32
CA ALA A 796 -10.38 -14.26 16.91
C ALA A 796 -9.49 -15.45 16.53
N PRO A 797 -10.05 -16.45 15.82
CA PRO A 797 -9.33 -17.66 15.39
C PRO A 797 -8.10 -17.45 14.51
N GLN A 798 -7.08 -18.29 14.73
CA GLN A 798 -5.84 -18.22 13.96
C GLN A 798 -5.75 -19.34 12.94
N GLY A 799 -6.84 -20.11 12.82
CA GLY A 799 -6.85 -21.22 11.89
C GLY A 799 -8.21 -21.89 11.85
N THR A 800 -8.37 -22.87 10.97
CA THR A 800 -9.66 -23.56 10.83
C THR A 800 -10.06 -24.22 12.14
N ASP A 801 -9.24 -25.15 12.61
CA ASP A 801 -9.52 -25.84 13.87
C ASP A 801 -9.98 -24.86 14.94
N ASP A 802 -9.30 -23.73 15.04
CA ASP A 802 -9.67 -22.70 16.03
C ASP A 802 -11.12 -22.26 15.83
N ALA A 803 -11.44 -21.82 14.61
CA ALA A 803 -12.78 -21.36 14.28
C ALA A 803 -13.78 -22.47 14.53
N VAL A 804 -13.33 -23.70 14.34
CA VAL A 804 -14.18 -24.86 14.57
C VAL A 804 -14.38 -25.02 16.07
N LYS A 805 -13.29 -25.01 16.83
CA LYS A 805 -13.41 -25.16 18.26
C LYS A 805 -14.29 -24.05 18.82
N GLN A 806 -14.27 -22.87 18.19
CA GLN A 806 -15.08 -21.72 18.66
C GLN A 806 -16.57 -21.89 18.43
N ASN A 807 -16.95 -22.26 17.21
CA ASN A 807 -18.36 -22.43 16.89
C ASN A 807 -18.99 -23.44 17.85
N ASP A 808 -18.33 -24.58 18.06
CA ASP A 808 -18.86 -25.59 18.98
C ASP A 808 -19.13 -24.93 20.34
N LEU A 809 -18.11 -24.27 20.90
CA LEU A 809 -18.23 -23.59 22.18
C LEU A 809 -19.43 -22.67 22.10
N ARG A 810 -19.44 -21.79 21.12
CA ARG A 810 -20.53 -20.86 20.92
C ARG A 810 -21.86 -21.57 21.08
N LYS A 811 -22.00 -22.71 20.41
CA LYS A 811 -23.20 -23.49 20.45
C LYS A 811 -23.59 -23.92 21.88
N SER A 812 -22.73 -24.71 22.54
CA SER A 812 -23.01 -25.18 23.91
C SER A 812 -23.17 -24.07 24.92
N TYR A 813 -22.40 -22.99 24.76
CA TYR A 813 -22.47 -21.85 25.66
C TYR A 813 -23.88 -21.26 25.68
N ILE A 814 -24.42 -21.00 24.51
CA ILE A 814 -25.76 -20.47 24.42
C ILE A 814 -26.72 -21.50 25.03
N SER A 815 -26.71 -22.72 24.49
CA SER A 815 -27.59 -23.79 24.99
C SER A 815 -27.49 -23.98 26.50
N PHE A 816 -26.35 -23.65 27.08
CA PHE A 816 -26.18 -23.78 28.52
C PHE A 816 -27.08 -22.74 29.15
N ILE A 817 -26.83 -21.48 28.81
CA ILE A 817 -27.62 -20.39 29.34
C ILE A 817 -29.11 -20.55 29.05
N LEU A 818 -29.46 -21.17 27.93
CA LEU A 818 -30.87 -21.37 27.64
C LEU A 818 -31.39 -22.38 28.65
N GLN A 819 -30.57 -23.38 28.98
CA GLN A 819 -30.95 -24.41 29.96
C GLN A 819 -31.14 -23.76 31.31
N LEU A 820 -30.13 -23.02 31.76
CA LEU A 820 -30.21 -22.36 33.06
C LEU A 820 -31.58 -21.72 33.21
N LEU A 821 -31.91 -20.81 32.30
CA LEU A 821 -33.19 -20.12 32.33
C LEU A 821 -34.40 -21.06 32.24
N ASN A 822 -34.38 -21.99 31.29
CA ASN A 822 -35.52 -22.91 31.11
C ASN A 822 -35.72 -23.92 32.24
N LYS A 823 -34.70 -24.13 33.06
CA LYS A 823 -34.81 -25.10 34.14
C LYS A 823 -34.98 -24.42 35.48
N GLY A 824 -34.88 -23.09 35.47
CA GLY A 824 -35.05 -22.31 36.69
C GLY A 824 -33.77 -22.05 37.44
N PHE A 825 -32.86 -21.31 36.82
CA PHE A 825 -31.57 -21.02 37.44
C PHE A 825 -31.16 -19.55 37.47
N GLY A 826 -31.86 -18.71 36.72
CA GLY A 826 -31.54 -17.28 36.62
C GLY A 826 -31.05 -16.55 37.87
N SER A 827 -31.60 -16.95 39.01
CA SER A 827 -31.24 -16.35 40.29
C SER A 827 -29.75 -16.44 40.61
N ILE A 828 -29.09 -17.48 40.15
CA ILE A 828 -27.67 -17.69 40.39
C ILE A 828 -26.78 -16.63 39.74
N LEU A 829 -27.17 -16.19 38.54
CA LEU A 829 -26.41 -15.17 37.81
C LEU A 829 -26.27 -13.93 38.70
N PHE A 830 -27.25 -13.76 39.59
CA PHE A 830 -27.30 -12.61 40.47
C PHE A 830 -26.60 -12.79 41.83
N THR A 831 -26.37 -14.04 42.23
CA THR A 831 -25.66 -14.27 43.48
C THR A 831 -24.35 -13.53 43.21
N GLU A 832 -24.03 -12.63 44.13
CA GLU A 832 -22.84 -11.78 44.06
C GLU A 832 -21.61 -12.42 43.40
N GLU A 833 -21.56 -13.74 43.39
CA GLU A 833 -20.43 -14.43 42.79
C GLU A 833 -20.39 -14.11 41.28
N ASN A 834 -21.55 -13.74 40.71
CA ASN A 834 -21.63 -13.45 39.29
C ASN A 834 -22.25 -12.09 38.90
N GLN A 835 -22.25 -11.14 39.84
CA GLN A 835 -22.79 -9.80 39.61
C GLN A 835 -22.04 -9.09 38.49
N VAL A 836 -20.72 -9.00 38.61
CA VAL A 836 -19.89 -8.34 37.60
C VAL A 836 -20.00 -9.05 36.26
N TYR A 837 -20.64 -10.22 36.28
CA TYR A 837 -20.76 -10.97 35.06
C TYR A 837 -22.06 -10.90 34.28
N PHE A 838 -23.09 -10.30 34.85
CA PHE A 838 -24.36 -10.22 34.14
C PHE A 838 -24.29 -9.40 32.85
N ASP A 839 -23.87 -8.14 32.95
CA ASP A 839 -23.78 -7.24 31.79
C ASP A 839 -23.17 -7.88 30.53
N PRO A 840 -21.93 -8.39 30.63
CA PRO A 840 -21.26 -9.02 29.49
C PRO A 840 -21.93 -10.30 28.99
N LEU A 841 -22.52 -11.06 29.90
CA LEU A 841 -23.19 -12.29 29.49
C LEU A 841 -24.26 -11.96 28.46
N ILE A 842 -25.08 -10.96 28.79
CA ILE A 842 -26.17 -10.52 27.91
C ILE A 842 -25.60 -10.03 26.57
N ASN A 843 -24.57 -9.18 26.63
CA ASN A 843 -23.94 -8.66 25.42
C ASN A 843 -23.25 -9.78 24.64
N SER A 844 -22.73 -10.77 25.37
CA SER A 844 -22.08 -11.92 24.76
C SER A 844 -23.08 -12.40 23.74
N ILE A 845 -24.22 -12.82 24.27
CA ILE A 845 -25.34 -13.32 23.49
C ILE A 845 -25.80 -12.33 22.42
N LEU A 846 -25.75 -11.05 22.74
CA LEU A 846 -26.15 -10.03 21.78
C LEU A 846 -25.13 -9.92 20.65
N HIS A 847 -23.90 -10.31 20.93
CA HIS A 847 -22.88 -10.25 19.92
C HIS A 847 -23.02 -11.41 18.94
N PHE A 848 -23.29 -12.60 19.46
CA PHE A 848 -23.43 -13.80 18.61
C PHE A 848 -24.57 -13.65 17.62
N ALA A 849 -25.49 -12.75 17.92
CA ALA A 849 -26.65 -12.52 17.05
C ALA A 849 -26.34 -11.61 15.87
N ASN A 850 -25.35 -10.73 16.02
CA ASN A 850 -25.02 -9.83 14.93
C ASN A 850 -23.85 -10.35 14.11
N LEU A 851 -23.37 -11.55 14.40
CA LEU A 851 -22.22 -12.07 13.68
C LEU A 851 -22.29 -12.05 12.16
N VAL A 852 -23.04 -12.98 11.58
CA VAL A 852 -23.14 -13.05 10.12
C VAL A 852 -23.63 -11.72 9.53
N PRO A 855 -26.41 -18.24 11.26
CA PRO A 855 -27.82 -18.42 11.58
C PRO A 855 -28.00 -19.21 12.88
N ALA A 856 -27.22 -20.27 13.05
CA ALA A 856 -27.31 -21.05 14.27
C ALA A 856 -26.94 -20.10 15.40
N THR A 857 -26.14 -19.11 15.06
CA THR A 857 -25.71 -18.12 16.02
C THR A 857 -26.82 -17.07 16.19
N GLN A 858 -27.60 -16.84 15.15
CA GLN A 858 -28.62 -15.84 15.24
C GLN A 858 -29.98 -16.39 15.67
N LYS A 859 -30.32 -17.60 15.27
CA LYS A 859 -31.63 -18.13 15.63
C LYS A 859 -31.64 -18.54 17.09
N SER A 860 -30.57 -19.15 17.56
CA SER A 860 -30.63 -19.56 18.95
C SER A 860 -30.14 -18.45 19.86
N SER A 861 -29.25 -17.61 19.35
CA SER A 861 -28.73 -16.52 20.16
C SER A 861 -29.79 -15.45 20.30
N ILE A 862 -30.54 -15.20 19.22
CA ILE A 862 -31.61 -14.20 19.25
C ILE A 862 -32.73 -14.67 20.15
N ALA A 863 -32.91 -15.99 20.21
CA ALA A 863 -33.94 -16.61 21.03
C ALA A 863 -33.60 -16.45 22.52
N LEU A 864 -32.34 -16.71 22.88
CA LEU A 864 -31.89 -16.59 24.27
C LEU A 864 -32.07 -15.14 24.69
N VAL A 865 -31.74 -14.23 23.77
CA VAL A 865 -31.89 -12.80 23.97
C VAL A 865 -33.34 -12.42 24.31
N SER A 866 -34.28 -13.23 23.83
CA SER A 866 -35.71 -12.99 24.05
C SER A 866 -36.21 -13.46 25.40
N LYS A 867 -35.84 -14.68 25.78
CA LYS A 867 -36.24 -15.24 27.07
C LYS A 867 -35.64 -14.33 28.15
N MET A 868 -34.49 -13.76 27.84
CA MET A 868 -33.83 -12.89 28.79
C MET A 868 -34.69 -11.67 29.05
N VAL A 869 -35.54 -11.30 28.11
CA VAL A 869 -36.38 -10.13 28.32
C VAL A 869 -37.59 -10.48 29.17
N SER A 870 -38.20 -11.63 28.86
CA SER A 870 -39.38 -12.10 29.58
C SER A 870 -39.07 -12.40 31.04
N LEU A 871 -37.86 -12.85 31.33
CA LEU A 871 -37.49 -13.18 32.69
C LEU A 871 -37.12 -11.92 33.48
N TRP A 872 -36.75 -10.86 32.79
CA TRP A 872 -36.37 -9.65 33.47
C TRP A 872 -37.22 -8.51 32.90
N GLY A 873 -38.53 -8.61 33.13
CA GLY A 873 -39.48 -7.63 32.62
C GLY A 873 -39.82 -6.34 33.32
N GLY A 874 -39.09 -5.96 34.37
CA GLY A 874 -39.38 -4.72 35.07
C GLY A 874 -38.10 -4.06 35.53
N LYS A 875 -37.97 -2.74 35.37
CA LYS A 875 -36.76 -2.03 35.79
C LYS A 875 -36.36 -2.30 37.25
N ASP A 876 -37.21 -3.05 37.95
CA ASP A 876 -37.01 -3.38 39.36
C ASP A 876 -35.75 -4.18 39.68
N GLY A 877 -34.64 -3.48 39.93
CA GLY A 877 -33.40 -4.16 40.28
C GLY A 877 -32.37 -4.26 39.18
N ILE A 878 -32.80 -4.60 37.96
CA ILE A 878 -31.89 -4.74 36.83
C ILE A 878 -31.54 -3.38 36.24
N ALA A 879 -30.37 -2.88 36.60
CA ALA A 879 -29.91 -1.58 36.16
C ALA A 879 -29.29 -1.54 34.76
N GLY A 880 -29.42 -2.63 34.02
CA GLY A 880 -28.84 -2.62 32.69
C GLY A 880 -29.65 -3.54 31.83
N PHE A 881 -30.96 -3.55 32.08
CA PHE A 881 -31.81 -4.41 31.29
C PHE A 881 -32.70 -3.54 30.44
N GLU A 882 -32.68 -2.25 30.71
CA GLU A 882 -33.49 -1.32 29.95
C GLU A 882 -32.67 -0.95 28.73
N ASN A 883 -31.52 -0.34 29.00
CA ASN A 883 -30.62 0.09 27.96
C ASN A 883 -30.22 -1.11 27.12
N PHE A 884 -30.23 -2.29 27.73
CA PHE A 884 -29.89 -3.50 27.00
C PHE A 884 -31.11 -3.87 26.16
N THR A 885 -32.27 -3.79 26.79
CA THR A 885 -33.51 -4.11 26.11
C THR A 885 -33.65 -3.12 24.97
N LEU A 886 -33.46 -1.86 25.31
CA LEU A 886 -33.55 -0.79 24.33
C LEU A 886 -32.41 -0.89 23.31
N SER A 887 -31.24 -1.38 23.76
CA SER A 887 -30.09 -1.52 22.87
C SER A 887 -30.30 -2.61 21.83
N LEU A 888 -31.29 -3.46 22.06
CA LEU A 888 -31.57 -4.54 21.13
C LEU A 888 -32.31 -4.05 19.90
N THR A 889 -32.75 -2.79 19.96
CA THR A 889 -33.50 -2.18 18.87
C THR A 889 -32.70 -2.12 17.57
N PRO A 890 -31.56 -1.43 17.59
CA PRO A 890 -30.76 -1.34 16.36
C PRO A 890 -30.55 -2.70 15.72
N LEU A 891 -30.53 -3.73 16.56
CA LEU A 891 -30.38 -5.10 16.09
C LEU A 891 -31.61 -5.48 15.29
N CYS A 892 -32.77 -5.25 15.90
CA CYS A 892 -34.06 -5.55 15.31
C CYS A 892 -34.41 -4.73 14.06
N PHE A 893 -33.70 -3.65 13.80
CA PHE A 893 -34.00 -2.82 12.64
C PHE A 893 -32.83 -2.46 11.72
N GLU A 894 -31.61 -2.80 12.10
CA GLU A 894 -30.48 -2.42 11.26
C GLU A 894 -29.67 -3.61 10.80
N MET A 895 -29.70 -4.68 11.58
CA MET A 895 -28.92 -5.85 11.23
C MET A 895 -29.16 -6.30 9.80
N PRO A 896 -30.38 -6.73 9.50
CA PRO A 896 -30.72 -7.21 8.15
C PRO A 896 -30.52 -6.22 6.99
N VAL A 897 -29.78 -5.15 7.21
CA VAL A 897 -29.53 -4.21 6.12
C VAL A 897 -28.49 -4.84 5.21
N ASN A 898 -27.29 -5.07 5.74
CA ASN A 898 -26.21 -5.68 4.95
C ASN A 898 -26.69 -6.96 4.28
N GLN A 907 -34.08 -19.43 6.69
CA GLN A 907 -32.83 -19.32 7.44
C GLN A 907 -32.67 -17.88 7.87
N SER A 908 -33.11 -16.97 7.00
CA SER A 908 -33.04 -15.56 7.29
C SER A 908 -34.37 -15.16 7.91
N LEU A 909 -35.37 -16.01 7.72
CA LEU A 909 -36.68 -15.75 8.28
C LEU A 909 -36.68 -16.16 9.74
N VAL A 910 -36.04 -17.30 10.05
CA VAL A 910 -35.98 -17.71 11.45
C VAL A 910 -35.19 -16.58 12.11
N VAL A 911 -34.21 -16.06 11.37
CA VAL A 911 -33.38 -14.96 11.83
C VAL A 911 -34.24 -13.72 12.03
N LEU A 912 -35.06 -13.39 11.04
CA LEU A 912 -35.94 -12.22 11.15
C LEU A 912 -37.14 -12.57 12.01
N GLY A 913 -37.60 -13.80 11.91
CA GLY A 913 -38.74 -14.23 12.69
C GLY A 913 -38.51 -14.05 14.17
N GLU A 914 -37.34 -14.44 14.64
CA GLU A 914 -37.06 -14.31 16.05
C GLU A 914 -36.61 -12.90 16.37
N LEU A 915 -36.22 -12.16 15.34
CA LEU A 915 -35.82 -10.80 15.57
C LEU A 915 -37.09 -10.05 15.95
N ALA A 916 -38.21 -10.47 15.37
CA ALA A 916 -39.51 -9.85 15.65
C ALA A 916 -39.98 -10.25 17.03
N GLY A 917 -39.83 -11.53 17.35
CA GLY A 917 -40.22 -12.00 18.66
C GLY A 917 -39.66 -11.12 19.76
N LEU A 918 -38.40 -10.70 19.62
CA LEU A 918 -37.77 -9.84 20.61
C LEU A 918 -38.54 -8.54 20.61
N GLN A 919 -38.86 -8.05 19.42
CA GLN A 919 -39.62 -6.81 19.31
C GLN A 919 -40.91 -6.97 20.09
N LYS A 920 -41.64 -8.05 19.82
CA LYS A 920 -42.90 -8.32 20.49
C LYS A 920 -42.84 -8.38 22.01
N ILE A 921 -41.96 -9.22 22.56
CA ILE A 921 -41.84 -9.37 24.02
C ILE A 921 -41.51 -8.02 24.66
N ILE A 922 -40.59 -7.28 24.06
CA ILE A 922 -40.21 -5.97 24.57
C ILE A 922 -41.52 -5.21 24.59
N LEU A 923 -42.22 -5.30 23.46
CA LEU A 923 -43.49 -4.64 23.23
C LEU A 923 -44.62 -4.91 24.23
N GLU A 924 -44.49 -5.93 25.07
CA GLU A 924 -45.58 -6.19 26.00
C GLU A 924 -45.30 -5.77 27.45
N SER A 932 -43.07 3.96 21.31
CA SER A 932 -42.58 4.10 22.67
C SER A 932 -41.22 4.81 22.60
N TYR A 933 -40.21 4.25 23.26
CA TYR A 933 -38.87 4.87 23.23
C TYR A 933 -38.42 4.98 21.78
N LEU A 934 -39.03 4.16 20.94
CA LEU A 934 -38.71 4.14 19.53
C LEU A 934 -39.22 5.39 18.80
N VAL A 935 -40.41 5.86 19.14
CA VAL A 935 -40.98 7.04 18.49
C VAL A 935 -40.18 8.31 18.72
N THR A 936 -39.95 8.63 19.98
CA THR A 936 -39.20 9.82 20.39
C THR A 936 -37.75 9.75 19.99
N VAL A 937 -37.14 8.65 20.42
CA VAL A 937 -35.71 8.40 20.27
C VAL A 937 -35.11 7.69 19.05
N TYR A 938 -35.67 6.55 18.66
CA TYR A 938 -35.15 5.76 17.54
C TYR A 938 -35.36 6.31 16.12
N PHE A 939 -36.62 6.41 15.67
CA PHE A 939 -36.90 6.93 14.34
C PHE A 939 -36.13 8.22 14.09
N PRO A 940 -36.13 9.14 15.07
CA PRO A 940 -35.39 10.40 14.90
C PRO A 940 -33.91 10.21 14.56
N THR A 941 -33.25 9.25 15.19
CA THR A 941 -31.83 9.04 14.88
C THR A 941 -31.68 8.50 13.45
N VAL A 942 -32.39 7.42 13.13
CA VAL A 942 -32.30 6.86 11.78
C VAL A 942 -33.11 7.75 10.84
N ASN A 943 -32.82 7.73 9.54
CA ASN A 943 -33.61 8.57 8.65
C ASN A 943 -35.06 8.19 8.95
N PHE A 944 -35.83 9.20 9.32
CA PHE A 944 -37.22 9.04 9.72
C PHE A 944 -38.23 8.75 8.61
N PRO A 945 -38.81 7.54 8.61
CA PRO A 945 -39.81 7.12 7.62
C PRO A 945 -41.20 7.16 8.26
N ASP A 946 -41.88 8.30 8.13
CA ASP A 946 -43.21 8.50 8.70
C ASP A 946 -44.20 7.38 8.37
N VAL A 947 -44.21 6.96 7.11
CA VAL A 947 -45.13 5.91 6.69
C VAL A 947 -44.84 4.59 7.37
N MET A 948 -43.57 4.20 7.38
CA MET A 948 -43.18 2.94 7.97
C MET A 948 -43.19 2.92 9.49
N ALA A 949 -42.98 4.09 10.11
CA ALA A 949 -42.95 4.17 11.57
C ALA A 949 -44.27 3.92 12.27
N SER A 950 -45.37 4.23 11.62
CA SER A 950 -46.67 4.02 12.24
C SER A 950 -47.24 2.66 11.89
N GLU A 951 -46.74 2.06 10.81
CA GLU A 951 -47.22 0.75 10.42
C GLU A 951 -46.55 -0.28 11.31
N TYR A 952 -45.39 0.09 11.87
CA TYR A 952 -44.68 -0.82 12.77
C TYR A 952 -45.42 -0.88 14.09
N LEU A 953 -45.83 0.28 14.59
CA LEU A 953 -46.54 0.34 15.86
C LEU A 953 -47.92 -0.30 15.74
N GLN A 954 -48.50 -0.24 14.55
CA GLN A 954 -49.81 -0.85 14.35
C GLN A 954 -49.66 -2.38 14.43
N ALA A 955 -48.54 -2.86 13.92
CA ALA A 955 -48.26 -4.30 13.91
C ALA A 955 -48.04 -4.81 15.32
N LEU A 956 -47.27 -4.07 16.11
CA LEU A 956 -46.96 -4.44 17.48
C LEU A 956 -48.21 -4.34 18.34
N SER A 957 -48.99 -3.29 18.12
CA SER A 957 -50.19 -3.04 18.89
C SER A 957 -51.39 -3.91 18.57
N ASN A 958 -51.74 -4.01 17.29
CA ASN A 958 -52.93 -4.77 16.92
C ASN A 958 -52.81 -6.15 16.30
N LEU A 959 -51.61 -6.61 15.98
CA LEU A 959 -51.50 -7.93 15.34
C LEU A 959 -51.23 -9.09 16.30
N SER A 961 -49.43 -13.77 18.10
CA SER A 961 -48.04 -13.72 17.67
C SER A 961 -47.94 -13.70 16.15
N ARG A 962 -48.67 -14.60 15.50
CA ARG A 962 -48.68 -14.75 14.05
C ARG A 962 -48.68 -13.49 13.17
N SER A 963 -49.67 -12.63 13.34
CA SER A 963 -49.78 -11.41 12.54
C SER A 963 -48.55 -10.49 12.52
N PHE A 964 -47.95 -10.24 13.69
CA PHE A 964 -46.80 -9.37 13.75
C PHE A 964 -45.61 -9.86 12.93
N LYS A 965 -45.45 -11.18 12.85
CA LYS A 965 -44.35 -11.75 12.10
C LYS A 965 -44.44 -11.32 10.63
N GLN A 966 -45.62 -11.50 10.05
CA GLN A 966 -45.84 -11.13 8.65
C GLN A 966 -45.44 -9.68 8.38
N PHE A 967 -46.06 -8.77 9.11
CA PHE A 967 -45.77 -7.35 8.94
C PHE A 967 -44.26 -7.16 8.88
N PHE A 968 -43.61 -7.62 9.94
CA PHE A 968 -42.17 -7.51 10.14
C PHE A 968 -41.26 -7.97 8.98
N GLN A 969 -41.53 -9.15 8.42
CA GLN A 969 -40.71 -9.65 7.33
C GLN A 969 -40.92 -8.82 6.06
N LYS A 970 -42.18 -8.61 5.72
CA LYS A 970 -42.52 -7.83 4.54
C LYS A 970 -42.00 -6.41 4.72
N PHE A 971 -42.13 -5.93 5.95
CA PHE A 971 -41.71 -4.59 6.36
C PHE A 971 -40.25 -4.29 6.08
N ILE A 972 -39.39 -5.15 6.62
CA ILE A 972 -37.96 -5.00 6.47
C ILE A 972 -37.47 -5.16 5.03
N GLN A 973 -37.96 -6.19 4.34
CA GLN A 973 -37.55 -6.42 2.96
C GLN A 973 -37.84 -5.13 2.21
N ALA A 974 -38.90 -4.45 2.65
CA ALA A 974 -39.30 -3.18 2.07
C ALA A 974 -38.35 -2.09 2.53
N LEU A 975 -38.19 -1.96 3.84
CA LEU A 975 -37.29 -0.97 4.40
C LEU A 975 -35.92 -1.13 3.74
N LYS A 976 -35.54 -2.38 3.51
CA LYS A 976 -34.27 -2.71 2.89
C LYS A 976 -34.32 -2.46 1.38
N SER A 977 -35.53 -2.43 0.82
CA SER A 977 -35.67 -2.19 -0.61
C SER A 977 -36.42 -0.90 -0.90
N PRO B 3 13.30 -38.63 -13.10
CA PRO B 3 11.95 -38.34 -13.65
C PRO B 3 11.22 -37.34 -12.77
N THR B 4 11.48 -36.06 -13.01
CA THR B 4 10.86 -34.99 -12.25
C THR B 4 9.77 -34.32 -13.07
N PHE B 5 8.65 -34.01 -12.42
CA PHE B 5 7.51 -33.37 -13.05
C PHE B 5 7.08 -32.10 -12.32
N LYS B 6 6.78 -31.03 -13.05
CA LYS B 6 6.33 -29.80 -12.42
C LYS B 6 4.82 -29.87 -12.16
N LEU B 7 4.45 -29.69 -10.90
CA LEU B 7 3.07 -29.74 -10.45
C LEU B 7 2.73 -28.40 -9.80
N VAL B 8 1.83 -27.62 -10.40
CA VAL B 8 1.46 -26.37 -9.76
C VAL B 8 0.22 -26.63 -8.91
N LEU B 9 0.23 -26.18 -7.66
CA LEU B 9 -0.92 -26.36 -6.75
C LEU B 9 -1.61 -25.01 -6.59
N VAL B 10 -2.85 -24.95 -7.03
CA VAL B 10 -3.56 -23.69 -6.95
C VAL B 10 -4.92 -23.90 -6.34
N GLY B 11 -5.42 -22.88 -5.67
CA GLY B 11 -6.74 -22.94 -5.04
C GLY B 11 -6.99 -21.58 -4.46
N ASP B 12 -8.15 -21.37 -3.86
CA ASP B 12 -8.44 -20.07 -3.26
C ASP B 12 -7.61 -19.90 -1.97
N GLY B 13 -7.62 -18.73 -1.35
CA GLY B 13 -6.84 -18.58 -0.13
C GLY B 13 -7.50 -19.27 1.05
N GLY B 14 -6.71 -19.90 1.91
CA GLY B 14 -7.28 -20.58 3.08
C GLY B 14 -7.85 -21.97 2.87
N THR B 15 -7.56 -22.57 1.73
CA THR B 15 -8.06 -23.90 1.42
C THR B 15 -7.15 -25.02 1.89
N GLY B 16 -5.97 -24.69 2.38
CA GLY B 16 -5.07 -25.73 2.88
C GLY B 16 -4.00 -26.26 1.95
N LYS B 17 -3.68 -25.53 0.90
CA LYS B 17 -2.67 -25.97 -0.06
C LYS B 17 -1.30 -26.22 0.61
N THR B 18 -0.82 -25.23 1.35
CA THR B 18 0.46 -25.31 2.04
C THR B 18 0.50 -26.41 3.07
N THR B 19 -0.58 -26.52 3.85
CA THR B 19 -0.72 -27.54 4.88
C THR B 19 -0.55 -28.89 4.21
N PHE B 20 -1.33 -29.09 3.16
CA PHE B 20 -1.29 -30.31 2.39
C PHE B 20 0.16 -30.64 2.07
N VAL B 21 0.90 -29.63 1.63
CA VAL B 21 2.31 -29.79 1.28
C VAL B 21 3.14 -30.19 2.49
N LYS B 22 3.05 -29.40 3.56
CA LYS B 22 3.81 -29.69 4.76
C LYS B 22 3.55 -31.13 5.19
N ARG B 23 2.27 -31.49 5.29
CA ARG B 23 1.90 -32.83 5.71
C ARG B 23 2.75 -33.89 4.99
N HIS B 24 2.90 -33.73 3.67
CA HIS B 24 3.68 -34.69 2.90
C HIS B 24 5.18 -34.48 2.95
N LEU B 25 5.62 -33.25 3.20
CA LEU B 25 7.06 -33.00 3.27
C LEU B 25 7.60 -33.38 4.66
N THR B 26 6.94 -32.91 5.72
CA THR B 26 7.41 -33.20 7.09
C THR B 26 6.50 -34.11 7.93
N GLY B 27 5.22 -34.17 7.58
CA GLY B 27 4.32 -35.00 8.35
C GLY B 27 3.61 -34.18 9.41
N GLU B 28 4.04 -32.93 9.57
CA GLU B 28 3.43 -32.04 10.55
C GLU B 28 2.15 -31.43 10.00
N PHE B 29 1.20 -31.18 10.89
CA PHE B 29 -0.07 -30.54 10.54
C PHE B 29 -0.12 -29.16 11.22
N GLU B 30 -0.01 -28.09 10.43
CA GLU B 30 -0.04 -26.75 10.99
C GLU B 30 -1.44 -26.20 11.21
N LYS B 31 -1.79 -26.01 12.48
CA LYS B 31 -3.10 -25.51 12.86
C LYS B 31 -3.31 -24.01 12.70
N LYS B 32 -2.22 -23.25 12.53
CA LYS B 32 -2.34 -21.81 12.38
C LYS B 32 -2.29 -21.43 10.90
N TYR B 33 -3.04 -20.41 10.50
CA TYR B 33 -3.06 -20.02 9.10
C TYR B 33 -2.09 -18.89 8.80
N ILE B 34 -1.07 -19.20 8.01
CA ILE B 34 -0.11 -18.20 7.60
C ILE B 34 -0.17 -18.17 6.09
N ALA B 35 -0.87 -17.17 5.56
CA ALA B 35 -1.03 -17.02 4.13
C ALA B 35 0.30 -17.03 3.41
N THR B 36 0.40 -17.87 2.40
CA THR B 36 1.61 -18.01 1.61
C THR B 36 1.70 -16.75 0.75
N ILE B 37 2.91 -16.37 0.39
CA ILE B 37 3.10 -15.17 -0.42
C ILE B 37 4.02 -15.45 -1.61
N GLY B 38 3.56 -15.05 -2.79
CA GLY B 38 4.33 -15.30 -4.00
C GLY B 38 4.17 -16.78 -4.29
N VAL B 39 5.18 -17.57 -3.98
CA VAL B 39 5.12 -19.00 -4.19
C VAL B 39 6.20 -19.66 -3.39
N GLU B 40 5.89 -20.81 -2.78
CA GLU B 40 6.90 -21.56 -2.05
C GLU B 40 7.07 -22.82 -2.88
N VAL B 41 8.29 -23.32 -3.01
CA VAL B 41 8.45 -24.51 -3.81
C VAL B 41 9.29 -25.58 -3.13
N HIS B 42 8.67 -26.74 -2.93
CA HIS B 42 9.32 -27.86 -2.29
C HIS B 42 9.30 -29.08 -3.19
N PRO B 43 10.41 -29.82 -3.20
CA PRO B 43 10.52 -31.02 -4.02
C PRO B 43 10.00 -32.27 -3.36
N LEU B 44 8.68 -32.37 -3.22
CA LEU B 44 8.05 -33.55 -2.62
C LEU B 44 8.41 -34.71 -3.54
N SER B 45 8.67 -35.89 -2.97
CA SER B 45 9.03 -37.04 -3.80
C SER B 45 8.21 -38.27 -3.41
N PHE B 46 8.34 -39.33 -4.20
CA PHE B 46 7.59 -40.56 -3.92
C PHE B 46 8.27 -41.84 -4.40
N TYR B 47 7.68 -42.97 -3.98
CA TYR B 47 8.15 -44.30 -4.33
C TYR B 47 7.05 -45.00 -5.14
N THR B 48 7.42 -45.97 -5.97
CA THR B 48 6.46 -46.70 -6.79
C THR B 48 7.04 -48.06 -7.17
N ASN B 49 6.17 -49.00 -7.53
CA ASN B 49 6.61 -50.33 -7.91
C ASN B 49 7.70 -50.25 -8.97
N PHE B 50 7.52 -49.35 -9.93
CA PHE B 50 8.47 -49.20 -11.02
C PHE B 50 9.62 -48.23 -10.77
N GLY B 51 9.49 -47.34 -9.79
CA GLY B 51 10.59 -46.44 -9.53
C GLY B 51 10.30 -45.26 -8.64
N GLU B 52 11.13 -44.22 -8.73
CA GLU B 52 10.97 -43.02 -7.93
C GLU B 52 10.56 -41.83 -8.79
N ILE B 53 9.39 -41.28 -8.47
CA ILE B 53 8.87 -40.13 -9.17
C ILE B 53 8.98 -38.93 -8.26
N LYS B 54 9.57 -37.86 -8.77
CA LYS B 54 9.71 -36.62 -8.00
C LYS B 54 8.68 -35.62 -8.53
N PHE B 55 8.12 -34.82 -7.62
CA PHE B 55 7.14 -33.81 -7.99
C PHE B 55 7.58 -32.45 -7.47
N ASP B 56 7.96 -31.54 -8.37
CA ASP B 56 8.35 -30.21 -7.90
C ASP B 56 7.08 -29.39 -7.74
N VAL B 57 6.62 -29.32 -6.49
CA VAL B 57 5.40 -28.62 -6.17
C VAL B 57 5.55 -27.12 -6.02
N TRP B 58 4.78 -26.40 -6.82
CA TRP B 58 4.79 -24.95 -6.77
C TRP B 58 3.59 -24.46 -6.00
N ASP B 59 3.72 -24.44 -4.68
CA ASP B 59 2.65 -23.97 -3.84
C ASP B 59 2.38 -22.50 -4.15
N THR B 60 1.27 -22.22 -4.83
CA THR B 60 0.91 -20.84 -5.18
C THR B 60 0.02 -20.19 -4.12
N ALA B 61 0.02 -18.87 -4.08
CA ALA B 61 -0.83 -18.18 -3.13
C ALA B 61 -2.16 -17.92 -3.83
N GLY B 62 -3.26 -18.14 -3.11
CA GLY B 62 -4.57 -17.92 -3.67
C GLY B 62 -5.18 -16.64 -3.14
N LEU B 63 -4.35 -15.87 -2.46
CA LEU B 63 -4.80 -14.63 -1.91
C LEU B 63 -4.62 -13.56 -2.98
N GLU B 64 -5.66 -12.76 -3.20
CA GLU B 64 -5.56 -11.70 -4.20
C GLU B 64 -4.36 -10.83 -3.85
N LYS B 65 -4.19 -10.57 -2.56
CA LYS B 65 -3.11 -9.72 -2.08
C LYS B 65 -1.69 -10.21 -2.38
N PHE B 66 -1.38 -11.45 -2.02
CA PHE B 66 -0.02 -11.97 -2.18
C PHE B 66 0.26 -12.95 -3.32
N GLY B 67 -0.47 -12.86 -4.42
CA GLY B 67 -0.17 -13.80 -5.47
C GLY B 67 0.53 -13.15 -6.64
N GLY B 68 1.54 -12.33 -6.41
CA GLY B 68 2.21 -11.70 -7.53
C GLY B 68 2.57 -12.83 -8.48
N LEU B 69 2.65 -12.54 -9.79
CA LEU B 69 2.99 -13.53 -10.83
C LEU B 69 1.98 -14.67 -10.76
N ARG B 70 0.71 -14.33 -10.60
CA ARG B 70 -0.31 -15.33 -10.41
C ARG B 70 -0.39 -16.47 -11.40
N ASP B 71 -0.42 -16.15 -12.68
CA ASP B 71 -0.51 -17.17 -13.72
C ASP B 71 0.85 -17.48 -14.28
N GLY B 72 1.82 -16.63 -13.96
CA GLY B 72 3.16 -16.84 -14.46
C GLY B 72 3.68 -18.18 -14.01
N TYR B 73 3.44 -18.50 -12.75
CA TYR B 73 3.92 -19.75 -12.17
C TYR B 73 3.46 -21.03 -12.89
N TYR B 74 2.40 -20.97 -13.69
CA TYR B 74 1.90 -22.17 -14.38
C TYR B 74 2.73 -22.53 -15.61
N ILE B 75 3.72 -21.72 -15.95
CA ILE B 75 4.52 -21.99 -17.15
C ILE B 75 5.29 -23.30 -17.07
N ASN B 76 5.18 -24.09 -18.13
CA ASN B 76 5.89 -25.35 -18.22
C ASN B 76 5.50 -26.30 -17.11
N ALA B 77 4.31 -26.10 -16.55
CA ALA B 77 3.84 -26.99 -15.50
C ALA B 77 3.47 -28.32 -16.18
N GLN B 78 3.69 -29.44 -15.50
CA GLN B 78 3.37 -30.73 -16.09
C GLN B 78 2.12 -31.39 -15.54
N CYS B 79 1.62 -30.85 -14.45
CA CYS B 79 0.39 -31.34 -13.83
C CYS B 79 -0.06 -30.31 -12.80
N ALA B 80 -1.18 -30.57 -12.14
CA ALA B 80 -1.68 -29.62 -11.17
C ALA B 80 -2.78 -30.17 -10.30
N ILE B 81 -3.00 -29.50 -9.17
CA ILE B 81 -4.03 -29.87 -8.25
C ILE B 81 -4.81 -28.58 -8.04
N ILE B 82 -6.13 -28.65 -8.10
CA ILE B 82 -6.93 -27.46 -7.87
C ILE B 82 -7.64 -27.80 -6.58
N MET B 83 -7.35 -27.03 -5.53
CA MET B 83 -7.89 -27.26 -4.19
C MET B 83 -8.96 -26.28 -3.69
N PHE B 84 -10.01 -26.81 -3.06
CA PHE B 84 -11.04 -25.96 -2.47
C PHE B 84 -11.38 -26.40 -1.03
N ASP B 85 -11.94 -25.48 -0.25
CA ASP B 85 -12.29 -25.76 1.15
C ASP B 85 -13.75 -26.19 1.25
N VAL B 86 -13.99 -27.36 1.82
CA VAL B 86 -15.36 -27.83 1.95
C VAL B 86 -16.10 -27.05 3.04
N THR B 87 -15.34 -26.36 3.88
CA THR B 87 -15.91 -25.55 4.95
C THR B 87 -16.34 -24.22 4.35
N SER B 88 -15.60 -23.75 3.35
CA SER B 88 -15.87 -22.47 2.70
C SER B 88 -16.46 -22.63 1.29
N ARG B 89 -17.74 -22.30 1.19
CA ARG B 89 -18.50 -22.40 -0.05
C ARG B 89 -17.89 -21.73 -1.27
N ILE B 90 -17.64 -20.43 -1.17
CA ILE B 90 -17.10 -19.71 -2.30
C ILE B 90 -15.80 -20.27 -2.87
N THR B 91 -15.04 -21.01 -2.07
CA THR B 91 -13.78 -21.54 -2.58
C THR B 91 -14.02 -22.62 -3.63
N TYR B 92 -15.29 -22.95 -3.84
CA TYR B 92 -15.69 -23.94 -4.83
C TYR B 92 -16.26 -23.15 -6.01
N LYS B 93 -17.12 -22.18 -5.69
CA LYS B 93 -17.74 -21.31 -6.68
C LYS B 93 -16.67 -20.70 -7.62
N ASN B 94 -15.43 -20.70 -7.15
CA ASN B 94 -14.31 -20.15 -7.90
C ASN B 94 -13.47 -21.25 -8.54
N VAL B 95 -13.73 -22.52 -8.20
CA VAL B 95 -12.92 -23.59 -8.78
C VAL B 95 -12.82 -23.54 -10.30
N PRO B 96 -13.86 -23.06 -11.00
CA PRO B 96 -13.80 -23.00 -12.47
C PRO B 96 -12.62 -22.14 -12.88
N ASN B 97 -12.60 -20.90 -12.38
CA ASN B 97 -11.52 -19.98 -12.67
C ASN B 97 -10.16 -20.68 -12.59
N TRP B 98 -9.75 -21.08 -11.40
CA TRP B 98 -8.46 -21.76 -11.26
C TRP B 98 -8.20 -22.71 -12.43
N HIS B 99 -9.22 -23.46 -12.84
CA HIS B 99 -9.10 -24.38 -13.96
C HIS B 99 -8.88 -23.56 -15.25
N ARG B 100 -9.84 -22.70 -15.53
CA ARG B 100 -9.78 -21.83 -16.71
C ARG B 100 -8.38 -21.25 -16.85
N ASP B 101 -7.87 -20.65 -15.78
CA ASP B 101 -6.54 -20.06 -15.81
C ASP B 101 -5.49 -21.12 -16.16
N LEU B 102 -5.43 -22.16 -15.36
CA LEU B 102 -4.45 -23.23 -15.56
C LEU B 102 -4.35 -23.72 -16.98
N VAL B 103 -5.48 -24.01 -17.61
CA VAL B 103 -5.44 -24.51 -18.97
C VAL B 103 -5.02 -23.46 -19.99
N ARG B 104 -5.23 -22.18 -19.66
CA ARG B 104 -4.87 -21.10 -20.56
C ARG B 104 -3.36 -21.08 -20.83
N VAL B 105 -2.61 -21.52 -19.83
CA VAL B 105 -1.16 -21.57 -19.91
C VAL B 105 -0.73 -22.97 -20.34
N CYS B 106 -1.24 -23.98 -19.64
CA CYS B 106 -0.94 -25.37 -19.93
C CYS B 106 -2.09 -25.97 -20.74
N GLU B 107 -1.88 -26.09 -22.05
CA GLU B 107 -2.88 -26.65 -22.97
C GLU B 107 -3.62 -27.86 -22.41
N ASN B 108 -2.92 -28.98 -22.23
CA ASN B 108 -3.55 -30.17 -21.68
C ASN B 108 -2.69 -30.93 -20.69
N ILE B 109 -2.99 -30.78 -19.40
CA ILE B 109 -2.25 -31.45 -18.35
C ILE B 109 -3.23 -32.17 -17.44
N PRO B 110 -2.76 -33.20 -16.71
CA PRO B 110 -3.63 -33.93 -15.81
C PRO B 110 -3.98 -33.08 -14.60
N ILE B 111 -5.22 -32.61 -14.53
CA ILE B 111 -5.65 -31.78 -13.42
C ILE B 111 -6.48 -32.59 -12.41
N VAL B 112 -6.12 -32.47 -11.14
CA VAL B 112 -6.81 -33.18 -10.07
C VAL B 112 -7.55 -32.17 -9.20
N LEU B 113 -8.86 -32.33 -9.13
CA LEU B 113 -9.70 -31.45 -8.34
C LEU B 113 -9.86 -32.03 -6.92
N CYS B 114 -9.52 -31.26 -5.88
CA CYS B 114 -9.59 -31.75 -4.50
C CYS B 114 -10.36 -30.93 -3.48
N GLY B 115 -11.41 -31.54 -2.92
CA GLY B 115 -12.21 -30.90 -1.89
C GLY B 115 -11.60 -31.21 -0.53
N ASN B 116 -10.89 -30.24 0.03
CA ASN B 116 -10.19 -30.39 1.30
C ASN B 116 -10.98 -30.04 2.55
N LYS B 117 -10.48 -30.53 3.67
CA LYS B 117 -11.04 -30.29 5.00
C LYS B 117 -12.26 -31.16 5.30
N VAL B 118 -12.37 -32.28 4.62
CA VAL B 118 -13.51 -33.16 4.86
C VAL B 118 -13.55 -33.75 6.26
N ASP B 119 -12.59 -33.41 7.12
CA ASP B 119 -12.64 -33.96 8.47
C ASP B 119 -13.68 -33.20 9.29
N VAL B 120 -13.81 -31.91 9.04
CA VAL B 120 -14.80 -31.13 9.76
C VAL B 120 -16.17 -31.58 9.23
N LYS B 121 -17.01 -32.10 10.13
CA LYS B 121 -18.36 -32.62 9.84
C LYS B 121 -19.25 -31.74 8.99
N GLU B 122 -19.69 -30.62 9.55
CA GLU B 122 -20.56 -29.68 8.86
C GLU B 122 -19.90 -29.38 7.53
N ARG B 123 -20.69 -29.01 6.52
CA ARG B 123 -20.11 -28.70 5.23
C ARG B 123 -20.88 -27.66 4.46
N LYS B 124 -20.19 -26.58 4.13
CA LYS B 124 -20.75 -25.45 3.40
C LYS B 124 -20.85 -25.77 1.91
N VAL B 125 -19.88 -26.55 1.43
CA VAL B 125 -19.91 -26.97 0.04
C VAL B 125 -20.50 -28.37 0.12
N LYS B 126 -21.82 -28.45 -0.03
CA LYS B 126 -22.54 -29.71 0.03
C LYS B 126 -22.10 -30.60 -1.12
N ALA B 127 -22.28 -31.90 -0.95
CA ALA B 127 -21.87 -32.88 -1.95
C ALA B 127 -22.63 -32.86 -3.26
N LYS B 128 -23.79 -32.21 -3.28
CA LYS B 128 -24.58 -32.16 -4.52
C LYS B 128 -24.16 -31.05 -5.46
N THR B 129 -23.26 -30.18 -5.01
CA THR B 129 -22.81 -29.07 -5.83
C THR B 129 -21.47 -29.35 -6.52
N ILE B 130 -20.80 -30.38 -6.04
CA ILE B 130 -19.51 -30.72 -6.58
C ILE B 130 -19.65 -31.44 -7.89
N THR B 131 -19.84 -30.67 -8.96
CA THR B 131 -20.02 -31.22 -10.30
C THR B 131 -18.96 -30.84 -11.33
N PHE B 132 -18.07 -29.91 -10.99
CA PHE B 132 -17.07 -29.47 -11.95
C PHE B 132 -16.20 -30.53 -12.63
N HIS B 133 -15.72 -31.50 -11.85
CA HIS B 133 -14.87 -32.58 -12.35
C HIS B 133 -15.59 -33.43 -13.41
N ARG B 134 -16.90 -33.57 -13.26
CA ARG B 134 -17.74 -34.37 -14.17
C ARG B 134 -18.23 -33.60 -15.39
N LYS B 135 -17.91 -32.31 -15.42
CA LYS B 135 -18.29 -31.45 -16.54
C LYS B 135 -17.04 -31.05 -17.28
N LYS B 136 -15.89 -31.30 -16.67
CA LYS B 136 -14.60 -30.96 -17.27
C LYS B 136 -13.67 -32.18 -17.30
N ASN B 137 -14.26 -33.37 -17.27
CA ASN B 137 -13.49 -34.61 -17.29
C ASN B 137 -12.26 -34.52 -16.42
N LEU B 138 -12.46 -34.19 -15.14
CA LEU B 138 -11.36 -34.05 -14.17
C LEU B 138 -11.47 -35.05 -13.04
N GLN B 139 -10.33 -35.57 -12.60
CA GLN B 139 -10.28 -36.53 -11.51
C GLN B 139 -10.56 -35.79 -10.21
N TYR B 140 -11.37 -36.35 -9.33
CA TYR B 140 -11.68 -35.65 -8.08
C TYR B 140 -11.37 -36.51 -6.87
N TYR B 141 -11.16 -35.86 -5.74
CA TYR B 141 -10.86 -36.55 -4.50
C TYR B 141 -11.27 -35.76 -3.26
N ASP B 142 -12.09 -36.38 -2.42
CA ASP B 142 -12.48 -35.76 -1.17
C ASP B 142 -11.24 -36.04 -0.32
N ILE B 143 -10.59 -34.99 0.18
CA ILE B 143 -9.40 -35.22 1.01
C ILE B 143 -9.29 -34.37 2.27
N SER B 144 -8.29 -34.69 3.09
CA SER B 144 -8.05 -33.99 4.35
C SER B 144 -6.57 -34.00 4.74
N ALA B 145 -6.03 -32.80 4.96
CA ALA B 145 -4.64 -32.63 5.34
C ALA B 145 -4.48 -32.93 6.82
N LYS B 146 -5.59 -33.01 7.53
CA LYS B 146 -5.53 -33.28 8.95
C LYS B 146 -5.52 -34.77 9.29
N SER B 147 -6.47 -35.53 8.74
CA SER B 147 -6.53 -36.96 9.02
C SER B 147 -5.81 -37.81 7.98
N ASN B 148 -5.24 -37.16 6.99
CA ASN B 148 -4.52 -37.86 5.93
C ASN B 148 -5.50 -38.66 5.09
N TYR B 149 -6.77 -38.29 5.17
CA TYR B 149 -7.80 -39.00 4.41
C TYR B 149 -7.63 -38.84 2.90
N ASN B 150 -7.21 -39.89 2.21
CA ASN B 150 -7.00 -39.85 0.76
C ASN B 150 -5.80 -38.99 0.40
N PHE B 151 -5.01 -38.61 1.38
CA PHE B 151 -3.90 -37.72 1.11
C PHE B 151 -2.94 -38.13 0.00
N GLU B 152 -2.88 -39.41 -0.36
CA GLU B 152 -1.99 -39.85 -1.44
C GLU B 152 -2.70 -40.11 -2.77
N LYS B 153 -4.03 -40.06 -2.80
CA LYS B 153 -4.77 -40.28 -4.05
C LYS B 153 -4.30 -39.34 -5.16
N PRO B 154 -4.38 -38.02 -4.94
CA PRO B 154 -3.97 -37.03 -5.93
C PRO B 154 -2.61 -37.30 -6.61
N PHE B 155 -1.58 -37.57 -5.82
CA PHE B 155 -0.26 -37.81 -6.39
C PHE B 155 -0.16 -39.10 -7.16
N LEU B 156 -0.76 -40.15 -6.61
CA LEU B 156 -0.77 -41.47 -7.24
C LEU B 156 -1.38 -41.41 -8.64
N TRP B 157 -2.60 -40.88 -8.71
CA TRP B 157 -3.35 -40.73 -9.97
C TRP B 157 -2.48 -40.06 -11.02
N LEU B 158 -2.01 -38.86 -10.70
CA LEU B 158 -1.16 -38.09 -11.59
C LEU B 158 0.06 -38.92 -12.00
N ALA B 159 0.78 -39.45 -11.02
CA ALA B 159 1.95 -40.26 -11.31
C ALA B 159 1.57 -41.40 -12.26
N ARG B 160 0.38 -41.96 -12.06
CA ARG B 160 -0.08 -43.06 -12.91
C ARG B 160 -0.43 -42.62 -14.32
N LYS B 161 -0.58 -41.31 -14.50
CA LYS B 161 -0.88 -40.76 -15.81
C LYS B 161 0.41 -40.25 -16.44
N LEU B 162 1.17 -39.47 -15.70
CA LEU B 162 2.44 -38.96 -16.20
C LEU B 162 3.37 -40.09 -16.61
N ALA B 163 3.09 -41.29 -16.12
CA ALA B 163 3.90 -42.45 -16.44
C ALA B 163 3.13 -43.37 -17.39
N GLY B 164 1.90 -42.97 -17.70
CA GLY B 164 1.07 -43.75 -18.61
C GLY B 164 0.90 -45.19 -18.17
N ASN B 165 1.40 -45.52 -16.98
CA ASN B 165 1.30 -46.87 -16.44
C ASN B 165 0.18 -47.00 -15.42
N PRO B 166 -1.00 -47.44 -15.87
CA PRO B 166 -2.11 -47.59 -14.92
C PRO B 166 -1.70 -48.51 -13.78
N GLN B 167 -0.88 -49.51 -14.10
CA GLN B 167 -0.40 -50.48 -13.13
C GLN B 167 0.46 -49.86 -12.03
N LEU B 168 0.85 -48.60 -12.18
CA LEU B 168 1.66 -47.95 -11.17
C LEU B 168 0.91 -48.01 -9.84
N GLU B 169 1.39 -48.86 -8.93
CA GLU B 169 0.77 -49.03 -7.62
C GLU B 169 -0.76 -49.15 -7.64
N SER D 4 58.86 2.77 10.50
CA SER D 4 57.88 3.88 10.28
C SER D 4 56.62 3.43 9.53
N ALA D 5 56.77 2.50 8.60
CA ALA D 5 55.63 2.03 7.84
C ALA D 5 54.55 1.44 8.74
N GLN D 6 54.91 0.47 9.59
CA GLN D 6 53.89 -0.10 10.44
C GLN D 6 53.34 1.00 11.32
N ASP D 7 54.13 2.06 11.52
CA ASP D 7 53.71 3.19 12.34
C ASP D 7 52.43 3.78 11.73
N VAL D 8 52.51 4.17 10.47
CA VAL D 8 51.35 4.74 9.81
C VAL D 8 50.22 3.70 9.69
N GLU D 9 50.53 2.50 9.22
CA GLU D 9 49.51 1.46 9.08
C GLU D 9 48.63 1.46 10.32
N ASN D 10 49.28 1.60 11.47
CA ASN D 10 48.57 1.61 12.75
C ASN D 10 47.66 2.84 12.90
N ALA D 11 48.27 4.01 13.05
CA ALA D 11 47.53 5.26 13.21
C ALA D 11 46.22 5.34 12.44
N VAL D 12 46.25 4.98 11.17
CA VAL D 12 45.04 5.03 10.35
C VAL D 12 43.94 4.18 10.94
N GLU D 13 44.30 3.06 11.57
CA GLU D 13 43.31 2.17 12.18
C GLU D 13 42.68 2.85 13.38
N ALA D 14 43.52 3.50 14.17
CA ALA D 14 43.07 4.19 15.37
C ALA D 14 42.09 5.32 15.09
N ALA D 15 42.44 6.16 14.12
CA ALA D 15 41.61 7.28 13.75
C ALA D 15 40.25 6.85 13.24
N LEU D 16 40.05 5.56 13.04
CA LEU D 16 38.76 5.08 12.53
C LEU D 16 37.99 4.25 13.54
N GLY D 21 39.65 6.23 20.43
CA GLY D 21 40.73 6.68 21.30
C GLY D 21 40.91 8.18 21.19
N PRO D 22 40.82 8.89 22.33
CA PRO D 22 40.96 10.35 22.35
C PRO D 22 42.37 10.92 22.38
N ILE D 23 43.16 10.45 23.33
CA ILE D 23 44.50 10.93 23.46
C ILE D 23 45.40 10.41 22.35
N ILE D 24 45.45 9.09 22.19
CA ILE D 24 46.30 8.47 21.19
C ILE D 24 46.03 8.96 19.80
N LYS D 25 44.75 9.04 19.44
CA LYS D 25 44.39 9.49 18.11
C LYS D 25 44.94 10.88 17.91
N GLN D 26 45.18 11.59 19.01
CA GLN D 26 45.75 12.93 18.91
C GLN D 26 47.13 12.70 18.27
N GLN D 27 47.71 11.53 18.55
CA GLN D 27 49.01 11.13 18.04
C GLN D 27 48.91 10.67 16.59
N ALA D 28 47.98 9.76 16.31
CA ALA D 28 47.81 9.27 14.97
C ALA D 28 47.48 10.45 14.06
N THR D 29 46.69 11.38 14.58
CA THR D 29 46.31 12.54 13.79
C THR D 29 47.50 13.42 13.54
N ASP D 30 48.36 13.56 14.53
CA ASP D 30 49.55 14.40 14.41
C ASP D 30 50.55 13.84 13.41
N PHE D 31 50.75 12.52 13.47
CA PHE D 31 51.72 11.86 12.59
C PHE D 31 51.21 11.73 11.16
N ILE D 32 49.90 11.65 11.00
CA ILE D 32 49.36 11.54 9.67
C ILE D 32 49.64 12.88 8.98
N GLY D 33 49.38 13.98 9.68
CA GLY D 33 49.66 15.30 9.12
C GLY D 33 51.15 15.53 8.91
N SER D 34 51.96 15.00 9.82
CA SER D 34 53.40 15.13 9.70
C SER D 34 53.92 14.42 8.45
N LEU D 35 53.25 13.31 8.10
CA LEU D 35 53.62 12.54 6.92
C LEU D 35 53.62 13.47 5.72
N ARG D 36 52.79 14.51 5.83
CA ARG D 36 52.68 15.52 4.78
C ARG D 36 53.36 16.77 5.32
N SER D 37 53.90 16.65 6.53
CA SER D 37 54.56 17.77 7.19
C SER D 37 55.99 18.03 6.72
N SER D 38 56.71 16.97 6.35
CA SER D 38 58.08 17.15 5.90
C SER D 38 58.37 16.28 4.72
N SER D 39 59.61 16.34 4.23
CA SER D 39 59.99 15.55 3.08
C SER D 39 60.27 14.10 3.44
N THR D 40 60.82 13.89 4.63
CA THR D 40 61.16 12.54 5.08
C THR D 40 59.97 11.59 5.25
N GLY D 41 58.76 12.13 5.16
CA GLY D 41 57.59 11.30 5.33
C GLY D 41 57.06 10.66 4.04
N TRP D 42 57.52 11.16 2.90
CA TRP D 42 57.11 10.65 1.57
C TRP D 42 57.35 9.20 1.34
N LYS D 43 58.63 8.85 1.38
CA LYS D 43 59.04 7.48 1.15
C LYS D 43 58.15 6.58 1.96
N ILE D 44 57.70 7.07 3.11
CA ILE D 44 56.84 6.29 3.96
C ILE D 44 55.56 5.96 3.21
N CYS D 45 54.93 6.97 2.62
CA CYS D 45 53.67 6.79 1.89
C CYS D 45 53.82 6.09 0.55
N HIS D 46 54.87 6.45 -0.16
CA HIS D 46 55.14 5.86 -1.46
C HIS D 46 55.42 4.36 -1.28
N GLU D 47 56.20 4.05 -0.24
CA GLU D 47 56.60 2.67 0.03
C GLU D 47 55.53 1.71 0.57
N ILE D 48 54.54 2.24 1.26
CA ILE D 48 53.48 1.42 1.85
C ILE D 48 52.33 1.16 0.90
N PHE D 49 52.13 2.09 -0.02
CA PHE D 49 51.02 1.98 -0.97
C PHE D 49 51.08 0.71 -1.82
N SER D 50 52.17 0.59 -2.58
CA SER D 50 52.38 -0.55 -3.48
C SER D 50 52.20 -1.96 -2.90
N GLU D 51 53.09 -2.41 -2.01
CA GLU D 51 52.97 -3.76 -1.46
C GLU D 51 51.66 -3.96 -0.71
N LYS D 52 50.66 -4.36 -1.47
CA LYS D 52 49.33 -4.61 -0.96
C LYS D 52 49.27 -5.59 0.19
N THR D 53 50.22 -6.51 0.29
CA THR D 53 50.21 -7.49 1.37
C THR D 53 50.32 -6.95 2.80
N LYS D 54 50.93 -5.78 2.97
CA LYS D 54 51.10 -5.19 4.31
C LYS D 54 50.26 -3.95 4.66
N TYR D 55 49.72 -3.27 3.64
CA TYR D 55 48.92 -2.07 3.87
C TYR D 55 47.43 -2.31 3.61
N LYS D 56 46.65 -2.39 4.69
CA LYS D 56 45.21 -2.62 4.59
C LYS D 56 44.55 -1.65 3.60
N PRO D 57 43.41 -2.05 3.06
CA PRO D 57 42.68 -1.22 2.10
C PRO D 57 42.60 0.22 2.59
N SER D 58 42.33 0.37 3.88
CA SER D 58 42.20 1.65 4.53
C SER D 58 43.50 2.45 4.58
N THR D 59 44.58 1.77 4.96
CA THR D 59 45.90 2.39 5.08
C THR D 59 46.40 3.00 3.77
N ARG D 60 46.38 2.19 2.72
CA ARG D 60 46.81 2.61 1.41
C ARG D 60 46.08 3.89 0.99
N LEU D 61 44.77 3.90 1.23
CA LEU D 61 43.97 5.06 0.87
C LEU D 61 44.68 6.30 1.36
N ILE D 62 44.83 6.41 2.68
CA ILE D 62 45.47 7.55 3.31
C ILE D 62 46.81 7.96 2.69
N CYS D 63 47.65 6.97 2.39
CA CYS D 63 48.96 7.22 1.77
C CYS D 63 48.73 7.68 0.34
N LEU D 64 47.70 7.13 -0.28
CA LEU D 64 47.38 7.50 -1.64
C LEU D 64 47.01 8.97 -1.69
N GLN D 65 46.06 9.36 -0.83
CA GLN D 65 45.61 10.75 -0.77
C GLN D 65 46.84 11.62 -0.42
N THR D 66 47.61 11.13 0.54
CA THR D 66 48.82 11.80 0.99
C THR D 66 49.61 12.26 -0.24
N LEU D 67 50.12 11.27 -0.97
CA LEU D 67 50.89 11.50 -2.18
C LEU D 67 50.27 12.55 -3.08
N SER D 68 48.95 12.53 -3.22
CA SER D 68 48.24 13.48 -4.08
C SER D 68 48.50 14.98 -3.77
N GLU D 69 48.21 15.43 -2.54
CA GLU D 69 48.45 16.84 -2.22
C GLU D 69 49.96 17.06 -2.26
N LYS D 70 50.68 16.01 -1.91
CA LYS D 70 52.13 16.05 -1.92
C LYS D 70 52.54 16.46 -3.34
N VAL D 71 51.93 15.79 -4.32
CA VAL D 71 52.19 16.03 -5.74
C VAL D 71 51.73 17.40 -6.22
N ARG D 72 50.68 17.92 -5.57
CA ARG D 72 50.12 19.21 -5.93
C ARG D 72 51.06 20.40 -5.77
N GLU D 73 51.72 20.52 -4.63
CA GLU D 73 52.60 21.66 -4.40
C GLU D 73 54.04 21.56 -4.89
N TRP D 74 54.39 20.51 -5.63
CA TRP D 74 55.75 20.41 -6.14
C TRP D 74 55.93 21.16 -7.46
N ASN D 75 56.72 22.23 -7.45
CA ASN D 75 56.98 22.98 -8.68
C ASN D 75 57.61 22.01 -9.69
N ASN D 76 57.33 22.19 -10.98
CA ASN D 76 57.88 21.32 -12.01
C ASN D 76 59.42 21.33 -12.02
N GLU D 77 60.02 22.48 -12.27
CA GLU D 77 61.48 22.60 -12.31
C GLU D 77 62.22 22.17 -11.03
N SER D 78 62.05 22.83 -9.87
CA SER D 78 62.81 22.40 -8.68
C SER D 78 62.49 20.97 -8.20
N ASN D 79 61.23 20.54 -8.20
CA ASN D 79 60.93 19.19 -7.68
C ASN D 79 60.76 18.09 -8.75
N LEU D 80 61.12 18.41 -9.99
CA LEU D 80 60.99 17.48 -11.10
C LEU D 80 61.47 16.05 -10.89
N LEU D 81 62.33 15.77 -9.91
CA LEU D 81 62.77 14.39 -9.78
C LEU D 81 61.86 13.60 -8.87
N GLU D 82 61.25 14.28 -7.90
CA GLU D 82 60.34 13.58 -7.01
C GLU D 82 59.07 13.22 -7.77
N LEU D 83 58.66 14.12 -8.66
CA LEU D 83 57.47 13.92 -9.49
C LEU D 83 57.68 12.71 -10.38
N GLN D 84 58.84 12.69 -11.05
CA GLN D 84 59.17 11.60 -11.95
C GLN D 84 59.42 10.30 -11.21
N MET D 85 59.84 10.43 -9.96
CA MET D 85 60.12 9.27 -9.14
C MET D 85 58.83 8.61 -8.70
N ILE D 86 57.81 9.44 -8.46
CA ILE D 86 56.54 8.90 -8.04
C ILE D 86 55.77 8.39 -9.27
N ARG D 87 55.83 9.13 -10.38
CA ARG D 87 55.13 8.72 -11.62
C ARG D 87 55.45 7.27 -11.97
N ASP D 88 56.74 6.98 -12.04
CA ASP D 88 57.24 5.64 -12.35
C ASP D 88 56.72 4.61 -11.33
N SER D 89 56.80 4.97 -10.06
CA SER D 89 56.33 4.08 -9.00
C SER D 89 54.85 3.84 -9.24
N VAL D 90 54.16 4.91 -9.62
CA VAL D 90 52.73 4.90 -9.90
C VAL D 90 52.35 4.05 -11.13
N TRP D 91 53.02 4.32 -12.25
CA TRP D 91 52.79 3.59 -13.50
C TRP D 91 53.06 2.09 -13.36
N SER D 92 54.13 1.73 -12.66
CA SER D 92 54.46 0.33 -12.45
C SER D 92 53.31 -0.33 -11.72
N TYR D 93 52.67 0.41 -10.83
CA TYR D 93 51.55 -0.14 -10.09
C TYR D 93 50.37 -0.26 -11.03
N ILE D 94 50.17 0.76 -11.88
CA ILE D 94 49.07 0.73 -12.82
C ILE D 94 49.28 -0.44 -13.79
N LYS D 95 50.54 -0.66 -14.20
CA LYS D 95 50.90 -1.76 -15.12
C LYS D 95 50.49 -3.12 -14.52
N GLU D 96 50.53 -3.24 -13.19
CA GLU D 96 50.14 -4.48 -12.51
C GLU D 96 48.63 -4.36 -12.36
N LEU D 97 47.97 -4.68 -13.45
CA LEU D 97 46.54 -4.58 -13.57
C LEU D 97 45.68 -5.32 -12.54
N SER D 98 46.09 -6.51 -12.13
CA SER D 98 45.30 -7.28 -11.17
C SER D 98 45.04 -6.60 -9.83
N PHE D 99 46.05 -5.88 -9.33
CA PHE D 99 45.94 -5.23 -8.03
C PHE D 99 45.16 -3.93 -7.99
N LEU D 100 44.48 -3.58 -9.06
CA LEU D 100 43.78 -2.32 -9.05
C LEU D 100 42.30 -2.36 -8.71
N ASP D 101 41.73 -3.53 -8.49
CA ASP D 101 40.30 -3.53 -8.18
C ASP D 101 39.95 -4.13 -6.82
N GLU D 102 40.66 -3.74 -5.77
CA GLU D 102 40.33 -4.30 -4.47
C GLU D 102 39.18 -3.57 -3.78
N PRO D 103 39.11 -2.24 -3.92
CA PRO D 103 37.98 -1.59 -3.26
C PRO D 103 37.51 -0.51 -4.23
N ALA D 104 36.34 0.04 -3.97
CA ALA D 104 35.86 1.07 -4.85
C ALA D 104 36.77 2.30 -4.71
N TYR D 105 37.08 2.66 -3.46
CA TYR D 105 37.86 3.86 -3.20
C TYR D 105 39.33 3.91 -3.57
N ILE D 106 39.97 2.77 -3.73
CA ILE D 106 41.41 2.83 -4.04
C ILE D 106 41.67 3.12 -5.49
N SER D 107 40.94 2.44 -6.36
CA SER D 107 41.15 2.62 -7.78
C SER D 107 40.79 4.05 -8.14
N ASN D 108 39.80 4.60 -7.46
CA ASN D 108 39.41 5.96 -7.74
C ASN D 108 40.49 6.89 -7.22
N ALA D 109 41.06 6.53 -6.08
CA ALA D 109 42.10 7.34 -5.46
C ALA D 109 43.31 7.37 -6.36
N VAL D 110 43.60 6.20 -6.92
CA VAL D 110 44.74 6.05 -7.82
C VAL D 110 44.56 6.89 -9.07
N GLN D 111 43.33 6.89 -9.58
CA GLN D 111 42.98 7.65 -10.78
C GLN D 111 43.30 9.10 -10.51
N HIS D 112 42.96 9.53 -9.31
CA HIS D 112 43.20 10.90 -8.91
C HIS D 112 44.69 11.21 -8.82
N LEU D 113 45.46 10.28 -8.27
CA LEU D 113 46.90 10.50 -8.14
C LEU D 113 47.57 10.62 -9.50
N LEU D 114 47.29 9.66 -10.37
CA LEU D 114 47.87 9.63 -11.70
C LEU D 114 47.64 10.94 -12.43
N THR D 115 46.38 11.35 -12.45
CA THR D 115 46.00 12.56 -13.13
C THR D 115 46.71 13.83 -12.63
N LEU D 116 46.91 13.95 -11.32
CA LEU D 116 47.60 15.12 -10.77
C LEU D 116 49.04 15.06 -11.27
N LEU D 117 49.60 13.85 -11.29
CA LEU D 117 50.95 13.63 -11.78
C LEU D 117 50.95 14.20 -13.18
N PHE D 118 50.05 13.62 -13.97
CA PHE D 118 49.84 13.98 -15.37
C PHE D 118 49.77 15.49 -15.61
N LEU D 119 49.10 16.19 -14.70
CA LEU D 119 48.95 17.64 -14.79
C LEU D 119 50.28 18.40 -14.74
N GLN D 120 51.32 17.74 -14.22
CA GLN D 120 52.64 18.34 -14.08
C GLN D 120 53.71 17.90 -15.08
N LEU D 121 53.47 16.84 -15.84
CA LEU D 121 54.52 16.35 -16.76
C LEU D 121 54.24 16.11 -18.25
N TYR D 122 53.13 15.46 -18.56
CA TYR D 122 52.78 15.11 -19.94
C TYR D 122 52.98 16.13 -21.05
N PRO D 123 52.68 17.39 -20.79
CA PRO D 123 52.90 18.29 -21.91
C PRO D 123 54.38 18.41 -22.35
N SER D 124 55.32 18.16 -21.42
CA SER D 124 56.78 18.30 -21.66
C SER D 124 57.67 17.17 -21.13
N ASN D 125 57.23 16.54 -20.05
CA ASN D 125 57.97 15.48 -19.38
C ASN D 125 57.44 14.06 -19.54
N TRP D 126 56.15 13.89 -19.84
CA TRP D 126 55.57 12.56 -19.98
C TRP D 126 54.80 12.46 -21.29
N ASN D 127 55.53 12.51 -22.39
CA ASN D 127 55.00 12.49 -23.75
C ASN D 127 54.19 11.29 -24.19
N ASP D 128 54.34 10.15 -23.54
CA ASP D 128 53.59 8.98 -23.94
C ASP D 128 52.45 8.71 -23.00
N PHE D 129 52.10 9.67 -22.15
CA PHE D 129 51.03 9.40 -21.19
C PHE D 129 49.84 8.67 -21.79
N PHE D 130 49.37 9.18 -22.93
CA PHE D 130 48.22 8.59 -23.56
C PHE D 130 48.58 7.37 -24.37
N ALA D 131 49.46 7.55 -25.32
CA ALA D 131 49.87 6.41 -26.13
C ALA D 131 50.14 5.18 -25.25
N SER D 132 50.88 5.36 -24.16
CA SER D 132 51.22 4.27 -23.24
C SER D 132 50.07 3.72 -22.42
N LEU D 133 49.32 4.63 -21.79
CA LEU D 133 48.18 4.20 -20.98
C LEU D 133 47.21 3.40 -21.85
N GLN D 134 46.92 3.93 -23.02
CA GLN D 134 46.02 3.30 -23.95
C GLN D 134 46.47 1.89 -24.35
N GLY D 135 47.68 1.79 -24.92
CA GLY D 135 48.21 0.48 -25.30
C GLY D 135 48.06 -0.56 -24.20
N VAL D 136 48.47 -0.21 -22.99
CA VAL D 136 48.35 -1.13 -21.85
C VAL D 136 46.90 -1.49 -21.65
N ILE D 137 46.02 -0.50 -21.85
CA ILE D 137 44.60 -0.69 -21.67
C ILE D 137 44.04 -1.62 -22.73
N ALA D 138 44.45 -1.40 -23.98
CA ALA D 138 44.00 -2.22 -25.08
C ALA D 138 44.51 -3.65 -24.89
N ALA D 139 45.64 -3.78 -24.20
CA ALA D 139 46.23 -5.08 -23.95
C ALA D 139 45.40 -5.91 -22.99
N SER D 140 45.03 -5.33 -21.84
CA SER D 140 44.24 -6.02 -20.80
C SER D 140 42.98 -6.65 -21.35
N SER D 141 42.32 -5.93 -22.25
CA SER D 141 41.10 -6.40 -22.87
C SER D 141 39.98 -6.76 -21.90
N GLN D 142 39.99 -6.14 -20.72
CA GLN D 142 38.93 -6.39 -19.74
C GLN D 142 38.14 -5.08 -19.67
N SER D 143 36.82 -5.18 -19.54
CA SER D 143 35.97 -3.99 -19.44
C SER D 143 36.33 -3.23 -18.19
N GLU D 144 36.64 -3.96 -17.12
CA GLU D 144 37.00 -3.32 -15.88
C GLU D 144 38.15 -2.34 -16.15
N PHE D 145 39.12 -2.77 -16.97
CA PHE D 145 40.28 -1.92 -17.27
C PHE D 145 39.91 -0.70 -18.11
N SER D 146 38.99 -0.88 -19.04
CA SER D 146 38.54 0.16 -19.93
C SER D 146 37.90 1.25 -19.11
N ASN D 147 37.04 0.83 -18.17
CA ASN D 147 36.33 1.78 -17.33
C ASN D 147 37.32 2.64 -16.59
N PHE D 148 38.33 2.01 -16.02
CA PHE D 148 39.38 2.75 -15.31
C PHE D 148 39.86 3.85 -16.25
N TYR D 149 40.35 3.42 -17.41
CA TYR D 149 40.87 4.34 -18.40
C TYR D 149 39.95 5.52 -18.61
N LEU D 150 38.68 5.22 -18.86
CA LEU D 150 37.69 6.25 -19.12
C LEU D 150 37.57 7.29 -18.00
N LYS D 151 37.48 6.80 -16.77
CA LYS D 151 37.36 7.69 -15.62
C LYS D 151 38.57 8.60 -15.44
N VAL D 152 39.70 8.20 -15.98
CA VAL D 152 40.89 9.01 -15.89
C VAL D 152 40.74 10.18 -16.86
N LEU D 153 40.11 9.93 -18.00
CA LEU D 153 39.91 10.99 -18.97
C LEU D 153 38.88 11.93 -18.37
N LEU D 154 37.89 11.35 -17.68
CA LEU D 154 36.86 12.17 -17.03
C LEU D 154 37.58 12.95 -15.95
N SER D 155 38.54 12.31 -15.30
CA SER D 155 39.29 12.96 -14.23
C SER D 155 40.07 14.17 -14.73
N ILE D 156 40.75 14.03 -15.86
CA ILE D 156 41.51 15.13 -16.43
C ILE D 156 40.54 16.26 -16.83
N GLY D 157 39.33 15.86 -17.22
CA GLY D 157 38.31 16.81 -17.62
C GLY D 157 37.80 17.60 -16.44
N ASP D 158 37.69 16.94 -15.28
CA ASP D 158 37.22 17.59 -14.05
C ASP D 158 38.21 18.66 -13.61
N GLU D 159 39.48 18.47 -13.95
CA GLU D 159 40.53 19.42 -13.58
C GLU D 159 40.73 20.56 -14.54
N ILE D 160 40.44 20.34 -15.81
CA ILE D 160 40.60 21.41 -16.79
C ILE D 160 39.26 21.93 -17.34
N ALA D 161 38.18 21.23 -17.04
CA ALA D 161 36.87 21.65 -17.52
C ALA D 161 35.91 22.11 -16.41
N ASP D 162 35.93 21.48 -15.25
CA ASP D 162 35.00 21.89 -14.20
C ASP D 162 35.22 23.33 -13.81
N SER D 163 34.32 24.20 -14.27
CA SER D 163 34.42 25.62 -13.95
C SER D 163 33.79 25.80 -12.57
N LEU D 164 33.32 24.69 -12.00
CA LEU D 164 32.71 24.66 -10.67
C LEU D 164 33.77 24.83 -9.60
N VAL D 165 35.01 24.53 -9.96
CA VAL D 165 36.12 24.67 -9.04
C VAL D 165 36.61 26.11 -9.15
N LEU D 166 37.06 26.67 -8.04
CA LEU D 166 37.54 28.05 -7.99
C LEU D 166 38.60 28.36 -9.05
N LYS D 167 38.51 29.57 -9.62
CA LYS D 167 39.44 30.01 -10.66
C LYS D 167 40.59 30.83 -10.13
N THR D 168 41.69 30.80 -10.86
CA THR D 168 42.91 31.52 -10.51
C THR D 168 43.47 31.95 -11.85
N ASP D 169 44.08 33.12 -11.91
CA ASP D 169 44.66 33.57 -13.18
C ASP D 169 45.78 32.62 -13.59
N VAL D 170 46.46 32.05 -12.59
CA VAL D 170 47.56 31.11 -12.85
C VAL D 170 47.07 29.72 -13.17
N GLN D 171 46.13 29.22 -12.39
CA GLN D 171 45.65 27.88 -12.63
C GLN D 171 44.89 27.80 -13.94
N ILE D 172 44.19 28.86 -14.31
CA ILE D 172 43.46 28.88 -15.59
C ILE D 172 44.49 28.93 -16.74
N GLN D 173 45.52 29.75 -16.58
CA GLN D 173 46.56 29.84 -17.59
C GLN D 173 47.26 28.47 -17.60
N LYS D 174 47.54 27.95 -16.41
CA LYS D 174 48.19 26.66 -16.28
C LYS D 174 47.31 25.55 -16.84
N ASP D 175 46.01 25.69 -16.66
CA ASP D 175 45.09 24.68 -17.15
C ASP D 175 44.99 24.79 -18.65
N ASN D 176 45.18 25.99 -19.18
CA ASN D 176 45.10 26.19 -20.63
C ASN D 176 46.30 25.68 -21.43
N LEU D 177 47.41 25.41 -20.74
CA LEU D 177 48.58 24.90 -21.45
C LEU D 177 48.38 23.41 -21.61
N VAL D 178 47.79 22.78 -20.62
CA VAL D 178 47.52 21.35 -20.67
C VAL D 178 46.52 21.12 -21.80
N LYS D 179 45.44 21.89 -21.82
CA LYS D 179 44.47 21.76 -22.89
C LYS D 179 45.17 21.76 -24.24
N ASP D 180 45.94 22.81 -24.50
CA ASP D 180 46.65 22.95 -25.77
C ASP D 180 47.60 21.80 -26.12
N ALA D 181 48.14 21.12 -25.12
CA ALA D 181 49.04 19.98 -25.35
C ALA D 181 48.21 18.84 -25.91
N ILE D 182 47.36 18.29 -25.04
CA ILE D 182 46.45 17.21 -25.41
C ILE D 182 45.87 17.52 -26.78
N ARG D 183 45.40 18.74 -26.93
CA ARG D 183 44.80 19.16 -28.18
C ARG D 183 45.74 19.06 -29.37
N ALA D 184 47.04 19.16 -29.12
CA ALA D 184 48.02 19.09 -30.20
C ALA D 184 48.63 17.72 -30.45
N ASN D 185 48.96 16.99 -29.39
CA ASN D 185 49.60 15.71 -29.60
C ASN D 185 48.80 14.45 -29.48
N ASP D 186 47.83 14.41 -28.57
CA ASP D 186 47.11 13.17 -28.38
C ASP D 186 45.60 13.13 -28.61
N MET D 187 44.93 14.27 -28.65
CA MET D 187 43.47 14.27 -28.81
C MET D 187 42.93 13.32 -29.87
N SER D 188 43.53 13.29 -31.05
CA SER D 188 43.05 12.39 -32.09
C SER D 188 43.06 10.94 -31.68
N ASP D 189 44.15 10.48 -31.06
CA ASP D 189 44.24 9.09 -30.67
C ASP D 189 43.47 8.73 -29.41
N ILE D 190 42.94 9.73 -28.72
CA ILE D 190 42.18 9.44 -27.51
C ILE D 190 40.73 9.30 -27.93
N VAL D 191 40.28 10.28 -28.71
CA VAL D 191 38.93 10.29 -29.21
C VAL D 191 38.69 9.01 -30.00
N SER D 192 39.70 8.57 -30.76
CA SER D 192 39.58 7.36 -31.54
C SER D 192 39.50 6.17 -30.58
N PHE D 193 40.33 6.22 -29.54
CA PHE D 193 40.37 5.15 -28.56
C PHE D 193 38.98 4.99 -27.97
N VAL D 194 38.41 6.11 -27.54
CA VAL D 194 37.09 6.07 -26.96
C VAL D 194 36.06 5.56 -27.95
N TYR D 195 36.07 6.07 -29.18
CA TYR D 195 35.12 5.64 -30.21
C TYR D 195 35.06 4.12 -30.34
N GLU D 196 36.20 3.48 -30.60
CA GLU D 196 36.21 2.03 -30.76
C GLU D 196 35.67 1.35 -29.51
N MET D 197 35.95 1.91 -28.33
CA MET D 197 35.45 1.32 -27.11
C MET D 197 33.93 1.36 -27.11
N MET D 198 33.34 2.53 -27.40
CA MET D 198 31.89 2.66 -27.46
C MET D 198 31.40 1.62 -28.42
N LEU D 199 31.81 1.79 -29.67
CA LEU D 199 31.45 0.89 -30.77
C LEU D 199 31.50 -0.56 -30.32
N ALA D 200 32.70 -1.04 -30.07
CA ALA D 200 32.92 -2.41 -29.64
C ALA D 200 32.02 -2.81 -28.49
N TYR D 201 32.12 -2.12 -27.37
CA TYR D 201 31.30 -2.44 -26.22
C TYR D 201 29.80 -2.36 -26.50
N SER D 202 29.42 -1.38 -27.29
CA SER D 202 28.03 -1.20 -27.64
C SER D 202 27.55 -2.52 -28.22
N ASN D 203 28.21 -2.96 -29.31
CA ASN D 203 27.88 -4.21 -29.98
C ASN D 203 27.83 -5.38 -28.99
N ALA D 204 28.59 -5.26 -27.91
CA ALA D 204 28.66 -6.29 -26.87
C ALA D 204 27.53 -6.20 -25.87
N LYS D 205 26.80 -5.08 -25.93
CA LYS D 205 25.69 -4.80 -25.02
C LYS D 205 26.15 -4.60 -23.60
N ASN D 206 27.38 -4.11 -23.46
CA ASN D 206 28.01 -3.80 -22.18
C ASN D 206 27.68 -2.31 -21.96
N TYR D 207 26.39 -2.04 -21.81
CA TYR D 207 25.85 -0.70 -21.62
C TYR D 207 26.59 0.16 -20.61
N GLY D 208 27.15 -0.50 -19.60
CA GLY D 208 27.88 0.21 -18.56
C GLY D 208 29.03 1.03 -19.10
N THR D 209 30.00 0.37 -19.72
CA THR D 209 31.14 1.08 -20.27
C THR D 209 30.66 2.07 -21.32
N VAL D 210 29.70 1.67 -22.14
CA VAL D 210 29.20 2.57 -23.16
C VAL D 210 28.82 3.90 -22.53
N GLY D 211 28.20 3.80 -21.36
CA GLY D 211 27.76 4.97 -20.63
C GLY D 211 28.87 5.94 -20.27
N LEU D 212 29.99 5.41 -19.80
CA LEU D 212 31.14 6.22 -19.42
C LEU D 212 31.75 6.82 -20.67
N CYS D 213 31.67 6.07 -21.76
CA CYS D 213 32.19 6.55 -23.02
C CYS D 213 31.46 7.85 -23.38
N LEU D 214 30.13 7.76 -23.41
CA LEU D 214 29.29 8.91 -23.73
C LEU D 214 29.57 10.12 -22.84
N GLN D 215 29.95 9.85 -21.58
CA GLN D 215 30.24 10.93 -20.63
C GLN D 215 31.46 11.68 -21.07
N VAL D 216 32.57 10.97 -21.22
CA VAL D 216 33.81 11.58 -21.69
C VAL D 216 33.43 12.46 -22.87
N TYR D 217 32.66 11.92 -23.81
CA TYR D 217 32.26 12.73 -24.96
C TYR D 217 31.50 13.95 -24.50
N ALA D 218 30.49 13.73 -23.67
CA ALA D 218 29.71 14.84 -23.17
C ALA D 218 30.66 15.86 -22.56
N GLN D 219 31.54 15.38 -21.71
CA GLN D 219 32.48 16.26 -21.06
C GLN D 219 33.56 16.92 -21.93
N TRP D 220 33.99 16.30 -23.04
CA TRP D 220 35.05 16.95 -23.81
C TRP D 220 34.63 17.74 -25.05
N VAL D 221 33.40 17.59 -25.51
CA VAL D 221 32.98 18.33 -26.69
C VAL D 221 33.20 19.80 -26.42
N SER D 222 33.04 20.15 -25.16
CA SER D 222 33.18 21.51 -24.71
C SER D 222 34.35 22.22 -25.37
N TRP D 223 35.52 21.63 -25.24
CA TRP D 223 36.74 22.23 -25.74
C TRP D 223 37.58 21.44 -26.71
N ILE D 224 37.07 20.35 -27.27
CA ILE D 224 37.90 19.56 -28.18
C ILE D 224 37.45 19.71 -29.62
N ASN D 225 38.35 19.50 -30.59
CA ASN D 225 37.92 19.66 -31.97
C ASN D 225 36.61 18.93 -32.21
N ILE D 226 35.55 19.70 -32.41
CA ILE D 226 34.25 19.13 -32.61
C ILE D 226 34.17 18.16 -33.78
N ASN D 227 35.13 18.25 -34.69
CA ASN D 227 35.13 17.37 -35.83
C ASN D 227 35.51 15.95 -35.52
N LEU D 228 36.14 15.73 -34.38
CA LEU D 228 36.49 14.37 -34.05
C LEU D 228 35.23 13.67 -33.55
N ILE D 229 34.32 14.46 -33.00
CA ILE D 229 33.06 13.93 -32.48
C ILE D 229 31.92 13.98 -33.47
N VAL D 230 31.98 14.85 -34.45
CA VAL D 230 30.87 14.87 -35.36
C VAL D 230 31.13 14.15 -36.69
N ASN D 231 31.97 13.12 -36.68
CA ASN D 231 32.19 12.40 -37.93
C ASN D 231 30.97 11.49 -38.20
N GLU D 232 30.72 11.16 -39.47
CA GLU D 232 29.59 10.31 -39.87
C GLU D 232 29.39 9.00 -39.08
N PRO D 233 30.46 8.25 -38.81
CA PRO D 233 30.31 6.99 -38.06
C PRO D 233 29.92 7.09 -36.57
N CYS D 234 30.53 8.03 -35.85
CA CYS D 234 30.23 8.24 -34.44
C CYS D 234 28.80 8.74 -34.27
N MET D 235 28.37 9.66 -35.14
CA MET D 235 27.02 10.19 -35.07
C MET D 235 26.03 9.06 -35.26
N ASN D 236 26.20 8.30 -36.34
CA ASN D 236 25.33 7.16 -36.63
C ASN D 236 25.20 6.32 -35.37
N LEU D 237 26.28 6.24 -34.60
CA LEU D 237 26.29 5.45 -33.38
C LEU D 237 25.39 6.02 -32.29
N LEU D 238 25.59 7.30 -31.96
CA LEU D 238 24.75 7.99 -30.97
C LEU D 238 23.27 7.89 -31.34
N TYR D 239 22.98 8.21 -32.60
CA TYR D 239 21.61 8.15 -33.06
C TYR D 239 21.00 6.78 -32.75
N SER D 240 21.78 5.71 -32.84
CA SER D 240 21.18 4.42 -32.52
C SER D 240 20.97 4.31 -31.02
N PHE D 241 21.90 4.88 -30.24
CA PHE D 241 21.79 4.83 -28.80
C PHE D 241 20.52 5.51 -28.31
N LEU D 242 20.06 6.55 -29.01
CA LEU D 242 18.83 7.23 -28.58
C LEU D 242 17.68 6.27 -28.56
N GLN D 243 17.84 5.15 -29.25
CA GLN D 243 16.77 4.18 -29.32
C GLN D 243 16.86 3.03 -28.34
N ILE D 244 17.98 2.89 -27.66
CA ILE D 244 18.11 1.83 -26.68
C ILE D 244 17.67 2.39 -25.32
N GLU D 245 16.93 1.62 -24.55
CA GLU D 245 16.51 2.11 -23.24
C GLU D 245 17.74 2.48 -22.44
N GLU D 246 18.55 1.48 -22.13
CA GLU D 246 19.75 1.68 -21.33
C GLU D 246 20.68 2.82 -21.71
N LEU D 247 20.74 3.24 -22.97
CA LEU D 247 21.65 4.32 -23.38
C LEU D 247 20.99 5.64 -23.72
N ARG D 248 19.68 5.56 -23.93
CA ARG D 248 18.79 6.68 -24.28
C ARG D 248 19.17 7.99 -23.63
N CYS D 249 19.04 8.00 -22.32
CA CYS D 249 19.28 9.17 -21.51
C CYS D 249 20.69 9.71 -21.42
N ALA D 250 21.66 8.92 -21.83
CA ALA D 250 23.04 9.38 -21.77
C ALA D 250 23.30 10.01 -23.11
N ALA D 251 22.73 9.40 -24.12
CA ALA D 251 22.91 9.88 -25.48
C ALA D 251 22.28 11.23 -25.64
N CYS D 252 21.16 11.48 -24.98
CA CYS D 252 20.49 12.78 -25.11
C CYS D 252 21.36 13.81 -24.44
N GLU D 253 22.03 13.37 -23.38
CA GLU D 253 22.91 14.27 -22.65
C GLU D 253 24.08 14.63 -23.55
N THR D 254 24.89 13.66 -23.95
CA THR D 254 25.99 14.00 -24.82
C THR D 254 25.53 14.77 -26.08
N MET D 255 24.34 14.45 -26.58
CA MET D 255 23.82 15.13 -27.77
C MET D 255 23.70 16.62 -27.48
N THR D 256 23.16 16.91 -26.30
CA THR D 256 22.96 18.28 -25.85
C THR D 256 24.23 19.13 -25.87
N GLU D 257 25.28 18.59 -25.27
CA GLU D 257 26.57 19.26 -25.17
C GLU D 257 27.15 19.56 -26.53
N ILE D 258 26.97 18.62 -27.46
CA ILE D 258 27.41 18.82 -28.82
C ILE D 258 26.68 20.08 -29.25
N VAL D 259 25.38 20.11 -28.99
CA VAL D 259 24.55 21.27 -29.31
C VAL D 259 24.95 22.55 -28.59
N ASN D 260 25.64 22.43 -27.46
CA ASN D 260 26.02 23.62 -26.71
C ASN D 260 27.43 24.16 -26.97
N LYS D 261 28.32 23.34 -27.51
CA LYS D 261 29.69 23.81 -27.77
C LYS D 261 29.67 25.19 -28.40
N LYS D 262 30.25 26.20 -27.74
CA LYS D 262 30.25 27.54 -28.33
C LYS D 262 30.92 27.50 -29.70
N MET D 263 30.35 28.24 -30.65
CA MET D 263 30.86 28.27 -32.02
C MET D 263 30.33 29.49 -32.74
N LYS D 264 30.90 29.79 -33.90
CA LYS D 264 30.40 30.90 -34.69
C LYS D 264 29.00 30.39 -35.09
N PRO D 265 28.01 31.29 -35.13
CA PRO D 265 26.64 30.93 -35.48
C PRO D 265 26.49 30.19 -36.80
N LEU D 266 27.36 30.49 -37.76
CA LEU D 266 27.26 29.83 -39.05
C LEU D 266 27.67 28.38 -38.88
N GLU D 267 28.52 28.13 -37.89
CA GLU D 267 29.01 26.78 -37.61
C GLU D 267 27.91 26.01 -36.87
N LYS D 268 27.32 26.64 -35.85
CA LYS D 268 26.24 26.02 -35.08
C LYS D 268 25.13 25.61 -35.99
N LEU D 269 24.72 26.56 -36.81
CA LEU D 269 23.63 26.34 -37.73
C LEU D 269 23.85 25.05 -38.50
N ASN D 270 25.10 24.79 -38.91
CA ASN D 270 25.41 23.57 -39.67
C ASN D 270 25.35 22.33 -38.81
N LEU D 271 26.05 22.35 -37.69
CA LEU D 271 26.07 21.23 -36.77
C LEU D 271 24.63 20.93 -36.37
N LEU D 272 23.95 22.02 -36.01
CA LEU D 272 22.57 21.98 -35.58
C LEU D 272 21.65 21.59 -36.72
N ASN D 273 22.24 21.15 -37.82
CA ASN D 273 21.46 20.77 -39.00
C ASN D 273 21.87 19.37 -39.40
N ILE D 274 23.17 19.12 -39.37
CA ILE D 274 23.72 17.81 -39.71
C ILE D 274 23.24 16.89 -38.59
N LEU D 275 22.62 17.50 -37.59
CA LEU D 275 22.06 16.75 -36.49
C LEU D 275 20.58 16.74 -36.85
N ASN D 276 20.04 15.56 -37.10
CA ASN D 276 18.63 15.49 -37.46
C ASN D 276 17.85 14.99 -36.27
N LEU D 277 17.88 15.79 -35.22
CA LEU D 277 17.21 15.44 -34.00
C LEU D 277 15.71 15.58 -34.13
N ASN D 278 15.26 16.28 -35.16
CA ASN D 278 13.83 16.48 -35.30
C ASN D 278 13.10 15.16 -35.44
N LEU D 279 13.75 14.17 -36.03
CA LEU D 279 13.11 12.89 -36.18
C LEU D 279 12.95 12.24 -34.80
N PHE D 280 13.99 12.33 -33.98
CA PHE D 280 13.95 11.75 -32.64
C PHE D 280 12.82 12.39 -31.85
N PHE D 281 12.55 13.65 -32.18
CA PHE D 281 11.51 14.42 -31.49
C PHE D 281 10.12 13.94 -31.90
N SER D 282 9.87 13.91 -33.21
CA SER D 282 8.59 13.45 -33.76
C SER D 282 8.11 12.21 -33.02
N LYS D 283 9.06 11.34 -32.69
CA LYS D 283 8.77 10.14 -31.95
C LYS D 283 8.62 10.50 -30.46
N SER D 284 9.64 11.14 -29.91
CA SER D 284 9.62 11.53 -28.50
C SER D 284 8.27 12.10 -28.09
N SER D 288 7.31 7.09 -25.48
CA SER D 288 7.89 8.04 -24.54
C SER D 288 7.08 7.98 -23.25
N THR D 289 7.16 6.84 -22.59
CA THR D 289 6.42 6.62 -21.35
C THR D 289 7.33 6.78 -20.15
N ASP D 290 8.53 7.30 -20.41
CA ASP D 290 9.53 7.51 -19.36
C ASP D 290 9.67 9.00 -19.17
N PRO D 291 9.33 9.51 -17.99
CA PRO D 291 9.45 10.94 -17.75
C PRO D 291 10.91 11.33 -17.62
N ASN D 292 11.74 10.40 -17.15
CA ASN D 292 13.16 10.68 -17.00
C ASN D 292 13.65 10.96 -18.39
N PHE D 293 13.29 10.09 -19.32
CA PHE D 293 13.71 10.24 -20.71
C PHE D 293 13.18 11.51 -21.36
N ASP D 294 11.87 11.76 -21.17
CA ASP D 294 11.24 12.95 -21.74
C ASP D 294 11.91 14.21 -21.24
N GLU D 295 12.30 14.21 -19.96
CA GLU D 295 12.98 15.35 -19.39
C GLU D 295 14.30 15.53 -20.14
N HIS D 296 14.87 14.41 -20.57
CA HIS D 296 16.12 14.42 -21.29
C HIS D 296 15.92 14.97 -22.68
N VAL D 297 14.83 14.57 -23.32
CA VAL D 297 14.53 15.06 -24.65
C VAL D 297 14.23 16.53 -24.50
N ALA D 298 13.38 16.81 -23.53
CA ALA D 298 13.03 18.17 -23.24
C ALA D 298 14.28 19.04 -23.24
N LYS D 299 15.23 18.69 -22.38
CA LYS D 299 16.46 19.45 -22.27
C LYS D 299 17.22 19.55 -23.59
N LEU D 300 17.14 18.50 -24.41
CA LEU D 300 17.80 18.55 -25.70
C LEU D 300 17.12 19.56 -26.59
N ILE D 301 15.78 19.50 -26.64
CA ILE D 301 15.00 20.45 -27.44
C ILE D 301 15.34 21.85 -26.95
N ASN D 302 15.21 22.02 -25.65
CA ASN D 302 15.50 23.28 -24.99
C ASN D 302 16.85 23.77 -25.49
N ALA D 303 17.85 22.92 -25.28
CA ALA D 303 19.23 23.18 -25.69
C ALA D 303 19.26 23.68 -27.12
N GLN D 304 18.59 22.99 -28.02
CA GLN D 304 18.58 23.42 -29.40
C GLN D 304 17.91 24.77 -29.48
N GLY D 305 16.67 24.82 -29.00
CA GLY D 305 15.91 26.06 -29.01
C GLY D 305 16.70 27.30 -28.62
N VAL D 306 17.25 27.31 -27.41
CA VAL D 306 18.02 28.46 -26.95
C VAL D 306 19.05 28.85 -27.99
N GLU D 307 19.68 27.86 -28.60
CA GLU D 307 20.71 28.14 -29.60
C GLU D 307 20.09 28.82 -30.81
N LEU D 308 19.25 28.10 -31.55
CA LEU D 308 18.63 28.70 -32.74
C LEU D 308 18.22 30.14 -32.47
N VAL D 309 17.61 30.37 -31.31
CA VAL D 309 17.15 31.70 -30.95
C VAL D 309 18.25 32.73 -30.87
N ALA D 310 19.41 32.34 -30.36
CA ALA D 310 20.55 33.25 -30.23
C ALA D 310 21.24 33.49 -31.59
N ILE D 311 21.29 32.44 -32.39
CA ILE D 311 21.90 32.52 -33.71
C ILE D 311 21.09 33.52 -34.51
N LYS D 312 19.77 33.46 -34.33
CA LYS D 312 18.85 34.35 -35.01
C LYS D 312 18.98 35.76 -34.46
N SER D 313 19.50 35.87 -33.24
CA SER D 313 19.63 37.18 -32.61
C SER D 313 20.84 38.01 -33.01
N ASP D 314 21.98 37.37 -33.27
CA ASP D 314 23.14 38.15 -33.65
C ASP D 314 23.04 38.52 -35.13
N PRO D 315 22.66 39.79 -35.42
CA PRO D 315 22.50 40.32 -36.77
C PRO D 315 23.81 40.29 -37.54
N SER D 316 24.92 40.11 -36.82
CA SER D 316 26.23 40.05 -37.43
C SER D 316 26.29 38.91 -38.43
N GLU D 317 25.40 37.92 -38.28
CA GLU D 317 25.30 36.80 -39.21
C GLU D 317 24.43 37.39 -40.31
N LEU D 318 25.07 37.82 -41.39
CA LEU D 318 24.35 38.49 -42.47
C LEU D 318 23.69 37.70 -43.60
N SER D 319 23.94 36.40 -43.71
CA SER D 319 23.31 35.62 -44.78
C SER D 319 21.79 35.58 -44.64
N PRO D 320 21.06 35.78 -45.75
CA PRO D 320 19.59 35.74 -45.67
C PRO D 320 19.12 34.37 -45.18
N GLU D 321 19.71 33.33 -45.74
CA GLU D 321 19.37 31.95 -45.38
C GLU D 321 19.44 31.78 -43.86
N LEU D 322 20.49 32.32 -43.25
CA LEU D 322 20.65 32.22 -41.79
C LEU D 322 19.26 32.48 -41.22
N LYS D 323 18.76 33.69 -41.40
CA LYS D 323 17.44 34.04 -40.92
C LYS D 323 16.36 33.05 -41.35
N GLU D 324 16.42 32.58 -42.59
CA GLU D 324 15.42 31.64 -43.11
C GLU D 324 15.53 30.25 -42.52
N ASN D 325 16.66 29.59 -42.75
CA ASN D 325 16.85 28.25 -42.23
C ASN D 325 16.82 28.30 -40.73
N CYS D 326 17.24 29.43 -40.16
CA CYS D 326 17.26 29.58 -38.71
C CYS D 326 15.89 29.79 -38.11
N SER D 327 15.14 30.76 -38.63
CA SER D 327 13.81 31.00 -38.11
C SER D 327 12.93 29.84 -38.55
N PHE D 328 13.29 29.21 -39.67
CA PHE D 328 12.53 28.06 -40.16
C PHE D 328 12.63 26.97 -39.10
N GLN D 329 13.86 26.52 -38.86
CA GLN D 329 14.11 25.48 -37.86
C GLN D 329 13.50 25.85 -36.49
N LEU D 330 13.54 27.13 -36.15
CA LEU D 330 13.00 27.63 -34.89
C LEU D 330 11.49 27.46 -34.78
N TYR D 331 10.73 27.89 -35.81
CA TYR D 331 9.26 27.75 -35.80
C TYR D 331 8.95 26.27 -35.70
N ASN D 332 9.85 25.47 -36.28
CA ASN D 332 9.71 24.02 -36.31
C ASN D 332 9.69 23.41 -34.94
N LEU D 333 10.49 23.96 -34.04
CA LEU D 333 10.55 23.42 -32.69
C LEU D 333 9.33 23.71 -31.84
N PHE D 334 8.66 24.83 -32.10
CA PHE D 334 7.48 25.24 -31.32
C PHE D 334 6.59 24.11 -30.83
N PRO D 335 6.07 23.27 -31.74
CA PRO D 335 5.19 22.17 -31.33
C PRO D 335 5.76 21.40 -30.14
N TYR D 336 7.08 21.23 -30.16
CA TYR D 336 7.75 20.52 -29.12
C TYR D 336 7.89 21.37 -27.88
N LEU D 337 8.04 22.68 -28.08
CA LEU D 337 8.17 23.60 -26.96
C LEU D 337 6.89 23.62 -26.15
N ILE D 338 5.78 23.33 -26.84
CA ILE D 338 4.44 23.29 -26.22
C ILE D 338 4.06 21.93 -25.59
N ARG D 339 4.42 20.84 -26.25
CA ARG D 339 4.11 19.51 -25.75
C ARG D 339 4.75 19.24 -24.40
N TYR D 340 6.00 19.69 -24.24
CA TYR D 340 6.73 19.48 -23.00
C TYR D 340 6.35 20.49 -21.95
N LEU D 341 6.31 21.76 -22.34
CA LEU D 341 5.91 22.85 -21.44
C LEU D 341 4.66 22.49 -20.62
N SER D 342 3.75 21.74 -21.26
CA SER D 342 2.50 21.29 -20.67
C SER D 342 2.63 20.02 -19.88
N ASP D 343 3.63 19.21 -20.22
CA ASP D 343 3.81 17.93 -19.53
C ASP D 343 3.41 18.04 -18.07
N ASP D 344 2.55 17.12 -17.63
CA ASP D 344 2.10 17.10 -16.24
C ASP D 344 3.35 17.13 -15.36
N TYR D 345 4.30 16.24 -15.64
CA TYR D 345 5.52 16.20 -14.85
C TYR D 345 6.17 17.58 -14.84
N ASP D 346 6.20 18.21 -13.67
CA ASP D 346 6.78 19.54 -13.53
C ASP D 346 8.25 19.60 -13.92
N GLU D 347 9.01 18.56 -13.58
CA GLU D 347 10.42 18.55 -13.92
C GLU D 347 10.64 18.57 -15.45
N THR D 348 9.80 17.85 -16.19
CA THR D 348 9.92 17.81 -17.65
C THR D 348 9.75 19.19 -18.26
N SER D 349 8.68 19.90 -17.90
CA SER D 349 8.42 21.22 -18.47
C SER D 349 9.46 22.27 -18.13
N THR D 350 9.83 22.40 -16.86
CA THR D 350 10.81 23.39 -16.45
C THR D 350 12.05 23.31 -17.31
N ALA D 351 12.35 22.09 -17.77
CA ALA D 351 13.52 21.84 -18.59
C ALA D 351 13.53 22.64 -19.86
N VAL D 352 12.43 23.33 -20.13
CA VAL D 352 12.33 24.10 -21.34
C VAL D 352 12.08 25.60 -21.10
N PHE D 353 11.96 25.99 -19.82
CA PHE D 353 11.73 27.38 -19.46
C PHE D 353 12.71 28.29 -20.21
N PRO D 354 14.02 28.08 -20.02
CA PRO D 354 15.04 28.90 -20.70
C PRO D 354 14.81 29.06 -22.21
N PHE D 355 14.44 27.99 -22.90
CA PHE D 355 14.19 28.15 -24.31
C PHE D 355 13.07 29.18 -24.43
N LEU D 356 11.96 28.92 -23.74
CA LEU D 356 10.81 29.80 -23.78
C LEU D 356 11.19 31.21 -23.36
N SER D 357 11.94 31.30 -22.28
CA SER D 357 12.37 32.57 -21.75
C SER D 357 12.98 33.38 -22.88
N ASP D 358 14.01 32.85 -23.52
CA ASP D 358 14.71 33.51 -24.63
C ASP D 358 13.82 33.74 -25.84
N LEU D 359 13.02 32.73 -26.20
CA LEU D 359 12.14 32.84 -27.34
C LEU D 359 11.23 34.03 -27.24
N LEU D 360 10.60 34.18 -26.08
CA LEU D 360 9.69 35.29 -25.86
C LEU D 360 10.37 36.64 -25.94
N VAL D 361 11.47 36.78 -25.22
CA VAL D 361 12.21 38.03 -25.23
C VAL D 361 12.61 38.35 -26.66
N SER D 362 12.89 37.32 -27.44
CA SER D 362 13.25 37.52 -28.84
C SER D 362 11.99 38.00 -29.53
N LEU D 363 10.90 37.28 -29.30
CA LEU D 363 9.65 37.60 -29.93
C LEU D 363 9.08 38.99 -29.74
N ARG D 364 9.44 39.69 -28.66
CA ARG D 364 8.88 41.03 -28.52
C ARG D 364 9.81 42.03 -29.13
N LYS D 365 11.08 41.67 -29.21
CA LYS D 365 12.02 42.58 -29.84
C LYS D 365 11.53 42.59 -31.28
N GLU D 366 10.98 41.45 -31.74
CA GLU D 366 10.46 41.38 -33.09
C GLU D 366 9.04 41.95 -33.13
N SER D 367 8.42 42.12 -31.97
CA SER D 367 7.08 42.64 -31.93
C SER D 367 7.02 44.14 -31.71
N SER D 368 8.16 44.80 -31.58
CA SER D 368 8.18 46.23 -31.33
C SER D 368 7.80 47.18 -32.47
N SER D 369 7.93 46.73 -33.70
CA SER D 369 7.59 47.57 -34.85
C SER D 369 7.31 46.68 -36.03
N LYS D 370 6.15 46.03 -35.98
CA LYS D 370 5.77 45.14 -37.04
C LYS D 370 4.27 44.96 -37.05
N GLU D 371 3.85 43.89 -37.70
CA GLU D 371 2.44 43.52 -37.80
C GLU D 371 2.37 42.17 -37.12
N LEU D 372 1.41 41.98 -36.23
CA LEU D 372 1.29 40.68 -35.56
C LEU D 372 0.85 39.63 -36.58
N SER D 373 1.37 38.42 -36.44
CA SER D 373 1.03 37.32 -37.36
C SER D 373 -0.10 36.46 -36.84
N ALA D 374 -0.89 35.91 -37.76
CA ALA D 374 -2.01 35.08 -37.36
C ALA D 374 -1.51 33.86 -36.59
N SER D 375 -0.39 33.31 -37.05
CA SER D 375 0.15 32.11 -36.44
C SER D 375 0.90 32.46 -35.19
N LEU D 376 1.49 33.64 -35.22
CA LEU D 376 2.28 34.10 -34.10
C LEU D 376 1.38 34.30 -32.90
N LYS D 377 0.21 34.86 -33.16
CA LYS D 377 -0.78 35.13 -32.13
C LYS D 377 -1.33 33.85 -31.53
N GLU D 378 -1.43 32.82 -32.36
CA GLU D 378 -1.95 31.52 -31.94
C GLU D 378 -0.93 30.82 -31.08
N PHE D 379 0.33 31.00 -31.45
CA PHE D 379 1.41 30.40 -30.70
C PHE D 379 1.27 30.95 -29.29
N LEU D 380 1.33 32.27 -29.14
CA LEU D 380 1.22 32.89 -27.82
C LEU D 380 -0.01 32.38 -27.06
N LYS D 381 -1.16 32.37 -27.73
CA LYS D 381 -2.37 31.90 -27.11
C LYS D 381 -2.22 30.48 -26.64
N SER D 382 -1.38 29.71 -27.30
CA SER D 382 -1.20 28.32 -26.92
C SER D 382 -0.18 28.13 -25.80
N LEU D 383 0.75 29.07 -25.66
CA LEU D 383 1.72 28.99 -24.57
C LEU D 383 0.96 29.44 -23.33
N LEU D 384 0.09 30.44 -23.51
CA LEU D 384 -0.73 30.90 -22.40
C LEU D 384 -1.60 29.75 -21.98
N GLU D 385 -2.16 29.04 -22.98
CA GLU D 385 -3.03 27.89 -22.76
C GLU D 385 -2.38 26.87 -21.84
N ALA D 386 -1.08 26.70 -22.04
CA ALA D 386 -0.26 25.76 -21.28
C ALA D 386 0.12 26.31 -19.91
N ILE D 387 0.75 27.49 -19.90
CA ILE D 387 1.17 28.12 -18.66
C ILE D 387 0.05 28.08 -17.64
N ILE D 388 -1.18 28.24 -18.12
CA ILE D 388 -2.36 28.22 -17.27
C ILE D 388 -2.57 26.84 -16.66
N LYS D 389 -2.28 25.81 -17.43
CA LYS D 389 -2.45 24.45 -16.96
C LYS D 389 -1.41 24.22 -15.91
N LYS D 390 -0.24 24.78 -16.16
CA LYS D 390 0.88 24.64 -15.25
C LYS D 390 0.66 25.44 -13.98
N MET D 391 -0.11 26.51 -14.13
CA MET D 391 -0.40 27.38 -13.02
C MET D 391 -1.39 26.81 -12.00
N LYS D 392 -2.16 25.79 -12.39
CA LYS D 392 -3.17 25.22 -11.49
C LYS D 392 -2.77 24.08 -10.57
N TYR D 393 -3.50 23.96 -9.47
CA TYR D 393 -3.27 22.88 -8.55
C TYR D 393 -3.79 21.55 -9.16
N ASP D 394 -3.12 20.45 -8.84
CA ASP D 394 -3.55 19.14 -9.33
C ASP D 394 -4.89 18.85 -8.71
N GLU D 395 -5.91 18.73 -9.55
CA GLU D 395 -7.25 18.43 -9.07
C GLU D 395 -7.25 16.93 -8.79
N SER D 396 -6.09 16.31 -8.98
CA SER D 396 -5.90 14.89 -8.74
C SER D 396 -5.59 14.60 -7.27
N GLN D 397 -4.72 15.41 -6.67
CA GLN D 397 -4.36 15.25 -5.26
C GLN D 397 -5.10 16.27 -4.38
N GLU D 398 -4.81 16.26 -3.08
CA GLU D 398 -5.45 17.23 -2.18
C GLU D 398 -4.40 18.25 -1.78
N TRP D 399 -4.85 19.34 -1.15
CA TRP D 399 -3.92 20.37 -0.72
C TRP D 399 -3.16 19.98 0.54
N ASP D 400 -1.84 20.21 0.56
CA ASP D 400 -1.00 19.89 1.72
C ASP D 400 -1.06 20.93 2.83
N ASP D 401 -1.93 20.67 3.80
CA ASP D 401 -2.12 21.54 4.94
C ASP D 401 -0.81 21.61 5.72
N ASP D 402 0.11 20.71 5.46
CA ASP D 402 1.38 20.77 6.16
C ASP D 402 2.19 21.86 5.45
N PRO D 403 2.50 22.96 6.17
CA PRO D 403 3.25 24.13 5.70
C PRO D 403 4.73 23.87 5.50
N ASP D 404 5.19 22.70 5.90
CA ASP D 404 6.58 22.35 5.74
C ASP D 404 6.68 21.34 4.59
N SER D 405 5.83 21.50 3.58
CA SER D 405 5.86 20.58 2.45
C SER D 405 6.74 21.13 1.36
N GLU D 406 7.82 20.41 1.05
CA GLU D 406 8.72 20.86 0.01
C GLU D 406 7.92 20.95 -1.27
N GLU D 407 6.96 20.04 -1.40
CA GLU D 407 6.10 20.02 -2.58
C GLU D 407 5.53 21.42 -2.76
N GLU D 408 4.73 21.87 -1.80
CA GLU D 408 4.12 23.19 -1.89
C GLU D 408 5.19 24.25 -2.17
N ALA D 409 6.39 24.00 -1.65
CA ALA D 409 7.51 24.90 -1.81
C ALA D 409 7.94 25.05 -3.26
N GLU D 410 8.12 23.91 -3.93
CA GLU D 410 8.53 23.90 -5.32
C GLU D 410 7.45 24.43 -6.27
N PHE D 411 6.18 24.21 -5.93
CA PHE D 411 5.08 24.69 -6.75
C PHE D 411 5.10 26.20 -6.79
N GLN D 412 5.05 26.83 -5.62
CA GLN D 412 5.06 28.28 -5.54
C GLN D 412 6.26 28.86 -6.28
N GLU D 413 7.38 28.14 -6.31
CA GLU D 413 8.56 28.66 -7.00
C GLU D 413 8.33 28.68 -8.50
N MET D 414 7.59 27.68 -8.99
CA MET D 414 7.31 27.59 -10.41
C MET D 414 6.35 28.69 -10.82
N ARG D 415 5.29 28.83 -10.05
CA ARG D 415 4.31 29.85 -10.30
C ARG D 415 5.00 31.20 -10.41
N LYS D 416 6.10 31.37 -9.68
CA LYS D 416 6.81 32.63 -9.74
C LYS D 416 7.39 32.77 -11.14
N LYS D 417 7.87 31.66 -11.68
CA LYS D 417 8.43 31.68 -13.02
C LYS D 417 7.30 31.83 -14.01
N LEU D 418 6.32 30.94 -13.91
CA LEU D 418 5.16 30.93 -14.77
C LEU D 418 4.55 32.33 -14.90
N LYS D 419 4.61 33.10 -13.82
CA LYS D 419 4.07 34.45 -13.84
C LYS D 419 4.82 35.31 -14.83
N ILE D 420 6.13 35.36 -14.66
CA ILE D 420 6.98 36.15 -15.52
C ILE D 420 6.77 35.81 -17.00
N PHE D 421 6.43 34.55 -17.29
CA PHE D 421 6.19 34.16 -18.68
C PHE D 421 4.94 34.89 -19.19
N GLN D 422 3.97 35.09 -18.29
CA GLN D 422 2.73 35.77 -18.62
C GLN D 422 2.98 37.26 -18.87
N ASP D 423 3.72 37.89 -17.97
CA ASP D 423 4.04 39.30 -18.07
C ASP D 423 4.75 39.55 -19.38
N THR D 424 5.68 38.66 -19.74
CA THR D 424 6.44 38.80 -20.97
C THR D 424 5.48 38.72 -22.15
N ILE D 425 4.71 37.65 -22.23
CA ILE D 425 3.75 37.49 -23.32
C ILE D 425 2.88 38.73 -23.38
N ASN D 426 2.55 39.29 -22.22
CA ASN D 426 1.74 40.50 -22.16
C ASN D 426 2.51 41.54 -22.95
N SER D 427 3.74 41.81 -22.51
CA SER D 427 4.61 42.78 -23.16
C SER D 427 4.59 42.72 -24.69
N ILE D 428 4.34 41.53 -25.24
CA ILE D 428 4.32 41.39 -26.69
C ILE D 428 2.97 41.81 -27.23
N ASP D 429 1.92 41.49 -26.48
CA ASP D 429 0.55 41.81 -26.85
C ASP D 429 -0.30 41.90 -25.61
N SER D 430 -0.35 43.08 -25.02
CA SER D 430 -1.10 43.29 -23.78
C SER D 430 -2.59 42.98 -23.84
N SER D 431 -3.21 43.19 -24.99
CA SER D 431 -4.63 42.96 -25.08
C SER D 431 -5.03 41.51 -25.37
N LEU D 432 -4.19 40.77 -26.07
CA LEU D 432 -4.50 39.37 -26.35
C LEU D 432 -4.40 38.63 -25.02
N PHE D 433 -3.44 39.04 -24.22
CA PHE D 433 -3.23 38.44 -22.92
C PHE D 433 -4.41 38.78 -22.03
N SER D 434 -4.67 40.06 -21.86
CA SER D 434 -5.76 40.53 -21.02
C SER D 434 -7.01 39.72 -21.28
N SER D 435 -7.47 39.79 -22.51
CA SER D 435 -8.68 39.08 -22.88
C SER D 435 -8.54 37.61 -22.60
N TYR D 436 -7.43 37.01 -23.03
CA TYR D 436 -7.24 35.58 -22.82
C TYR D 436 -7.37 35.26 -21.32
N MET D 437 -6.71 36.07 -20.50
CA MET D 437 -6.74 35.86 -19.07
C MET D 437 -8.11 36.07 -18.46
N TYR D 438 -8.83 37.09 -18.93
CA TYR D 438 -10.17 37.37 -18.40
C TYR D 438 -11.10 36.20 -18.59
N SER D 439 -11.22 35.75 -19.84
CA SER D 439 -12.09 34.63 -20.14
C SER D 439 -11.55 33.37 -19.52
N ALA D 440 -10.34 33.45 -19.01
CA ALA D 440 -9.74 32.30 -18.36
C ALA D 440 -10.37 32.30 -16.97
N ILE D 441 -10.10 33.36 -16.23
CA ILE D 441 -10.61 33.51 -14.87
C ILE D 441 -12.12 33.37 -14.85
N THR D 442 -12.78 34.03 -15.80
CA THR D 442 -14.23 33.98 -15.89
C THR D 442 -14.71 32.55 -16.14
N SER D 443 -14.19 31.90 -17.17
CA SER D 443 -14.58 30.53 -17.50
C SER D 443 -14.32 29.62 -16.32
N SER D 444 -13.21 29.87 -15.64
CA SER D 444 -12.82 29.06 -14.51
C SER D 444 -13.86 29.10 -13.41
N LEU D 445 -14.20 30.29 -12.94
CA LEU D 445 -15.17 30.41 -11.88
C LEU D 445 -16.52 29.79 -12.21
N SER D 446 -16.98 29.95 -13.46
CA SER D 446 -18.26 29.41 -13.92
C SER D 446 -18.26 27.92 -13.66
N THR D 447 -17.34 27.24 -14.35
CA THR D 447 -17.19 25.81 -14.20
C THR D 447 -17.18 25.44 -12.74
N ALA D 448 -16.54 26.26 -11.93
CA ALA D 448 -16.44 26.03 -10.50
C ALA D 448 -17.79 25.78 -9.82
N ALA D 449 -18.77 26.64 -10.10
CA ALA D 449 -20.10 26.50 -9.50
C ALA D 449 -20.74 25.14 -9.80
N THR D 450 -20.38 24.54 -10.92
CA THR D 450 -20.93 23.25 -11.33
C THR D 450 -20.33 22.09 -10.55
N LEU D 451 -19.53 22.38 -9.54
CA LEU D 451 -18.89 21.30 -8.82
C LEU D 451 -19.14 21.26 -7.34
N SER D 452 -18.89 20.09 -6.74
CA SER D 452 -19.06 19.92 -5.31
C SER D 452 -18.01 20.82 -4.65
N PRO D 453 -18.39 21.51 -3.57
CA PRO D 453 -17.42 22.38 -2.91
C PRO D 453 -16.11 21.63 -2.64
N GLU D 454 -16.25 20.40 -2.15
CA GLU D 454 -15.11 19.55 -1.83
C GLU D 454 -14.14 19.36 -2.99
N ASN D 455 -14.58 19.55 -4.22
CA ASN D 455 -13.68 19.34 -5.35
C ASN D 455 -13.64 20.44 -6.42
N SER D 456 -13.85 21.69 -6.01
CA SER D 456 -13.84 22.82 -6.93
C SER D 456 -12.83 23.89 -6.56
N TRP D 457 -12.18 23.74 -5.42
CA TRP D 457 -11.24 24.75 -5.01
C TRP D 457 -10.08 24.99 -5.97
N GLN D 458 -9.42 23.94 -6.43
CA GLN D 458 -8.29 24.12 -7.36
C GLN D 458 -8.59 25.15 -8.44
N LEU D 459 -9.73 24.99 -9.09
CA LEU D 459 -10.15 25.89 -10.15
C LEU D 459 -10.28 27.33 -9.65
N ILE D 460 -10.94 27.51 -8.50
CA ILE D 460 -11.12 28.86 -7.94
C ILE D 460 -9.77 29.46 -7.50
N GLU D 461 -8.94 28.67 -6.87
CA GLU D 461 -7.65 29.16 -6.42
C GLU D 461 -6.94 29.66 -7.67
N PHE D 462 -7.05 28.92 -8.76
CA PHE D 462 -6.41 29.36 -10.00
C PHE D 462 -6.93 30.76 -10.37
N ALA D 463 -8.25 30.90 -10.33
CA ALA D 463 -8.89 32.16 -10.67
C ALA D 463 -8.48 33.30 -9.75
N LEU D 464 -8.63 33.11 -8.45
CA LEU D 464 -8.26 34.16 -7.52
C LEU D 464 -6.78 34.50 -7.59
N TYR D 465 -5.94 33.51 -7.87
CA TYR D 465 -4.50 33.76 -7.96
C TYR D 465 -4.20 34.64 -9.17
N GLU D 466 -4.58 34.14 -10.34
CA GLU D 466 -4.37 34.89 -11.56
C GLU D 466 -4.86 36.31 -11.35
N THR D 467 -5.99 36.43 -10.66
CA THR D 467 -6.61 37.73 -10.35
C THR D 467 -5.71 38.60 -9.49
N TYR D 468 -5.17 37.99 -8.42
CA TYR D 468 -4.28 38.67 -7.49
C TYR D 468 -3.04 39.16 -8.21
N ILE D 469 -2.64 38.46 -9.25
CA ILE D 469 -1.45 38.80 -10.03
C ILE D 469 -1.71 39.71 -11.22
N PHE D 470 -2.91 39.65 -11.78
CA PHE D 470 -3.23 40.43 -12.94
C PHE D 470 -2.86 41.90 -12.86
N GLY D 471 -3.04 42.52 -11.71
CA GLY D 471 -2.72 43.92 -11.59
C GLY D 471 -1.64 44.28 -10.59
N GLU D 472 -0.62 43.44 -10.49
CA GLU D 472 0.45 43.69 -9.56
C GLU D 472 1.31 44.90 -9.95
N GLY D 473 1.68 45.72 -8.98
CA GLY D 473 2.51 46.88 -9.25
C GLY D 473 1.86 47.98 -10.07
N LEU D 474 0.60 47.80 -10.43
CA LEU D 474 -0.06 48.82 -11.24
C LEU D 474 -0.49 50.06 -10.43
N ARG D 475 -0.70 51.17 -11.14
CA ARG D 475 -1.13 52.42 -10.54
C ARG D 475 -2.54 52.34 -9.98
N GLY D 476 -2.99 53.41 -9.35
CA GLY D 476 -4.31 53.41 -8.77
C GLY D 476 -5.43 53.96 -9.62
N PRO D 477 -5.17 54.86 -10.58
CA PRO D 477 -6.32 55.34 -11.35
C PRO D 477 -6.34 54.81 -12.78
N ASP D 478 -5.17 54.48 -13.31
CA ASP D 478 -5.03 53.99 -14.67
C ASP D 478 -5.27 52.50 -14.86
N ALA D 479 -4.98 51.71 -13.84
CA ALA D 479 -5.16 50.26 -13.95
C ALA D 479 -6.63 49.90 -13.96
N PHE D 480 -7.43 50.81 -13.45
CA PHE D 480 -8.85 50.56 -13.38
C PHE D 480 -9.68 51.12 -14.52
N PHE D 481 -9.47 52.36 -14.87
CA PHE D 481 -10.24 52.98 -15.94
C PHE D 481 -9.31 53.54 -16.98
N ASN D 482 -9.67 53.41 -18.26
CA ASN D 482 -8.85 53.94 -19.35
C ASN D 482 -8.54 55.42 -19.10
N GLU D 483 -7.47 55.93 -19.71
CA GLU D 483 -7.08 57.34 -19.52
C GLU D 483 -7.68 58.26 -20.58
N VAL D 484 -8.56 57.70 -21.41
CA VAL D 484 -9.21 58.48 -22.46
C VAL D 484 -10.74 58.38 -22.45
N ASP D 485 -11.29 57.18 -22.44
CA ASP D 485 -12.74 57.07 -22.42
C ASP D 485 -13.22 56.73 -20.99
N LYS D 486 -12.25 56.53 -20.11
CA LYS D 486 -12.52 56.22 -18.71
C LYS D 486 -13.31 54.94 -18.55
N SER D 487 -13.32 54.10 -19.58
CA SER D 487 -14.02 52.81 -19.53
C SER D 487 -13.21 51.85 -18.68
N PRO D 488 -13.87 50.89 -18.04
CA PRO D 488 -13.14 49.94 -17.20
C PRO D 488 -12.01 49.20 -17.93
N THR D 489 -11.11 48.64 -17.14
CA THR D 489 -10.00 47.90 -17.68
C THR D 489 -10.24 46.45 -17.33
N VAL D 490 -9.50 45.56 -17.96
CA VAL D 490 -9.69 44.16 -17.67
C VAL D 490 -9.53 43.87 -16.17
N LEU D 491 -8.63 44.57 -15.48
CA LEU D 491 -8.45 44.35 -14.03
C LEU D 491 -9.75 44.77 -13.36
N SER D 492 -10.20 45.99 -13.64
CA SER D 492 -11.44 46.50 -13.06
C SER D 492 -12.52 45.48 -13.30
N GLN D 493 -12.61 45.00 -14.53
CA GLN D 493 -13.61 44.02 -14.88
C GLN D 493 -13.43 42.69 -14.17
N ILE D 494 -12.17 42.31 -13.95
CA ILE D 494 -11.84 41.06 -13.27
C ILE D 494 -12.20 41.16 -11.79
N LEU D 495 -11.68 42.22 -11.16
CA LEU D 495 -11.92 42.47 -9.75
C LEU D 495 -13.40 42.52 -9.52
N ALA D 496 -14.08 43.16 -10.46
CA ALA D 496 -15.49 43.33 -10.39
C ALA D 496 -16.18 41.97 -10.29
N LEU D 497 -15.77 41.05 -11.15
CA LEU D 497 -16.37 39.72 -11.20
C LEU D 497 -16.17 38.98 -9.89
N VAL D 498 -14.93 39.03 -9.40
CA VAL D 498 -14.52 38.36 -8.17
C VAL D 498 -15.21 38.91 -6.94
N THR D 499 -15.31 40.23 -6.84
CA THR D 499 -15.96 40.88 -5.71
C THR D 499 -17.46 40.53 -5.70
N THR D 500 -18.00 40.25 -6.87
CA THR D 500 -19.41 39.93 -7.04
C THR D 500 -19.69 38.42 -7.11
N SER D 501 -18.64 37.60 -7.17
CA SER D 501 -18.81 36.13 -7.28
C SER D 501 -19.17 35.49 -5.95
N GLN D 502 -19.53 34.20 -6.00
CA GLN D 502 -19.90 33.46 -4.79
C GLN D 502 -18.70 32.73 -4.21
N VAL D 503 -17.52 33.32 -4.40
CA VAL D 503 -16.27 32.75 -3.90
C VAL D 503 -16.12 33.02 -2.41
N CYS D 504 -16.47 34.24 -2.00
CA CYS D 504 -16.37 34.70 -0.62
C CYS D 504 -16.92 33.70 0.39
N ARG D 505 -17.90 32.92 -0.04
CA ARG D 505 -18.51 31.95 0.84
C ARG D 505 -17.90 30.54 0.74
N HIS D 506 -16.78 30.41 0.04
CA HIS D 506 -16.13 29.10 -0.08
C HIS D 506 -15.46 28.82 1.26
N PRO D 507 -15.41 27.54 1.66
CA PRO D 507 -14.79 27.15 2.92
C PRO D 507 -13.26 26.90 2.90
N HIS D 508 -12.72 26.68 1.71
CA HIS D 508 -11.30 26.40 1.57
C HIS D 508 -10.34 27.53 1.96
N PRO D 509 -9.34 27.19 2.80
CA PRO D 509 -8.30 28.08 3.32
C PRO D 509 -7.54 28.88 2.26
N LEU D 510 -7.09 28.23 1.20
CA LEU D 510 -6.36 28.92 0.15
C LEU D 510 -7.21 29.94 -0.54
N VAL D 511 -8.50 29.62 -0.70
CA VAL D 511 -9.44 30.53 -1.37
C VAL D 511 -9.74 31.75 -0.49
N GLN D 512 -10.08 31.50 0.77
CA GLN D 512 -10.41 32.58 1.67
C GLN D 512 -9.25 33.54 1.71
N LEU D 513 -8.10 33.05 2.17
CA LEU D 513 -6.89 33.86 2.26
C LEU D 513 -6.68 34.73 1.05
N LEU D 514 -6.64 34.08 -0.11
CA LEU D 514 -6.43 34.78 -1.38
C LEU D 514 -7.51 35.81 -1.65
N TYR D 515 -8.74 35.52 -1.24
CA TYR D 515 -9.82 36.46 -1.47
C TYR D 515 -9.52 37.73 -0.72
N MET D 516 -9.07 37.57 0.53
CA MET D 516 -8.74 38.70 1.41
C MET D 516 -7.50 39.42 0.91
N GLU D 517 -6.56 38.69 0.35
CA GLU D 517 -5.37 39.32 -0.18
C GLU D 517 -5.78 40.20 -1.35
N ILE D 518 -6.58 39.66 -2.28
CA ILE D 518 -7.07 40.43 -3.42
C ILE D 518 -7.73 41.71 -2.92
N LEU D 519 -8.58 41.55 -1.92
CA LEU D 519 -9.31 42.68 -1.32
C LEU D 519 -8.42 43.74 -0.67
N VAL D 520 -7.23 43.33 -0.25
CA VAL D 520 -6.31 44.26 0.37
C VAL D 520 -5.54 44.97 -0.72
N ARG D 521 -4.86 44.20 -1.56
CA ARG D 521 -4.06 44.71 -2.66
C ARG D 521 -4.84 45.65 -3.55
N TYR D 522 -6.07 45.30 -3.87
CA TYR D 522 -6.84 46.15 -4.74
C TYR D 522 -7.88 46.96 -3.99
N ALA D 523 -7.52 47.45 -2.81
CA ALA D 523 -8.45 48.25 -2.03
C ALA D 523 -8.76 49.60 -2.70
N SER D 524 -7.75 50.16 -3.38
CA SER D 524 -7.90 51.44 -4.06
C SER D 524 -8.99 51.34 -5.13
N PHE D 525 -9.26 50.12 -5.59
CA PHE D 525 -10.28 49.90 -6.61
C PHE D 525 -11.62 50.39 -6.06
N PHE D 526 -11.92 50.03 -4.81
CA PHE D 526 -13.17 50.41 -4.19
C PHE D 526 -13.28 51.90 -3.88
N ASP D 527 -12.24 52.67 -4.18
CA ASP D 527 -12.35 54.10 -3.91
C ASP D 527 -13.54 54.67 -4.66
N TYR D 528 -13.78 54.17 -5.86
CA TYR D 528 -14.88 54.63 -6.68
C TYR D 528 -16.21 54.02 -6.26
N GLU D 529 -16.24 52.70 -6.11
CA GLU D 529 -17.44 51.95 -5.71
C GLU D 529 -17.52 51.88 -4.18
N SER D 530 -17.80 53.02 -3.58
CA SER D 530 -17.89 53.13 -2.12
C SER D 530 -19.02 52.35 -1.50
N ALA D 531 -20.11 52.18 -2.22
CA ALA D 531 -21.25 51.46 -1.71
C ALA D 531 -20.94 49.99 -1.44
N ALA D 532 -19.90 49.50 -2.08
CA ALA D 532 -19.51 48.10 -1.96
C ALA D 532 -18.78 47.74 -0.68
N ILE D 533 -18.14 48.73 -0.08
CA ILE D 533 -17.35 48.57 1.12
C ILE D 533 -18.01 47.94 2.34
N PRO D 534 -19.14 48.52 2.79
CA PRO D 534 -19.82 47.95 3.96
C PRO D 534 -19.95 46.43 3.89
N ALA D 535 -20.15 45.93 2.69
CA ALA D 535 -20.27 44.50 2.50
C ALA D 535 -18.89 43.81 2.60
N LEU D 536 -17.84 44.51 2.19
CA LEU D 536 -16.51 43.92 2.25
C LEU D 536 -16.08 43.85 3.68
N ILE D 537 -16.24 44.96 4.36
CA ILE D 537 -15.86 45.05 5.76
C ILE D 537 -16.71 44.09 6.61
N GLU D 538 -17.94 43.86 6.16
CA GLU D 538 -18.80 42.93 6.86
C GLU D 538 -18.17 41.56 6.68
N TYR D 539 -17.47 41.37 5.57
CA TYR D 539 -16.83 40.09 5.28
C TYR D 539 -15.68 39.76 6.23
N PHE D 540 -14.69 40.65 6.29
CA PHE D 540 -13.55 40.44 7.17
C PHE D 540 -13.99 40.17 8.59
N VAL D 541 -14.86 41.04 9.08
CA VAL D 541 -15.38 40.94 10.42
C VAL D 541 -16.16 39.66 10.70
N GLY D 542 -16.99 39.23 9.75
CA GLY D 542 -17.79 38.03 9.89
C GLY D 542 -17.04 36.70 10.04
N PRO D 543 -17.76 35.61 10.31
CA PRO D 543 -17.18 34.27 10.49
C PRO D 543 -16.22 33.79 9.41
N ARG D 544 -16.36 34.29 8.19
CA ARG D 544 -15.45 33.84 7.14
C ARG D 544 -14.09 34.54 7.21
N GLY D 545 -13.97 35.57 8.06
CA GLY D 545 -12.74 36.32 8.15
C GLY D 545 -11.96 36.39 9.46
N ILE D 546 -12.14 37.46 10.23
CA ILE D 546 -11.42 37.61 11.50
C ILE D 546 -11.85 36.58 12.55
N HIS D 547 -13.05 36.02 12.40
CA HIS D 547 -13.53 35.02 13.34
C HIS D 547 -13.35 33.61 12.81
N ASN D 548 -12.59 33.47 11.73
CA ASN D 548 -12.37 32.16 11.10
C ASN D 548 -12.04 31.06 12.09
N THR D 549 -12.45 29.84 11.75
CA THR D 549 -12.27 28.70 12.61
C THR D 549 -11.03 27.93 12.23
N ASN D 550 -10.25 28.47 11.30
CA ASN D 550 -9.06 27.76 10.87
C ASN D 550 -7.82 28.39 11.47
N GLU D 551 -7.09 27.61 12.23
CA GLU D 551 -5.89 28.10 12.88
C GLU D 551 -4.96 28.84 11.93
N ARG D 552 -4.87 28.38 10.69
CA ARG D 552 -3.98 29.02 9.71
C ARG D 552 -4.43 30.38 9.20
N VAL D 553 -5.74 30.55 9.08
CA VAL D 553 -6.29 31.81 8.57
C VAL D 553 -6.56 32.90 9.62
N ARG D 554 -7.31 32.56 10.67
CA ARG D 554 -7.65 33.49 11.75
C ARG D 554 -6.59 34.54 12.02
N PRO D 555 -5.34 34.13 12.25
CA PRO D 555 -4.31 35.12 12.51
C PRO D 555 -4.08 36.01 11.29
N ARG D 556 -3.75 35.37 10.16
CA ARG D 556 -3.49 36.06 8.91
C ARG D 556 -4.59 37.05 8.57
N ALA D 557 -5.82 36.62 8.81
CA ALA D 557 -6.99 37.44 8.55
C ALA D 557 -6.84 38.78 9.23
N TRP D 558 -6.49 38.72 10.51
CA TRP D 558 -6.34 39.92 11.34
C TRP D 558 -5.42 40.95 10.71
N TYR D 559 -4.30 40.49 10.20
CA TYR D 559 -3.37 41.39 9.55
C TYR D 559 -4.06 41.98 8.33
N LEU D 560 -4.70 41.13 7.54
CA LEU D 560 -5.38 41.60 6.35
C LEU D 560 -6.53 42.56 6.62
N PHE D 561 -7.23 42.36 7.73
CA PHE D 561 -8.33 43.25 8.05
C PHE D 561 -7.73 44.61 8.39
N TYR D 562 -6.63 44.60 9.14
CA TYR D 562 -5.93 45.82 9.52
C TYR D 562 -5.48 46.46 8.24
N ARG D 563 -4.68 45.71 7.49
CA ARG D 563 -4.16 46.17 6.21
C ARG D 563 -5.31 46.78 5.38
N PHE D 564 -6.46 46.10 5.35
CA PHE D 564 -7.60 46.62 4.58
C PHE D 564 -8.07 47.95 5.16
N VAL D 565 -8.53 47.92 6.41
CA VAL D 565 -9.00 49.12 7.09
C VAL D 565 -8.04 50.29 6.87
N LYS D 566 -6.75 49.97 6.92
CA LYS D 566 -5.69 50.94 6.75
C LYS D 566 -5.63 51.53 5.32
N SER D 567 -6.09 50.78 4.32
CA SER D 567 -6.03 51.30 2.95
C SER D 567 -7.31 51.88 2.36
N ILE D 568 -8.45 51.50 2.93
CA ILE D 568 -9.75 51.97 2.46
C ILE D 568 -9.88 53.48 2.59
N LYS D 569 -10.32 54.15 1.53
CA LYS D 569 -10.53 55.59 1.60
C LYS D 569 -11.57 55.72 2.71
N LYS D 570 -11.33 56.60 3.67
CA LYS D 570 -12.27 56.75 4.78
C LYS D 570 -13.53 57.58 4.53
N GLN D 571 -13.98 57.63 3.28
CA GLN D 571 -15.19 58.38 2.94
C GLN D 571 -16.43 57.81 3.63
N VAL D 572 -16.40 56.51 3.93
CA VAL D 572 -17.52 55.84 4.57
C VAL D 572 -17.41 55.62 6.09
N VAL D 573 -18.56 55.61 6.75
CA VAL D 573 -18.62 55.42 8.19
C VAL D 573 -19.68 54.39 8.57
N ASN D 574 -20.23 53.71 7.57
CA ASN D 574 -21.22 52.66 7.87
C ASN D 574 -20.70 51.51 8.78
N TYR D 575 -19.39 51.23 8.73
CA TYR D 575 -18.73 50.11 9.45
C TYR D 575 -18.08 50.41 10.77
N THR D 576 -18.08 51.68 11.17
CA THR D 576 -17.44 52.05 12.42
C THR D 576 -18.03 51.36 13.64
N GLU D 577 -19.29 51.65 13.92
CA GLU D 577 -19.95 51.10 15.08
C GLU D 577 -19.94 49.58 15.21
N SER D 578 -20.33 48.85 14.16
CA SER D 578 -20.42 47.37 14.18
C SER D 578 -19.09 46.65 14.27
N SER D 579 -18.17 47.02 13.39
CA SER D 579 -16.85 46.41 13.38
C SER D 579 -16.24 46.54 14.77
N LEU D 580 -16.41 47.68 15.40
CA LEU D 580 -15.86 47.87 16.74
C LEU D 580 -16.53 46.89 17.70
N ALA D 581 -17.76 46.53 17.39
CA ALA D 581 -18.52 45.64 18.24
C ALA D 581 -18.31 44.17 17.94
N MET D 582 -17.70 43.89 16.79
CA MET D 582 -17.42 42.51 16.39
C MET D 582 -16.00 42.16 16.78
N LEU D 583 -15.13 43.15 16.82
CA LEU D 583 -13.74 42.98 17.21
C LEU D 583 -13.65 42.67 18.70
N GLY D 584 -14.61 43.16 19.47
CA GLY D 584 -14.63 42.94 20.91
C GLY D 584 -14.29 41.54 21.38
N ASP D 585 -14.98 40.54 20.85
CA ASP D 585 -14.79 39.15 21.24
C ASP D 585 -13.35 38.66 21.04
N LEU D 586 -12.55 39.43 20.30
CA LEU D 586 -11.19 39.04 19.98
C LEU D 586 -10.09 39.84 20.65
N LEU D 587 -10.44 40.81 21.47
CA LEU D 587 -9.40 41.60 22.11
C LEU D 587 -8.90 41.03 23.44
N ASN D 588 -9.55 39.97 23.92
CA ASN D 588 -9.13 39.36 25.17
C ASN D 588 -7.73 38.87 24.90
N ILE D 589 -6.82 39.11 25.84
CA ILE D 589 -5.44 38.66 25.71
C ILE D 589 -5.27 37.36 26.46
N SER D 590 -4.77 36.31 25.81
CA SER D 590 -4.59 35.04 26.50
C SER D 590 -3.32 34.28 26.13
N VAL D 591 -2.21 34.76 26.65
CA VAL D 591 -0.94 34.13 26.41
C VAL D 591 -0.61 33.32 27.66
N SER D 592 -0.47 32.00 27.53
CA SER D 592 -0.10 31.21 28.69
C SER D 592 1.30 30.67 28.45
N PRO D 593 2.08 30.51 29.51
CA PRO D 593 3.46 30.00 29.43
C PRO D 593 3.59 28.68 28.68
N VAL D 594 4.58 28.57 27.80
CA VAL D 594 4.80 27.36 27.01
C VAL D 594 6.27 26.92 26.81
N THR D 595 6.50 25.61 26.89
CA THR D 595 7.84 25.04 26.72
C THR D 595 8.28 25.19 25.28
N ASP D 596 9.57 25.47 25.07
CA ASP D 596 10.08 25.66 23.72
C ASP D 596 11.37 24.88 23.43
N MET D 597 11.76 24.91 22.16
CA MET D 597 12.96 24.26 21.65
C MET D 597 14.18 24.84 22.37
N ASP D 598 14.17 26.16 22.56
CA ASP D 598 15.26 26.88 23.22
C ASP D 598 14.86 27.29 24.63
N ALA D 599 13.70 26.82 25.07
CA ALA D 599 13.22 27.18 26.40
C ALA D 599 12.68 26.00 27.19
N PRO D 600 13.53 25.35 27.98
CA PRO D 600 13.14 24.20 28.81
C PRO D 600 12.22 24.72 29.91
N VAL D 601 12.37 26.01 30.18
CA VAL D 601 11.57 26.71 31.17
C VAL D 601 10.77 27.68 30.30
N PRO D 602 9.47 27.85 30.56
CA PRO D 602 8.67 28.77 29.75
C PRO D 602 9.19 30.19 29.93
N THR D 603 9.44 30.87 28.83
CA THR D 603 9.92 32.24 28.87
C THR D 603 8.83 33.12 28.34
N LEU D 604 8.99 34.42 28.55
CA LEU D 604 8.02 35.36 28.03
C LEU D 604 8.05 35.15 26.53
N ASN D 605 9.26 35.04 26.01
CA ASN D 605 9.48 34.88 24.58
C ASN D 605 8.95 33.60 23.98
N SER D 606 9.11 32.49 24.68
CA SER D 606 8.65 31.20 24.17
C SER D 606 7.15 31.06 24.30
N SER D 607 6.58 31.84 25.22
CA SER D 607 5.16 31.81 25.48
C SER D 607 4.44 32.72 24.51
N ILE D 608 5.07 33.85 24.19
CA ILE D 608 4.46 34.80 23.26
C ILE D 608 4.65 34.40 21.81
N ARG D 609 5.78 33.78 21.52
CA ARG D 609 6.08 33.31 20.18
C ARG D 609 5.19 32.12 19.91
N ASN D 610 4.81 31.41 20.96
CA ASN D 610 3.96 30.27 20.74
C ASN D 610 2.51 30.65 20.83
N SER D 611 2.22 31.94 20.66
CA SER D 611 0.84 32.44 20.72
C SER D 611 0.45 33.07 19.38
N ASP D 612 -0.67 33.77 19.36
CA ASP D 612 -1.14 34.46 18.16
C ASP D 612 -1.16 35.94 18.51
N PHE D 613 -0.64 36.24 19.70
CA PHE D 613 -0.63 37.59 20.20
C PHE D 613 -0.07 38.62 19.25
N ASN D 614 1.14 38.39 18.74
CA ASN D 614 1.74 39.33 17.81
C ASN D 614 0.77 39.78 16.71
N SER D 615 0.04 38.81 16.15
CA SER D 615 -0.95 39.11 15.11
C SER D 615 -2.14 39.77 15.73
N GLN D 616 -2.40 39.47 16.98
CA GLN D 616 -3.52 40.10 17.64
C GLN D 616 -3.28 41.60 17.73
N LEU D 617 -2.02 41.98 17.87
CA LEU D 617 -1.68 43.40 17.99
C LEU D 617 -2.15 44.26 16.84
N TYR D 618 -2.57 43.64 15.75
CA TYR D 618 -3.03 44.41 14.62
C TYR D 618 -4.47 44.79 14.82
N LEU D 619 -5.20 43.95 15.55
CA LEU D 619 -6.60 44.24 15.80
C LEU D 619 -6.63 45.48 16.66
N PHE D 620 -5.78 45.49 17.68
CA PHE D 620 -5.73 46.64 18.55
C PHE D 620 -5.42 47.86 17.67
N GLU D 621 -4.47 47.75 16.75
CA GLU D 621 -4.15 48.89 15.87
C GLU D 621 -5.39 49.31 15.08
N THR D 622 -6.12 48.32 14.59
CA THR D 622 -7.34 48.55 13.83
C THR D 622 -8.30 49.38 14.67
N VAL D 623 -8.66 48.82 15.83
CA VAL D 623 -9.57 49.47 16.77
C VAL D 623 -9.15 50.92 17.00
N GLY D 624 -7.89 51.20 16.73
CA GLY D 624 -7.39 52.54 16.89
C GLY D 624 -7.62 53.27 15.61
N VAL D 625 -7.53 52.55 14.50
CA VAL D 625 -7.76 53.19 13.22
C VAL D 625 -9.26 53.44 13.00
N LEU D 626 -10.09 52.51 13.47
CA LEU D 626 -11.53 52.62 13.32
C LEU D 626 -12.10 53.81 14.07
N ILE D 627 -11.46 54.15 15.17
CA ILE D 627 -11.93 55.26 15.98
C ILE D 627 -11.43 56.60 15.47
N SER D 628 -10.32 56.56 14.73
CA SER D 628 -9.75 57.76 14.15
C SER D 628 -10.55 58.10 12.88
N SER D 629 -10.55 57.17 11.93
CA SER D 629 -11.30 57.37 10.71
C SER D 629 -12.74 56.99 11.09
N GLY D 630 -13.72 57.45 10.34
CA GLY D 630 -15.08 57.08 10.70
C GLY D 630 -15.63 58.14 11.63
N ASN D 631 -16.94 58.11 11.82
CA ASN D 631 -17.53 59.14 12.65
C ASN D 631 -18.25 58.68 13.89
N LEU D 632 -18.04 59.47 14.93
CA LEU D 632 -18.64 59.26 16.21
C LEU D 632 -18.61 60.63 16.83
N THR D 633 -19.40 60.78 17.88
CA THR D 633 -19.47 62.02 18.60
C THR D 633 -18.15 62.03 19.39
N PRO D 634 -17.38 63.13 19.33
CA PRO D 634 -16.11 63.18 20.06
C PRO D 634 -16.25 62.59 21.44
N GLU D 635 -17.46 62.65 22.01
CA GLU D 635 -17.70 62.13 23.36
C GLU D 635 -17.66 60.60 23.28
N GLU D 636 -18.25 60.07 22.22
CA GLU D 636 -18.28 58.62 21.96
C GLU D 636 -16.88 58.08 21.85
N GLN D 637 -16.18 58.44 20.80
CA GLN D 637 -14.84 57.95 20.60
C GLN D 637 -13.97 58.02 21.85
N ALA D 638 -14.12 59.07 22.65
CA ALA D 638 -13.30 59.13 23.87
C ALA D 638 -13.71 57.98 24.78
N LEU D 639 -15.01 57.78 24.95
CA LEU D 639 -15.52 56.69 25.78
C LEU D 639 -14.82 55.37 25.45
N TYR D 640 -14.97 54.89 24.22
CA TYR D 640 -14.36 53.62 23.78
C TYR D 640 -12.87 53.58 24.09
N CYS D 641 -12.20 54.73 23.98
CA CYS D 641 -10.77 54.85 24.25
C CYS D 641 -10.42 54.60 25.70
N ASP D 642 -11.13 55.30 26.58
CA ASP D 642 -10.93 55.13 28.00
C ASP D 642 -11.29 53.72 28.43
N SER D 643 -12.31 53.15 27.81
CA SER D 643 -12.72 51.79 28.13
C SER D 643 -11.61 50.77 27.86
N LEU D 644 -10.98 50.88 26.71
CA LEU D 644 -9.93 49.97 26.34
C LEU D 644 -8.69 50.16 27.20
N ILE D 645 -8.31 51.42 27.42
CA ILE D 645 -7.13 51.70 28.19
C ILE D 645 -7.27 51.43 29.68
N ASN D 646 -8.50 51.47 30.18
CA ASN D 646 -8.76 51.21 31.60
C ASN D 646 -8.78 49.71 31.86
N ALA D 647 -9.00 48.95 30.79
CA ALA D 647 -9.05 47.50 30.85
C ALA D 647 -7.63 46.93 30.74
N LEU D 648 -6.80 47.66 30.01
CA LEU D 648 -5.42 47.27 29.83
C LEU D 648 -4.59 47.68 31.03
N ILE D 649 -4.89 48.84 31.59
CA ILE D 649 -4.18 49.30 32.76
C ILE D 649 -4.65 48.44 33.93
N GLY D 650 -5.97 48.28 34.03
CA GLY D 650 -6.52 47.48 35.10
C GLY D 650 -5.91 46.09 35.11
N LYS D 651 -5.70 45.53 33.92
CA LYS D 651 -5.12 44.20 33.77
C LYS D 651 -3.64 44.15 34.15
N ALA D 652 -3.00 45.31 34.18
CA ALA D 652 -1.58 45.40 34.53
C ALA D 652 -1.37 45.63 36.02
N ASN D 653 -2.25 46.44 36.62
CA ASN D 653 -2.17 46.70 38.05
C ASN D 653 -2.55 45.43 38.77
N ALA D 654 -3.46 44.68 38.18
CA ALA D 654 -3.87 43.43 38.77
C ALA D 654 -2.63 42.52 38.82
N ALA D 655 -1.80 42.57 37.78
CA ALA D 655 -0.59 41.74 37.69
C ALA D 655 0.50 42.22 38.64
N LEU D 656 0.73 43.52 38.63
CA LEU D 656 1.74 44.16 39.47
C LEU D 656 1.28 44.11 40.92
N SER D 657 0.24 43.31 41.14
CA SER D 657 -0.40 43.15 42.44
C SER D 657 0.19 42.17 43.42
N SER D 658 0.58 40.99 42.96
CA SER D 658 1.08 40.00 43.88
C SER D 658 2.48 39.42 43.69
N ASP D 659 2.81 38.98 42.48
CA ASP D 659 4.13 38.38 42.23
C ASP D 659 4.81 38.92 40.98
N LEU D 660 5.85 39.73 41.16
CA LEU D 660 6.54 40.30 40.01
C LEU D 660 7.56 39.40 39.34
N SER D 661 7.76 38.19 39.85
CA SER D 661 8.72 37.30 39.24
C SER D 661 7.99 36.18 38.48
N ALA D 662 6.68 36.09 38.70
CA ALA D 662 5.86 35.08 38.06
C ALA D 662 5.66 35.37 36.58
N LEU D 663 6.21 34.49 35.73
CA LEU D 663 6.10 34.65 34.28
C LEU D 663 4.70 35.06 33.88
N GLU D 664 3.70 34.63 34.65
CA GLU D 664 2.30 34.94 34.37
C GLU D 664 2.02 36.42 34.61
N ASN D 665 2.49 36.94 35.75
CA ASN D 665 2.27 38.35 36.02
C ASN D 665 3.07 39.16 35.03
N ILE D 666 4.23 38.64 34.63
CA ILE D 666 5.09 39.32 33.66
C ILE D 666 4.45 39.30 32.28
N ILE D 667 3.98 38.12 31.87
CA ILE D 667 3.32 38.02 30.57
C ILE D 667 2.27 39.12 30.52
N SER D 668 1.36 39.11 31.49
CA SER D 668 0.28 40.09 31.56
C SER D 668 0.70 41.54 31.45
N VAL D 669 1.67 41.96 32.25
CA VAL D 669 2.12 43.35 32.18
C VAL D 669 2.70 43.69 30.79
N TYR D 670 3.44 42.75 30.22
CA TYR D 670 4.01 42.95 28.91
C TYR D 670 2.92 43.11 27.86
N CYS D 671 1.97 42.18 27.83
CA CYS D 671 0.90 42.24 26.86
C CYS D 671 0.02 43.47 27.00
N SER D 672 -0.38 43.79 28.22
CA SER D 672 -1.23 44.93 28.45
C SER D 672 -0.49 46.15 27.94
N LEU D 673 0.83 46.13 28.18
CA LEU D 673 1.70 47.23 27.80
C LEU D 673 1.78 47.35 26.29
N MET D 674 1.93 46.24 25.58
CA MET D 674 2.01 46.30 24.13
C MET D 674 0.68 46.71 23.50
N ALA D 675 -0.40 46.07 23.92
CA ALA D 675 -1.74 46.39 23.41
C ALA D 675 -1.91 47.91 23.34
N ILE D 676 -1.83 48.56 24.49
CA ILE D 676 -1.96 50.01 24.59
C ILE D 676 -1.11 50.66 23.52
N GLY D 677 0.12 50.18 23.38
CA GLY D 677 1.04 50.72 22.40
C GLY D 677 0.61 50.57 20.95
N ASN D 678 0.12 49.38 20.59
CA ASN D 678 -0.32 49.14 19.22
C ASN D 678 -1.65 49.82 18.97
N PHE D 679 -2.37 50.13 20.05
CA PHE D 679 -3.66 50.83 19.98
C PHE D 679 -3.32 52.23 19.58
N ALA D 680 -2.39 52.81 20.33
CA ALA D 680 -1.95 54.17 20.07
C ALA D 680 -1.39 54.31 18.66
N LYS D 681 -1.01 53.18 18.08
CA LYS D 681 -0.42 53.18 16.74
C LYS D 681 -1.45 53.41 15.63
N GLY D 682 -2.73 53.32 15.96
CA GLY D 682 -3.76 53.52 14.97
C GLY D 682 -4.18 54.98 14.85
N PHE D 683 -3.77 55.82 15.78
CA PHE D 683 -4.14 57.23 15.73
C PHE D 683 -3.09 58.09 15.07
N PRO D 684 -3.49 59.25 14.56
CA PRO D 684 -2.58 60.19 13.89
C PRO D 684 -1.81 61.08 14.86
N ALA D 685 -1.17 62.12 14.33
CA ALA D 685 -0.39 63.06 15.17
C ALA D 685 -1.26 64.08 15.89
N ARG D 686 -0.63 65.01 16.58
CA ARG D 686 -1.36 66.04 17.31
C ARG D 686 -1.31 67.33 16.47
N GLY D 687 -2.45 67.73 15.90
CA GLY D 687 -2.47 68.91 15.06
C GLY D 687 -2.79 70.24 15.74
N SER D 688 -2.77 70.25 17.07
CA SER D 688 -3.07 71.45 17.85
C SER D 688 -4.57 71.56 18.04
N GLU D 689 -5.32 70.79 17.27
CA GLU D 689 -6.77 70.78 17.37
C GLU D 689 -7.07 69.69 18.40
N GLU D 690 -7.93 69.97 19.36
CA GLU D 690 -8.25 68.97 20.38
C GLU D 690 -9.09 67.88 19.77
N VAL D 691 -8.70 66.64 20.00
CA VAL D 691 -9.47 65.53 19.51
C VAL D 691 -9.73 64.72 20.77
N ALA D 692 -10.72 63.82 20.73
CA ALA D 692 -11.11 63.04 21.91
C ALA D 692 -10.12 62.16 22.65
N TRP D 693 -9.17 61.58 21.93
CA TRP D 693 -8.23 60.67 22.57
C TRP D 693 -7.10 61.24 23.42
N LEU D 694 -6.69 62.49 23.18
CA LEU D 694 -5.59 63.05 23.96
C LEU D 694 -5.78 62.84 25.45
N ALA D 695 -7.02 62.94 25.91
CA ALA D 695 -7.33 62.75 27.31
C ALA D 695 -6.93 61.35 27.81
N SER D 696 -7.56 60.33 27.22
CA SER D 696 -7.34 58.93 27.60
C SER D 696 -5.90 58.44 27.45
N PHE D 697 -5.17 59.01 26.50
CA PHE D 697 -3.78 58.61 26.29
C PHE D 697 -2.79 59.21 27.25
N ASN D 698 -3.07 60.40 27.75
CA ASN D 698 -2.17 61.01 28.72
C ASN D 698 -2.37 60.22 29.99
N LYS D 699 -3.62 59.89 30.28
CA LYS D 699 -3.89 59.10 31.47
C LYS D 699 -3.16 57.77 31.31
N ALA D 700 -2.95 57.36 30.07
CA ALA D 700 -2.25 56.12 29.80
C ALA D 700 -0.78 56.24 30.19
N SER D 701 -0.12 57.28 29.71
CA SER D 701 1.31 57.48 30.02
C SER D 701 1.58 57.41 31.51
N ASP D 702 0.80 58.15 32.29
CA ASP D 702 0.98 58.16 33.73
C ASP D 702 1.00 56.74 34.33
N GLU D 703 0.13 55.87 33.85
CA GLU D 703 0.06 54.51 34.36
C GLU D 703 1.21 53.62 33.89
N ILE D 704 2.03 54.12 32.98
CA ILE D 704 3.19 53.38 32.47
C ILE D 704 4.34 53.41 33.47
N PHE D 705 4.54 54.58 34.08
CA PHE D 705 5.60 54.72 35.05
C PHE D 705 5.37 53.78 36.22
N LEU D 706 4.13 53.67 36.65
CA LEU D 706 3.84 52.77 37.76
C LEU D 706 4.46 51.42 37.45
N ILE D 707 4.23 50.95 36.23
CA ILE D 707 4.73 49.67 35.77
C ILE D 707 6.25 49.74 35.62
N LEU D 708 6.74 50.87 35.11
CA LEU D 708 8.18 51.05 34.93
C LEU D 708 8.94 50.90 36.23
N ASP D 709 8.36 51.44 37.31
CA ASP D 709 8.99 51.38 38.62
C ASP D 709 8.80 50.04 39.29
N ARG D 710 7.56 49.57 39.35
CA ARG D 710 7.31 48.30 39.96
C ARG D 710 8.12 47.24 39.21
N MET D 711 8.10 47.31 37.87
CA MET D 711 8.83 46.34 37.04
C MET D 711 9.76 46.89 36.01
N GLY D 712 10.65 47.78 36.38
CA GLY D 712 11.57 48.31 35.39
C GLY D 712 12.78 47.41 35.29
N PHE D 713 12.88 46.47 36.21
CA PHE D 713 14.03 45.58 36.19
C PHE D 713 13.96 44.66 34.99
N ASN D 714 12.75 44.38 34.52
CA ASN D 714 12.59 43.50 33.39
C ASN D 714 13.00 44.24 32.12
N GLU D 715 13.87 43.62 31.32
CA GLU D 715 14.27 44.27 30.10
C GLU D 715 13.11 44.18 29.12
N ASP D 716 12.49 43.02 29.03
CA ASP D 716 11.36 42.85 28.13
C ASP D 716 10.32 43.96 28.36
N ILE D 717 9.97 44.21 29.62
CA ILE D 717 9.01 45.27 29.95
C ILE D 717 9.53 46.60 29.46
N ARG D 718 10.82 46.86 29.69
CA ARG D 718 11.43 48.11 29.24
C ARG D 718 11.26 48.23 27.75
N GLY D 719 11.54 47.17 27.02
CA GLY D 719 11.38 47.21 25.60
C GLY D 719 9.96 47.62 25.22
N ALA D 720 8.99 47.07 25.95
CA ALA D 720 7.57 47.37 25.70
C ALA D 720 7.25 48.81 26.07
N VAL D 721 8.09 49.37 26.94
CA VAL D 721 7.91 50.73 27.38
C VAL D 721 8.52 51.71 26.39
N ARG D 722 9.76 51.44 25.97
CA ARG D 722 10.43 52.29 24.99
C ARG D 722 9.58 52.38 23.72
N PHE D 723 8.71 51.39 23.53
CA PHE D 723 7.84 51.32 22.38
C PHE D 723 6.49 52.01 22.58
N THR D 724 5.76 51.61 23.61
CA THR D 724 4.45 52.18 23.90
C THR D 724 4.48 53.66 24.18
N SER D 725 5.54 54.13 24.84
CA SER D 725 5.64 55.56 25.13
C SER D 725 5.96 56.30 23.81
N GLY D 726 6.82 55.71 22.97
CA GLY D 726 7.12 56.34 21.70
C GLY D 726 5.85 56.52 20.88
N ARG D 727 4.96 55.54 20.96
CA ARG D 727 3.71 55.62 20.23
C ARG D 727 2.80 56.68 20.84
N ILE D 728 2.76 56.76 22.17
CA ILE D 728 1.94 57.75 22.87
C ILE D 728 2.54 59.14 22.72
N ILE D 729 3.85 59.21 22.54
CA ILE D 729 4.56 60.47 22.36
C ILE D 729 4.20 60.98 20.97
N ASN D 730 4.16 60.05 20.02
CA ASN D 730 3.83 60.36 18.66
C ASN D 730 2.35 60.75 18.54
N VAL D 731 1.58 60.54 19.60
CA VAL D 731 0.17 60.87 19.58
C VAL D 731 -0.19 62.09 20.41
N VAL D 732 0.51 62.27 21.52
CA VAL D 732 0.27 63.39 22.42
C VAL D 732 1.26 64.52 22.08
N GLY D 733 2.53 64.17 21.88
CA GLY D 733 3.52 65.18 21.55
C GLY D 733 4.08 65.94 22.74
N PRO D 734 4.09 67.28 22.67
CA PRO D 734 4.59 68.16 23.72
C PRO D 734 3.95 68.05 25.08
N ASP D 735 2.82 67.35 25.17
CA ASP D 735 2.19 67.20 26.48
C ASP D 735 2.94 66.21 27.35
N MET D 736 3.87 65.48 26.73
CA MET D 736 4.67 64.47 27.42
C MET D 736 6.12 64.90 27.63
N LEU D 737 6.52 65.99 26.98
CA LEU D 737 7.88 66.50 27.08
C LEU D 737 8.47 66.59 28.49
N PRO D 738 7.74 67.17 29.45
CA PRO D 738 8.25 67.29 30.82
C PRO D 738 8.53 65.98 31.54
N LYS D 739 8.14 64.87 30.94
CA LYS D 739 8.34 63.57 31.57
C LYS D 739 9.38 62.72 30.86
N VAL D 740 9.74 63.15 29.66
CA VAL D 740 10.72 62.42 28.86
C VAL D 740 12.00 62.08 29.60
N PRO D 741 12.58 63.07 30.31
CA PRO D 741 13.81 62.80 31.06
C PRO D 741 13.65 61.72 32.12
N GLN D 742 12.46 61.63 32.69
CA GLN D 742 12.19 60.58 33.67
C GLN D 742 12.27 59.26 32.92
N LEU D 743 11.59 59.19 31.78
CA LEU D 743 11.60 57.98 30.97
C LEU D 743 13.02 57.51 30.71
N ILE D 744 13.82 58.43 30.20
CA ILE D 744 15.20 58.16 29.86
C ILE D 744 16.07 57.60 30.98
N SER D 745 15.89 58.14 32.20
CA SER D 745 16.68 57.68 33.35
C SER D 745 16.46 56.21 33.68
N ILE D 746 15.22 55.75 33.54
CA ILE D 746 14.83 54.36 33.82
C ILE D 746 15.10 53.51 32.56
N LEU D 747 14.76 54.09 31.41
CA LEU D 747 14.90 53.43 30.14
C LEU D 747 16.24 53.50 29.43
N LEU D 748 17.24 54.18 29.99
CA LEU D 748 18.49 54.19 29.24
C LEU D 748 19.34 53.04 29.64
N ASN D 749 19.00 52.43 30.77
CA ASN D 749 19.77 51.29 31.22
C ASN D 749 19.65 50.25 30.12
N SER D 750 20.78 49.67 29.75
CA SER D 750 20.79 48.65 28.72
C SER D 750 21.57 47.47 29.30
N ILE D 751 21.08 46.26 29.10
CA ILE D 751 21.81 45.11 29.65
C ILE D 751 22.44 44.20 28.59
N ASP D 752 21.92 44.23 27.37
CA ASP D 752 22.46 43.41 26.28
C ASP D 752 22.53 44.25 25.01
N MET D 753 23.43 43.90 24.12
CA MET D 753 23.63 44.64 22.87
C MET D 753 22.38 44.96 22.05
N ASN D 754 21.31 44.20 22.23
CA ASN D 754 20.10 44.49 21.47
C ASN D 754 19.20 45.40 22.28
N GLU D 755 19.70 45.81 23.44
CA GLU D 755 18.95 46.75 24.28
C GLU D 755 19.57 48.09 23.93
N LEU D 756 20.87 48.07 23.61
CA LEU D 756 21.58 49.27 23.19
C LEU D 756 20.98 49.73 21.86
N VAL D 757 20.82 48.77 20.96
CA VAL D 757 20.26 49.02 19.65
C VAL D 757 18.87 49.57 19.82
N ASP D 758 18.15 48.99 20.76
CA ASP D 758 16.78 49.38 21.09
C ASP D 758 16.80 50.82 21.61
N VAL D 759 17.68 51.06 22.58
CA VAL D 759 17.85 52.38 23.18
C VAL D 759 18.10 53.47 22.15
N LEU D 760 19.16 53.30 21.37
CA LEU D 760 19.50 54.24 20.32
C LEU D 760 18.31 54.61 19.42
N SER D 761 17.55 53.60 19.00
CA SER D 761 16.40 53.83 18.15
C SER D 761 15.32 54.60 18.89
N PHE D 762 15.25 54.40 20.21
CA PHE D 762 14.28 55.09 21.03
C PHE D 762 14.68 56.53 21.15
N ILE D 763 15.98 56.74 21.30
CA ILE D 763 16.50 58.07 21.43
C ILE D 763 16.31 58.86 20.14
N SER D 764 16.73 58.34 19.00
CA SER D 764 16.54 59.10 17.77
C SER D 764 15.05 59.24 17.43
N GLN D 765 14.23 58.33 17.93
CA GLN D 765 12.80 58.41 17.69
C GLN D 765 12.27 59.63 18.45
N LEU D 766 12.89 59.91 19.59
CA LEU D 766 12.53 61.05 20.43
C LEU D 766 13.12 62.32 19.84
N ILE D 767 14.30 62.19 19.24
CA ILE D 767 14.97 63.33 18.62
C ILE D 767 14.22 63.76 17.37
N HIS D 768 13.49 62.85 16.73
CA HIS D 768 12.72 63.23 15.55
C HIS D 768 11.53 64.04 16.07
N ILE D 769 10.79 63.45 17.00
CA ILE D 769 9.62 64.10 17.57
C ILE D 769 9.93 65.47 18.17
N TYR D 770 10.97 65.58 18.97
CA TYR D 770 11.35 66.88 19.52
C TYR D 770 12.82 66.99 19.30
N LYS D 771 13.24 67.62 18.21
CA LYS D 771 14.68 67.68 17.94
C LYS D 771 15.48 68.62 18.81
N ASP D 772 15.19 69.91 18.72
CA ASP D 772 15.94 70.90 19.48
C ASP D 772 15.87 70.79 21.00
N ASN D 773 14.78 70.23 21.52
CA ASN D 773 14.60 70.11 22.98
C ASN D 773 15.33 68.94 23.65
N MET D 774 15.59 67.89 22.88
CA MET D 774 16.26 66.72 23.42
C MET D 774 17.76 66.97 23.53
N MET D 775 18.20 68.03 22.85
CA MET D 775 19.60 68.42 22.81
C MET D 775 20.39 68.46 24.12
N GLU D 776 19.73 68.79 25.23
CA GLU D 776 20.46 68.83 26.49
C GLU D 776 20.52 67.43 27.04
N ILE D 777 19.36 66.77 27.02
CA ILE D 777 19.24 65.40 27.50
C ILE D 777 20.35 64.52 26.92
N THR D 778 20.51 64.59 25.61
CA THR D 778 21.52 63.83 24.87
C THR D 778 22.95 64.04 25.35
N ASN D 779 23.24 65.22 25.87
CA ASN D 779 24.59 65.48 26.35
C ASN D 779 24.88 64.62 27.58
N ARG D 780 23.87 64.45 28.44
CA ARG D 780 24.05 63.69 29.66
C ARG D 780 23.86 62.21 29.49
N MET D 781 23.54 61.79 28.27
CA MET D 781 23.34 60.37 28.04
C MET D 781 24.30 59.92 26.97
N LEU D 782 25.08 60.86 26.46
CA LEU D 782 26.00 60.52 25.40
C LEU D 782 27.24 59.78 25.89
N PRO D 783 27.74 60.13 27.08
CA PRO D 783 28.93 59.45 27.60
C PRO D 783 28.64 58.04 28.12
N THR D 784 27.44 57.86 28.67
CA THR D 784 27.05 56.54 29.17
C THR D 784 26.74 55.64 27.97
N LEU D 785 26.16 56.23 26.91
CA LEU D 785 25.82 55.50 25.68
C LEU D 785 27.03 55.14 24.87
N LEU D 786 28.06 55.97 24.93
CA LEU D 786 29.25 55.70 24.17
C LEU D 786 30.13 54.57 24.75
N MET D 787 30.36 54.57 26.06
CA MET D 787 31.20 53.55 26.70
C MET D 787 30.65 52.12 26.62
N ARG D 788 29.35 52.02 26.38
CA ARG D 788 28.71 50.71 26.25
C ARG D 788 28.96 50.26 24.82
N ILE D 789 28.60 51.12 23.88
CA ILE D 789 28.80 50.82 22.47
C ILE D 789 30.28 50.47 22.25
N PHE D 790 31.16 51.30 22.79
CA PHE D 790 32.58 51.07 22.62
C PHE D 790 33.05 49.76 23.22
N SER D 791 32.39 49.30 24.27
CA SER D 791 32.85 48.07 24.89
C SER D 791 32.43 46.84 24.14
N SER D 792 31.16 46.77 23.76
CA SER D 792 30.70 45.60 23.03
C SER D 792 31.14 45.57 21.57
N LEU D 793 31.51 46.72 21.02
CA LEU D 793 31.95 46.76 19.63
C LEU D 793 33.44 46.46 19.54
N SER D 794 34.09 46.43 20.69
CA SER D 794 35.52 46.17 20.74
C SER D 794 35.81 44.70 20.96
N ALA D 795 34.86 44.00 21.55
CA ALA D 795 35.03 42.59 21.84
C ALA D 795 34.79 41.72 20.61
N ALA D 796 35.86 41.29 19.93
CA ALA D 796 35.69 40.45 18.76
C ALA D 796 34.65 39.36 19.06
N PRO D 797 33.86 38.99 18.05
CA PRO D 797 32.79 37.98 18.14
C PRO D 797 33.24 36.56 18.47
N GLN D 798 32.45 35.88 19.31
CA GLN D 798 32.73 34.50 19.71
C GLN D 798 31.85 33.47 18.97
N GLY D 799 30.97 33.95 18.09
CA GLY D 799 30.08 33.08 17.36
C GLY D 799 29.34 33.87 16.30
N THR D 800 28.59 33.18 15.46
CA THR D 800 27.84 33.85 14.42
C THR D 800 26.92 34.89 15.04
N ASP D 801 26.12 34.48 15.99
CA ASP D 801 25.19 35.42 16.60
C ASP D 801 25.87 36.69 17.08
N ASP D 802 27.07 36.55 17.61
CA ASP D 802 27.80 37.70 18.13
C ASP D 802 28.12 38.73 17.05
N ALA D 803 28.69 38.27 15.93
CA ALA D 803 29.04 39.18 14.84
C ALA D 803 27.79 39.89 14.35
N VAL D 804 26.68 39.15 14.36
CA VAL D 804 25.40 39.70 13.95
C VAL D 804 25.10 40.89 14.85
N LYS D 805 25.04 40.64 16.15
CA LYS D 805 24.75 41.72 17.09
C LYS D 805 25.72 42.89 16.95
N GLN D 806 26.97 42.60 16.60
CA GLN D 806 27.96 43.65 16.43
C GLN D 806 27.64 44.58 15.28
N ASN D 807 27.48 44.00 14.10
CA ASN D 807 27.20 44.79 12.92
C ASN D 807 25.87 45.52 12.99
N ASP D 808 24.92 44.93 13.72
CA ASP D 808 23.62 45.55 13.84
C ASP D 808 23.76 46.76 14.74
N LEU D 809 24.71 46.68 15.66
CA LEU D 809 24.95 47.78 16.57
C LEU D 809 25.71 48.84 15.81
N ARG D 810 26.67 48.41 14.99
CA ARG D 810 27.49 49.31 14.20
C ARG D 810 26.60 50.22 13.42
N LYS D 811 25.72 49.60 12.63
CA LYS D 811 24.77 50.32 11.77
C LYS D 811 23.99 51.41 12.49
N SER D 812 23.28 51.05 13.56
CA SER D 812 22.49 52.01 14.31
C SER D 812 23.39 53.05 14.99
N TYR D 813 24.60 52.65 15.36
CA TYR D 813 25.54 53.56 16.00
C TYR D 813 26.04 54.59 15.00
N ILE D 814 26.34 54.15 13.78
CA ILE D 814 26.79 55.10 12.77
C ILE D 814 25.64 56.00 12.40
N SER D 815 24.47 55.40 12.14
CA SER D 815 23.26 56.13 11.76
C SER D 815 22.88 57.15 12.85
N PHE D 816 23.10 56.77 14.11
CA PHE D 816 22.80 57.62 15.25
C PHE D 816 23.65 58.89 15.18
N ILE D 817 24.96 58.69 15.13
CA ILE D 817 25.88 59.80 15.04
C ILE D 817 25.51 60.65 13.84
N LEU D 818 25.16 59.99 12.72
CA LEU D 818 24.76 60.73 11.54
C LEU D 818 23.65 61.67 11.98
N GLN D 819 22.56 61.12 12.49
CA GLN D 819 21.44 61.93 12.93
C GLN D 819 21.89 63.09 13.83
N LEU D 820 22.66 62.79 14.89
CA LEU D 820 23.11 63.88 15.76
C LEU D 820 23.73 65.03 14.95
N LEU D 821 24.62 64.70 14.01
CA LEU D 821 25.27 65.72 13.17
C LEU D 821 24.29 66.35 12.18
N ASN D 822 23.45 65.50 11.57
CA ASN D 822 22.47 65.98 10.61
C ASN D 822 21.22 66.49 11.33
N LYS D 823 21.32 66.61 12.64
CA LYS D 823 20.17 67.09 13.39
C LYS D 823 20.48 68.35 14.22
N GLY D 824 21.65 68.93 13.97
CA GLY D 824 22.06 70.13 14.66
C GLY D 824 22.58 69.96 16.08
N PHE D 825 23.07 68.77 16.39
CA PHE D 825 23.58 68.51 17.73
C PHE D 825 25.10 68.39 17.77
N GLY D 826 25.79 69.03 16.85
CA GLY D 826 27.23 68.94 16.85
C GLY D 826 27.90 69.44 18.12
N SER D 827 27.34 70.48 18.74
CA SER D 827 27.94 71.04 19.95
C SER D 827 28.01 70.07 21.13
N ILE D 828 27.00 69.20 21.21
CA ILE D 828 26.92 68.23 22.29
C ILE D 828 28.16 67.36 22.40
N LEU D 829 28.87 67.22 21.29
CA LEU D 829 30.07 66.41 21.25
C LEU D 829 31.31 67.13 21.74
N PHE D 830 31.20 68.43 21.95
CA PHE D 830 32.37 69.17 22.37
C PHE D 830 32.24 69.78 23.74
N THR D 831 31.05 69.64 24.33
CA THR D 831 30.77 70.15 25.66
C THR D 831 31.73 69.44 26.61
N GLU D 832 31.76 69.88 27.86
CA GLU D 832 32.64 69.29 28.87
C GLU D 832 32.71 67.76 28.83
N GLU D 833 31.55 67.12 28.90
CA GLU D 833 31.48 65.67 28.90
C GLU D 833 32.04 65.06 27.63
N ASN D 834 31.65 65.63 26.51
CA ASN D 834 32.07 65.10 25.25
C ASN D 834 33.55 65.26 24.89
N GLN D 835 34.14 66.39 25.18
CA GLN D 835 35.54 66.62 24.83
C GLN D 835 36.45 65.39 24.96
N VAL D 836 36.42 64.72 26.11
CA VAL D 836 37.30 63.58 26.32
C VAL D 836 37.00 62.42 25.43
N TYR D 837 35.72 62.09 25.35
CA TYR D 837 35.31 60.98 24.52
C TYR D 837 35.40 61.25 23.03
N PHE D 838 35.40 62.53 22.64
CA PHE D 838 35.47 62.88 21.23
C PHE D 838 36.50 62.12 20.39
N ASP D 839 37.78 62.19 20.75
CA ASP D 839 38.84 61.53 19.97
C ASP D 839 38.53 60.08 19.51
N PRO D 840 38.10 59.20 20.43
CA PRO D 840 37.79 57.82 20.04
C PRO D 840 36.55 57.64 19.16
N LEU D 841 35.61 58.58 19.27
CA LEU D 841 34.38 58.54 18.46
C LEU D 841 34.75 58.67 16.97
N ILE D 842 35.64 59.62 16.69
CA ILE D 842 36.10 59.84 15.33
C ILE D 842 36.88 58.61 14.88
N ASN D 843 37.76 58.12 15.75
CA ASN D 843 38.57 56.95 15.44
C ASN D 843 37.77 55.67 15.33
N SER D 844 36.71 55.57 16.13
CA SER D 844 35.89 54.38 16.08
C SER D 844 35.38 54.31 14.65
N ILE D 845 34.76 55.40 14.19
CA ILE D 845 34.22 55.44 12.83
C ILE D 845 35.31 55.33 11.76
N LEU D 846 36.54 55.74 12.09
CA LEU D 846 37.65 55.65 11.14
C LEU D 846 38.11 54.18 11.04
N HIS D 847 37.75 53.38 12.04
CA HIS D 847 38.11 51.97 12.06
C HIS D 847 37.02 51.18 11.33
N PHE D 848 35.76 51.52 11.60
CA PHE D 848 34.64 50.85 10.98
C PHE D 848 34.72 50.97 9.46
N ALA D 849 35.44 51.98 9.01
CA ALA D 849 35.58 52.20 7.58
C ALA D 849 36.77 51.43 7.07
N ASN D 850 37.60 50.94 7.99
CA ASN D 850 38.79 50.18 7.63
C ASN D 850 38.59 48.68 7.65
N LEU D 851 37.36 48.23 7.86
CA LEU D 851 37.08 46.81 7.88
C LEU D 851 36.76 46.39 6.47
N VAL D 852 37.26 45.23 6.06
CA VAL D 852 36.98 44.74 4.73
C VAL D 852 35.46 44.77 4.56
N PRO D 855 31.70 45.65 4.23
CA PRO D 855 31.51 46.62 3.16
C PRO D 855 30.38 47.63 3.48
N ALA D 856 29.23 47.12 3.91
CA ALA D 856 28.12 47.99 4.26
C ALA D 856 28.57 48.91 5.37
N THR D 857 29.27 48.32 6.35
CA THR D 857 29.77 49.06 7.49
C THR D 857 30.77 50.11 7.06
N GLN D 858 31.20 50.04 5.81
CA GLN D 858 32.17 50.96 5.27
C GLN D 858 31.60 52.20 4.63
N LYS D 859 30.72 52.03 3.65
CA LYS D 859 30.14 53.17 2.96
C LYS D 859 29.66 54.28 3.91
N SER D 860 28.69 53.96 4.76
CA SER D 860 28.13 54.95 5.68
C SER D 860 29.12 55.49 6.70
N SER D 861 30.08 54.67 7.12
CA SER D 861 31.08 55.11 8.10
C SER D 861 31.99 56.13 7.47
N ILE D 862 32.35 55.91 6.22
CA ILE D 862 33.19 56.84 5.48
C ILE D 862 32.48 58.19 5.31
N ALA D 863 31.16 58.14 5.16
CA ALA D 863 30.36 59.35 5.01
C ALA D 863 30.37 60.12 6.31
N LEU D 864 30.02 59.44 7.39
CA LEU D 864 29.99 60.05 8.71
C LEU D 864 31.30 60.82 8.80
N VAL D 865 32.38 60.11 8.49
CA VAL D 865 33.70 60.71 8.50
C VAL D 865 33.72 61.95 7.62
N SER D 866 33.04 61.90 6.49
CA SER D 866 33.04 63.06 5.63
C SER D 866 32.33 64.22 6.27
N LYS D 867 31.04 64.05 6.58
CA LYS D 867 30.30 65.13 7.19
C LYS D 867 31.09 65.70 8.37
N MET D 868 31.88 64.86 9.03
CA MET D 868 32.70 65.32 10.15
C MET D 868 33.78 66.25 9.58
N VAL D 869 34.55 65.73 8.63
CA VAL D 869 35.63 66.49 8.02
C VAL D 869 35.15 67.85 7.51
N SER D 870 34.25 67.79 6.53
CA SER D 870 33.69 68.98 5.91
C SER D 870 33.12 69.96 6.93
N LEU D 871 32.32 69.43 7.85
CA LEU D 871 31.64 70.21 8.86
C LEU D 871 32.48 70.75 10.03
N TRP D 872 33.62 70.14 10.33
CA TRP D 872 34.45 70.63 11.44
C TRP D 872 35.89 70.98 11.02
N GLY D 873 36.20 70.90 9.74
CA GLY D 873 37.54 71.20 9.27
C GLY D 873 38.22 72.55 9.51
N GLY D 874 39.52 72.58 9.23
CA GLY D 874 40.31 73.79 9.39
C GLY D 874 40.20 74.50 10.73
N LYS D 875 39.96 73.73 11.79
CA LYS D 875 39.82 74.28 13.14
C LYS D 875 38.40 74.80 13.32
N GLY D 880 44.11 68.40 17.66
CA GLY D 880 43.61 67.04 17.75
C GLY D 880 43.00 66.64 16.43
N PHE D 881 42.27 67.58 15.81
CA PHE D 881 41.60 67.31 14.55
C PHE D 881 42.49 67.20 13.32
N GLU D 882 43.31 68.23 13.09
CA GLU D 882 44.20 68.22 11.94
C GLU D 882 44.92 66.89 11.84
N ASN D 883 45.26 66.33 13.00
CA ASN D 883 45.96 65.04 13.09
C ASN D 883 45.01 63.92 12.63
N PHE D 884 43.73 64.12 12.86
CA PHE D 884 42.70 63.17 12.46
C PHE D 884 42.47 63.25 10.96
N THR D 885 42.31 64.47 10.46
CA THR D 885 42.07 64.69 9.05
C THR D 885 43.26 64.24 8.24
N LEU D 886 44.41 64.17 8.90
CA LEU D 886 45.66 63.75 8.28
C LEU D 886 45.82 62.24 8.47
N SER D 887 45.24 61.74 9.55
CA SER D 887 45.28 60.32 9.85
C SER D 887 44.33 59.66 8.87
N LEU D 888 43.55 60.50 8.18
CA LEU D 888 42.56 60.01 7.23
C LEU D 888 43.16 59.65 5.87
N THR D 889 44.36 60.12 5.60
CA THR D 889 45.00 59.86 4.31
C THR D 889 45.33 58.40 3.99
N PRO D 890 45.82 57.62 4.97
CA PRO D 890 46.13 56.22 4.64
C PRO D 890 44.90 55.37 4.44
N LEU D 891 43.71 55.97 4.54
CA LEU D 891 42.48 55.23 4.35
C LEU D 891 42.05 55.47 2.93
N CYS D 892 41.99 56.75 2.61
CA CYS D 892 41.60 57.15 1.30
C CYS D 892 42.64 56.65 0.29
N PHE D 893 43.83 56.25 0.75
CA PHE D 893 44.88 55.78 -0.17
C PHE D 893 45.53 54.39 0.06
N GLU D 894 45.15 53.71 1.14
CA GLU D 894 45.77 52.41 1.41
C GLU D 894 44.88 51.19 1.50
N MET D 895 43.67 51.35 2.04
CA MET D 895 42.79 50.21 2.16
C MET D 895 42.64 49.41 0.87
N PRO D 896 42.28 50.07 -0.24
CA PRO D 896 42.11 49.38 -1.52
C PRO D 896 43.36 48.77 -2.18
N VAL D 897 44.43 48.59 -1.41
CA VAL D 897 45.64 47.98 -1.94
C VAL D 897 45.68 46.62 -1.23
N ASN D 898 44.88 46.49 -0.18
CA ASN D 898 44.81 45.24 0.55
C ASN D 898 44.20 44.21 -0.33
N PRO D 899 44.63 42.97 -0.18
CA PRO D 899 44.14 41.84 -0.94
C PRO D 899 42.83 41.43 -0.27
N ASN D 900 41.78 42.17 -0.59
CA ASN D 900 40.45 41.95 -0.05
C ASN D 900 39.39 42.22 -1.11
N GLN D 907 30.44 46.28 -5.15
CA GLN D 907 30.30 46.57 -3.71
C GLN D 907 31.45 47.45 -3.26
N SER D 908 32.64 46.87 -3.33
CA SER D 908 33.85 47.58 -2.95
C SER D 908 34.02 48.77 -3.90
N LEU D 909 33.35 48.69 -5.04
CA LEU D 909 33.41 49.74 -6.05
C LEU D 909 32.71 50.97 -5.50
N VAL D 910 31.53 50.79 -4.92
CA VAL D 910 30.77 51.90 -4.37
C VAL D 910 31.53 52.61 -3.23
N VAL D 911 32.27 51.84 -2.44
CA VAL D 911 33.04 52.37 -1.32
C VAL D 911 34.25 53.20 -1.76
N LEU D 912 34.80 52.88 -2.93
CA LEU D 912 35.98 53.58 -3.42
C LEU D 912 35.77 55.07 -3.74
N GLY D 913 34.58 55.44 -4.19
CA GLY D 913 34.33 56.82 -4.53
C GLY D 913 34.04 57.68 -3.33
N GLU D 914 33.53 57.04 -2.27
CA GLU D 914 33.22 57.76 -1.05
C GLU D 914 34.49 58.27 -0.37
N LEU D 915 35.60 57.56 -0.59
CA LEU D 915 36.88 57.98 -0.04
C LEU D 915 37.18 59.23 -0.85
N ALA D 916 37.01 59.09 -2.15
CA ALA D 916 37.21 60.19 -3.07
C ALA D 916 36.49 61.41 -2.48
N GLY D 917 35.27 61.18 -2.00
CA GLY D 917 34.49 62.24 -1.40
C GLY D 917 35.21 62.94 -0.27
N LEU D 918 36.13 62.21 0.37
CA LEU D 918 36.90 62.76 1.47
C LEU D 918 38.01 63.66 0.96
N GLN D 919 38.95 63.04 0.25
CA GLN D 919 40.10 63.73 -0.30
C GLN D 919 39.82 65.07 -0.94
N LYS D 920 38.67 65.18 -1.59
CA LYS D 920 38.33 66.43 -2.24
C LYS D 920 37.91 67.49 -1.20
N ILE D 921 36.93 67.12 -0.37
CA ILE D 921 36.43 68.02 0.67
C ILE D 921 37.59 68.38 1.58
N ILE D 922 38.45 67.40 1.84
CA ILE D 922 39.62 67.61 2.68
C ILE D 922 40.46 68.73 2.04
N LEU D 923 40.47 68.76 0.72
CA LEU D 923 41.23 69.78 -0.01
C LEU D 923 40.50 71.11 0.19
N GLU D 924 39.17 71.07 0.18
CA GLU D 924 38.35 72.26 0.36
C GLU D 924 38.48 72.82 1.77
N LYS D 925 38.31 71.97 2.77
CA LYS D 925 38.40 72.41 4.16
C LYS D 925 39.81 72.86 4.52
N LEU D 926 40.81 72.19 3.95
CA LEU D 926 42.19 72.54 4.23
C LEU D 926 43.14 72.24 3.06
N TYR D 930 46.84 70.01 2.86
CA TYR D 930 47.07 68.58 2.70
C TYR D 930 48.10 68.16 1.67
N LYS D 931 48.10 68.80 0.50
CA LYS D 931 49.05 68.46 -0.54
C LYS D 931 50.47 68.33 0.03
N SER D 932 50.77 69.14 1.04
CA SER D 932 52.08 69.14 1.69
C SER D 932 52.38 67.80 2.38
N TYR D 933 51.37 67.22 3.00
CA TYR D 933 51.52 65.94 3.67
C TYR D 933 51.95 64.88 2.65
N LEU D 934 51.30 64.85 1.49
CA LEU D 934 51.66 63.87 0.47
C LEU D 934 53.08 64.10 -0.04
N VAL D 935 53.47 65.38 -0.09
CA VAL D 935 54.80 65.76 -0.57
C VAL D 935 55.90 65.33 0.39
N THR D 936 55.74 65.69 1.66
CA THR D 936 56.73 65.37 2.68
C THR D 936 56.39 64.16 3.56
N VAL D 937 55.17 63.61 3.43
CA VAL D 937 54.79 62.48 4.26
C VAL D 937 54.66 61.12 3.55
N TYR D 938 55.39 60.89 2.47
CA TYR D 938 55.27 59.59 1.80
C TYR D 938 56.45 58.66 1.97
N PHE D 939 56.28 57.66 2.82
CA PHE D 939 57.29 56.64 3.05
C PHE D 939 56.92 55.63 1.95
N PRO D 940 57.87 55.30 1.08
CA PRO D 940 57.61 54.38 -0.02
C PRO D 940 56.56 54.94 -0.98
N THR D 941 56.72 56.20 -1.38
CA THR D 941 55.80 56.82 -2.32
C THR D 941 55.94 56.03 -3.62
N VAL D 942 55.02 56.21 -4.57
CA VAL D 942 55.08 55.49 -5.84
C VAL D 942 55.70 56.25 -7.03
N SER D 950 52.15 62.22 -9.51
CA SER D 950 51.87 63.44 -10.27
C SER D 950 50.43 63.41 -10.76
N GLU D 951 50.01 62.24 -11.24
CA GLU D 951 48.65 62.08 -11.75
C GLU D 951 47.63 62.36 -10.64
N TYR D 952 47.97 61.90 -9.44
CA TYR D 952 47.11 62.08 -8.28
C TYR D 952 46.94 63.55 -7.93
N LEU D 953 48.04 64.30 -7.92
CA LEU D 953 47.98 65.71 -7.61
C LEU D 953 47.14 66.48 -8.63
N GLN D 954 47.39 66.26 -9.92
CA GLN D 954 46.67 66.97 -10.96
C GLN D 954 45.17 66.69 -10.85
N ALA D 955 44.84 65.43 -10.61
CA ALA D 955 43.45 65.02 -10.48
C ALA D 955 42.79 65.78 -9.34
N LEU D 956 43.35 65.67 -8.14
CA LEU D 956 42.77 66.35 -6.98
C LEU D 956 42.68 67.86 -7.17
N SER D 957 43.69 68.45 -7.80
CA SER D 957 43.70 69.90 -8.03
C SER D 957 42.82 70.26 -9.24
N ASP D 960 36.74 66.85 -12.14
CA ASP D 960 35.31 67.00 -11.93
C ASP D 960 35.05 65.86 -10.98
N SER D 961 33.97 65.92 -10.21
CA SER D 961 33.69 64.84 -9.28
C SER D 961 33.67 63.50 -10.00
N ARG D 962 32.78 63.40 -10.99
CA ARG D 962 32.63 62.17 -11.75
C ARG D 962 33.94 61.57 -12.28
N SER D 963 34.77 62.41 -12.90
CA SER D 963 36.05 61.96 -13.48
C SER D 963 37.08 61.57 -12.41
N PHE D 964 37.13 62.33 -11.32
CA PHE D 964 38.09 62.02 -10.27
C PHE D 964 37.73 60.66 -9.68
N LYS D 965 36.44 60.42 -9.51
CA LYS D 965 35.97 59.15 -8.95
C LYS D 965 36.42 58.04 -9.89
N GLN D 966 36.33 58.28 -11.20
CA GLN D 966 36.73 57.30 -12.18
C GLN D 966 38.24 57.12 -12.13
N PHE D 967 38.95 58.20 -11.89
CA PHE D 967 40.42 58.14 -11.80
C PHE D 967 40.86 57.40 -10.54
N PHE D 968 40.39 57.88 -9.40
CA PHE D 968 40.73 57.28 -8.13
C PHE D 968 40.52 55.79 -8.20
N GLN D 969 39.41 55.38 -8.82
CA GLN D 969 39.04 53.96 -8.96
C GLN D 969 40.00 53.20 -9.86
N LYS D 970 40.50 53.88 -10.89
CA LYS D 970 41.43 53.28 -11.81
C LYS D 970 42.81 53.33 -11.17
N PHE D 971 43.17 54.48 -10.60
CA PHE D 971 44.47 54.64 -9.97
C PHE D 971 44.74 53.54 -8.96
N ILE D 972 43.69 53.08 -8.30
CA ILE D 972 43.87 52.05 -7.29
C ILE D 972 44.16 50.69 -7.94
N GLN D 973 43.45 50.37 -9.01
CA GLN D 973 43.68 49.10 -9.69
C GLN D 973 45.06 49.09 -10.33
N ALA D 974 45.56 50.28 -10.70
CA ALA D 974 46.88 50.40 -11.30
C ALA D 974 47.95 50.27 -10.23
N LEU D 975 47.58 50.55 -8.98
CA LEU D 975 48.51 50.41 -7.88
C LEU D 975 48.57 48.94 -7.52
N LYS D 976 47.41 48.28 -7.46
CA LYS D 976 47.35 46.85 -7.16
C LYS D 976 47.86 46.06 -8.38
N SER D 977 47.43 46.47 -9.57
CA SER D 977 47.87 45.82 -10.79
C SER D 977 49.13 46.54 -11.24
N PRO E 3 19.41 -1.19 12.42
CA PRO E 3 19.70 -0.64 11.08
C PRO E 3 20.46 0.65 11.26
N THR E 4 21.78 0.55 11.32
CA THR E 4 22.65 1.71 11.51
C THR E 4 23.41 2.06 10.23
N PHE E 5 23.42 3.36 9.90
CA PHE E 5 24.09 3.86 8.69
C PHE E 5 25.17 4.91 8.99
N LYS E 6 26.29 4.82 8.30
CA LYS E 6 27.36 5.80 8.53
C LYS E 6 27.10 7.04 7.70
N LEU E 7 27.00 8.18 8.39
CA LEU E 7 26.75 9.46 7.72
C LEU E 7 27.90 10.40 8.07
N VAL E 8 28.56 10.95 7.05
CA VAL E 8 29.66 11.88 7.27
C VAL E 8 29.24 13.29 6.87
N LEU E 9 29.23 14.17 7.86
CA LEU E 9 28.86 15.58 7.68
C LEU E 9 30.13 16.38 7.42
N VAL E 10 30.24 16.95 6.24
CA VAL E 10 31.44 17.69 5.89
C VAL E 10 31.04 19.05 5.34
N GLY E 11 31.88 20.05 5.57
CA GLY E 11 31.56 21.37 5.06
C GLY E 11 32.61 22.40 5.45
N ASP E 12 32.68 23.50 4.71
CA ASP E 12 33.65 24.54 5.02
C ASP E 12 33.74 24.82 6.53
N GLY E 13 34.87 25.40 6.96
CA GLY E 13 35.05 25.68 8.37
C GLY E 13 34.17 26.80 8.88
N GLY E 14 33.39 26.51 9.92
CA GLY E 14 32.53 27.53 10.48
C GLY E 14 31.17 27.64 9.85
N THR E 15 30.65 26.53 9.35
CA THR E 15 29.34 26.51 8.73
C THR E 15 28.28 25.95 9.67
N GLY E 16 28.71 25.46 10.83
CA GLY E 16 27.76 24.95 11.80
C GLY E 16 27.52 23.45 11.83
N LYS E 17 28.50 22.68 11.38
CA LYS E 17 28.35 21.23 11.36
C LYS E 17 28.11 20.66 12.74
N THR E 18 28.95 21.08 13.68
CA THR E 18 28.85 20.61 15.06
C THR E 18 27.55 21.06 15.70
N THR E 19 27.25 22.34 15.53
CA THR E 19 26.04 22.94 16.06
C THR E 19 24.81 22.10 15.69
N PHE E 20 24.68 21.80 14.41
CA PHE E 20 23.58 21.01 13.88
C PHE E 20 23.50 19.69 14.63
N VAL E 21 24.63 19.02 14.76
CA VAL E 21 24.65 17.74 15.46
C VAL E 21 24.15 17.92 16.88
N LYS E 22 24.69 18.91 17.58
CA LYS E 22 24.29 19.17 18.96
C LYS E 22 22.78 19.35 19.08
N ARG E 23 22.24 20.30 18.32
CA ARG E 23 20.79 20.57 18.35
C ARG E 23 19.97 19.29 18.32
N HIS E 24 20.42 18.32 17.52
CA HIS E 24 19.70 17.05 17.41
C HIS E 24 20.01 16.08 18.55
N LEU E 25 21.26 16.08 19.02
CA LEU E 25 21.65 15.18 20.10
C LEU E 25 21.08 15.65 21.45
N THR E 26 21.37 16.89 21.84
CA THR E 26 20.88 17.41 23.12
C THR E 26 19.70 18.37 23.01
N GLY E 27 19.70 19.21 21.99
CA GLY E 27 18.63 20.17 21.83
C GLY E 27 19.13 21.55 22.20
N GLU E 28 20.42 21.62 22.51
CA GLU E 28 21.04 22.89 22.87
C GLU E 28 21.76 23.52 21.67
N PHE E 29 21.55 24.83 21.50
CA PHE E 29 22.16 25.57 20.41
C PHE E 29 23.35 26.37 20.90
N GLU E 30 24.56 25.94 20.57
CA GLU E 30 25.76 26.66 21.01
C GLU E 30 25.92 27.90 20.16
N LYS E 31 26.24 29.01 20.79
CA LYS E 31 26.42 30.28 20.08
C LYS E 31 27.90 30.60 20.01
N LYS E 32 28.72 29.77 20.66
CA LYS E 32 30.15 29.96 20.69
C LYS E 32 30.78 29.01 19.68
N TYR E 33 31.62 29.56 18.80
CA TYR E 33 32.28 28.75 17.78
C TYR E 33 33.54 28.11 18.30
N ILE E 34 33.52 26.79 18.29
CA ILE E 34 34.65 26.02 18.76
C ILE E 34 34.93 24.99 17.68
N ALA E 35 35.92 25.26 16.84
CA ALA E 35 36.26 24.36 15.76
C ALA E 35 36.33 22.93 16.25
N THR E 36 35.72 22.03 15.49
CA THR E 36 35.74 20.62 15.82
C THR E 36 37.05 20.17 15.20
N ILE E 37 37.92 19.57 16.01
CA ILE E 37 39.22 19.14 15.53
C ILE E 37 39.27 17.65 15.22
N GLY E 38 39.91 17.33 14.10
CA GLY E 38 39.98 15.94 13.69
C GLY E 38 38.58 15.49 13.34
N VAL E 39 37.93 14.80 14.26
CA VAL E 39 36.58 14.34 14.00
C VAL E 39 35.89 13.91 15.27
N GLU E 40 34.58 14.17 15.34
CA GLU E 40 33.79 13.78 16.49
C GLU E 40 32.72 12.84 15.95
N VAL E 41 32.26 11.91 16.79
CA VAL E 41 31.26 10.96 16.34
C VAL E 41 30.19 10.69 17.39
N HIS E 42 28.96 11.02 17.05
CA HIS E 42 27.83 10.85 17.97
C HIS E 42 26.70 10.09 17.28
N PRO E 43 26.21 9.02 17.90
CA PRO E 43 25.13 8.22 17.36
C PRO E 43 23.76 8.87 17.40
N LEU E 44 23.45 9.72 16.43
CA LEU E 44 22.14 10.36 16.39
C LEU E 44 21.12 9.26 16.09
N SER E 45 19.87 9.40 16.55
CA SER E 45 18.85 8.38 16.26
C SER E 45 17.53 9.03 15.82
N PHE E 46 16.56 8.20 15.46
CA PHE E 46 15.25 8.71 15.02
C PHE E 46 14.19 7.60 14.98
N TYR E 47 12.92 7.97 14.89
CA TYR E 47 11.82 7.00 14.87
C TYR E 47 11.22 6.92 13.46
N GLU E 52 13.04 2.53 13.97
CA GLU E 52 13.97 3.54 14.45
C GLU E 52 15.35 3.38 13.81
N ILE E 53 15.60 4.10 12.73
CA ILE E 53 16.89 4.04 12.04
C ILE E 53 17.92 4.92 12.72
N LYS E 54 19.14 4.41 12.89
CA LYS E 54 20.20 5.18 13.52
C LYS E 54 21.26 5.63 12.49
N PHE E 55 21.90 6.77 12.78
CA PHE E 55 22.94 7.37 11.92
C PHE E 55 24.25 7.61 12.68
N ASP E 56 25.32 6.94 12.29
CA ASP E 56 26.58 7.18 12.98
C ASP E 56 27.25 8.37 12.31
N VAL E 57 26.96 9.55 12.87
CA VAL E 57 27.46 10.82 12.37
C VAL E 57 28.91 11.13 12.70
N TRP E 58 29.70 11.26 11.65
CA TRP E 58 31.11 11.60 11.79
C TRP E 58 31.26 13.09 11.48
N ASP E 59 31.13 13.91 12.52
CA ASP E 59 31.28 15.35 12.39
C ASP E 59 32.75 15.56 12.03
N THR E 60 33.03 15.92 10.78
CA THR E 60 34.40 16.12 10.35
C THR E 60 34.87 17.55 10.56
N ALA E 61 36.17 17.80 10.47
CA ALA E 61 36.68 19.15 10.68
C ALA E 61 36.87 19.86 9.34
N GLY E 62 36.05 20.86 9.08
CA GLY E 62 36.16 21.60 7.83
C GLY E 62 37.29 22.62 7.87
N LEU E 63 38.08 22.58 8.93
CA LEU E 63 39.18 23.50 9.05
C LEU E 63 40.43 22.79 8.52
N GLU E 64 41.20 23.45 7.66
CA GLU E 64 42.40 22.83 7.09
C GLU E 64 43.45 22.53 8.15
N LYS E 65 43.54 23.43 9.13
CA LYS E 65 44.48 23.32 10.24
C LYS E 65 44.17 22.15 11.17
N PHE E 66 42.91 21.77 11.31
CA PHE E 66 42.53 20.66 12.18
C PHE E 66 41.87 19.55 11.38
N GLY E 67 42.13 19.58 10.06
CA GLY E 67 41.57 18.59 9.18
C GLY E 67 42.44 17.36 9.04
N GLY E 68 42.63 16.62 10.14
CA GLY E 68 43.40 15.40 10.07
C GLY E 68 42.44 14.47 9.38
N LEU E 69 42.94 13.42 8.70
CA LEU E 69 42.11 12.46 7.95
C LEU E 69 41.00 13.15 7.17
N ARG E 70 41.42 14.03 6.25
CA ARG E 70 40.50 14.81 5.47
C ARG E 70 39.52 14.00 4.65
N ASP E 71 40.01 12.99 3.95
CA ASP E 71 39.15 12.16 3.12
C ASP E 71 39.08 10.81 3.77
N GLY E 72 39.95 10.60 4.75
CA GLY E 72 40.00 9.33 5.44
C GLY E 72 38.70 8.89 6.06
N TYR E 73 38.11 9.76 6.87
CA TYR E 73 36.87 9.44 7.59
C TYR E 73 35.71 9.04 6.70
N TYR E 74 35.80 9.38 5.43
CA TYR E 74 34.72 9.07 4.50
C TYR E 74 34.63 7.58 4.19
N ILE E 75 35.73 6.84 4.39
CA ILE E 75 35.73 5.41 4.09
C ILE E 75 34.51 4.65 4.64
N ASN E 76 33.97 3.76 3.81
CA ASN E 76 32.81 2.96 4.19
C ASN E 76 31.65 3.78 4.72
N ALA E 77 31.52 5.02 4.25
CA ALA E 77 30.43 5.92 4.63
C ALA E 77 29.22 5.56 3.77
N GLN E 78 28.04 5.48 4.36
CA GLN E 78 26.84 5.11 3.62
C GLN E 78 25.94 6.23 3.15
N CYS E 79 26.20 7.45 3.62
CA CYS E 79 25.40 8.61 3.21
C CYS E 79 26.10 9.86 3.72
N ALA E 80 25.70 11.03 3.21
CA ALA E 80 26.34 12.26 3.65
C ALA E 80 25.48 13.52 3.69
N ILE E 81 26.09 14.57 4.17
CA ILE E 81 25.49 15.89 4.30
C ILE E 81 26.59 16.90 4.04
N ILE E 82 26.40 17.77 3.06
CA ILE E 82 27.41 18.79 2.80
C ILE E 82 26.84 20.10 3.31
N MET E 83 27.63 20.84 4.08
CA MET E 83 27.13 22.08 4.66
C MET E 83 27.86 23.35 4.24
N PHE E 84 27.10 24.42 4.07
CA PHE E 84 27.70 25.69 3.74
C PHE E 84 26.99 26.77 4.53
N ASP E 85 27.66 27.90 4.69
CA ASP E 85 27.12 29.01 5.46
C ASP E 85 26.53 30.08 4.57
N VAL E 86 25.22 30.26 4.69
CA VAL E 86 24.52 31.26 3.92
C VAL E 86 25.09 32.65 4.21
N THR E 87 25.75 32.81 5.34
CA THR E 87 26.33 34.09 5.73
C THR E 87 27.72 34.25 5.13
N SER E 88 28.36 33.12 4.83
CA SER E 88 29.70 33.10 4.27
C SER E 88 29.68 32.64 2.84
N ARG E 89 29.94 33.57 1.92
CA ARG E 89 29.92 33.30 0.49
C ARG E 89 30.83 32.18 0.02
N ILE E 90 32.07 32.17 0.49
CA ILE E 90 33.04 31.17 0.05
C ILE E 90 32.72 29.75 0.52
N THR E 91 31.87 29.61 1.51
CA THR E 91 31.52 28.28 1.97
C THR E 91 30.74 27.55 0.89
N TYR E 92 30.18 28.30 -0.05
CA TYR E 92 29.44 27.70 -1.15
C TYR E 92 30.37 27.52 -2.34
N LYS E 93 31.22 28.53 -2.60
CA LYS E 93 32.17 28.45 -3.71
C LYS E 93 32.98 27.15 -3.59
N ASN E 94 33.03 26.60 -2.38
CA ASN E 94 33.78 25.39 -2.08
C ASN E 94 32.90 24.16 -1.95
N VAL E 95 31.59 24.33 -2.01
CA VAL E 95 30.71 23.19 -1.89
C VAL E 95 31.04 22.10 -2.89
N PRO E 96 31.50 22.49 -4.11
CA PRO E 96 31.85 21.48 -5.13
C PRO E 96 32.89 20.51 -4.60
N ASN E 97 34.02 21.05 -4.15
CA ASN E 97 35.11 20.28 -3.59
C ASN E 97 34.64 19.23 -2.59
N TRP E 98 33.84 19.67 -1.63
CA TRP E 98 33.36 18.75 -0.63
C TRP E 98 32.67 17.57 -1.33
N HIS E 99 31.87 17.88 -2.34
CA HIS E 99 31.19 16.84 -3.08
C HIS E 99 32.22 15.95 -3.77
N ARG E 100 33.11 16.60 -4.52
CA ARG E 100 34.18 15.94 -5.25
C ARG E 100 34.88 14.92 -4.37
N ASP E 101 35.48 15.40 -3.28
CA ASP E 101 36.18 14.55 -2.34
C ASP E 101 35.30 13.46 -1.79
N LEU E 102 34.04 13.79 -1.53
CA LEU E 102 33.13 12.80 -0.97
C LEU E 102 32.96 11.58 -1.87
N VAL E 103 32.46 11.80 -3.08
CA VAL E 103 32.22 10.69 -4.01
C VAL E 103 33.45 9.86 -4.30
N ARG E 104 34.56 10.52 -4.54
CA ARG E 104 35.83 9.87 -4.86
C ARG E 104 36.17 8.67 -3.97
N VAL E 105 35.88 8.79 -2.67
CA VAL E 105 36.14 7.72 -1.69
C VAL E 105 34.89 6.87 -1.57
N CYS E 106 33.74 7.54 -1.57
CA CYS E 106 32.46 6.89 -1.47
C CYS E 106 31.67 7.17 -2.73
N GLU E 107 31.62 6.20 -3.63
CA GLU E 107 30.87 6.40 -4.85
C GLU E 107 29.42 6.09 -4.53
N ASN E 108 28.52 6.52 -5.41
CA ASN E 108 27.09 6.26 -5.27
C ASN E 108 26.59 6.25 -3.83
N ILE E 109 26.56 7.42 -3.20
CA ILE E 109 26.08 7.53 -1.83
C ILE E 109 25.22 8.79 -1.77
N PRO E 110 24.03 8.69 -1.14
CA PRO E 110 23.08 9.81 -0.99
C PRO E 110 23.61 11.02 -0.24
N ILE E 111 23.90 12.09 -0.98
CA ILE E 111 24.42 13.31 -0.38
C ILE E 111 23.35 14.40 -0.31
N VAL E 112 23.03 14.85 0.90
CA VAL E 112 22.05 15.90 1.10
C VAL E 112 22.76 17.23 1.34
N LEU E 113 22.72 18.10 0.33
CA LEU E 113 23.35 19.42 0.43
C LEU E 113 22.51 20.37 1.30
N CYS E 114 23.15 21.06 2.26
CA CYS E 114 22.40 21.96 3.16
C CYS E 114 22.92 23.39 3.25
N GLY E 115 22.02 24.34 3.08
CA GLY E 115 22.37 25.75 3.20
C GLY E 115 22.05 26.13 4.63
N ASN E 116 23.07 26.46 5.42
CA ASN E 116 22.83 26.75 6.82
C ASN E 116 22.94 28.21 7.18
N LYS E 117 22.37 28.53 8.35
CA LYS E 117 22.34 29.88 8.92
C LYS E 117 21.40 30.75 8.10
N VAL E 118 20.21 30.18 7.89
CA VAL E 118 19.14 30.78 7.14
C VAL E 118 18.33 31.66 8.06
N ASP E 119 18.54 31.51 9.35
CA ASP E 119 17.82 32.31 10.33
C ASP E 119 18.28 33.76 10.22
N VAL E 120 19.42 34.00 9.58
CA VAL E 120 19.92 35.38 9.41
C VAL E 120 19.35 36.04 8.15
N LYS E 121 18.64 37.14 8.36
CA LYS E 121 18.01 37.88 7.26
C LYS E 121 18.95 38.17 6.09
N GLU E 122 20.13 38.72 6.38
CA GLU E 122 21.10 39.06 5.35
C GLU E 122 21.81 37.83 4.83
N ARG E 123 21.97 37.76 3.51
CA ARG E 123 22.61 36.61 2.90
C ARG E 123 23.71 36.91 1.89
N LYS E 124 24.90 36.40 2.18
CA LYS E 124 26.08 36.59 1.34
C LYS E 124 26.09 35.58 0.20
N VAL E 125 25.33 34.51 0.38
CA VAL E 125 25.20 33.48 -0.64
C VAL E 125 23.81 33.66 -1.22
N LYS E 126 23.70 34.45 -2.28
CA LYS E 126 22.43 34.72 -2.94
C LYS E 126 21.79 33.46 -3.54
N ALA E 127 20.52 33.25 -3.24
CA ALA E 127 19.77 32.09 -3.71
C ALA E 127 19.98 31.80 -5.19
N LYS E 128 20.02 32.85 -5.99
CA LYS E 128 20.20 32.76 -7.43
C LYS E 128 21.47 32.03 -7.82
N THR E 129 22.41 31.95 -6.88
CA THR E 129 23.68 31.29 -7.15
C THR E 129 23.77 29.84 -6.66
N ILE E 130 22.79 29.41 -5.87
CA ILE E 130 22.80 28.03 -5.36
C ILE E 130 22.27 27.08 -6.44
N THR E 131 23.18 26.54 -7.25
CA THR E 131 22.76 25.64 -8.33
C THR E 131 23.28 24.22 -8.20
N PHE E 132 24.43 24.07 -7.55
CA PHE E 132 25.07 22.77 -7.43
C PHE E 132 24.17 21.54 -7.33
N HIS E 133 23.23 21.52 -6.39
CA HIS E 133 22.38 20.34 -6.25
C HIS E 133 21.75 19.93 -7.57
N ARG E 134 21.40 20.92 -8.37
CA ARG E 134 20.78 20.63 -9.66
C ARG E 134 21.78 20.18 -10.72
N LYS E 135 23.07 20.40 -10.49
CA LYS E 135 24.09 20.01 -11.47
C LYS E 135 24.77 18.70 -11.14
N LYS E 136 24.42 18.13 -9.98
CA LYS E 136 24.96 16.85 -9.54
C LYS E 136 23.83 15.99 -9.01
N ASN E 137 22.59 16.39 -9.34
CA ASN E 137 21.38 15.68 -8.92
C ASN E 137 21.36 15.37 -7.43
N LEU E 138 21.36 16.43 -6.63
CA LEU E 138 21.36 16.30 -5.17
C LEU E 138 20.18 16.99 -4.51
N GLN E 139 19.63 16.35 -3.48
CA GLN E 139 18.51 16.94 -2.78
C GLN E 139 19.09 18.12 -2.03
N TYR E 140 18.36 19.22 -1.99
CA TYR E 140 18.85 20.40 -1.29
C TYR E 140 17.87 20.84 -0.22
N TYR E 141 18.38 21.58 0.76
CA TYR E 141 17.56 22.10 1.84
C TYR E 141 18.17 23.36 2.42
N ASP E 142 17.28 24.30 2.75
CA ASP E 142 17.65 25.56 3.35
C ASP E 142 17.32 25.25 4.79
N ILE E 143 18.33 25.26 5.65
CA ILE E 143 18.08 24.96 7.04
C ILE E 143 18.80 25.89 8.01
N SER E 144 18.36 25.83 9.27
CA SER E 144 18.92 26.65 10.36
C SER E 144 18.98 25.85 11.64
N ALA E 145 20.17 25.67 12.21
CA ALA E 145 20.27 24.91 13.44
C ALA E 145 19.79 25.73 14.65
N LYS E 146 19.56 27.04 14.43
CA LYS E 146 19.07 27.94 15.49
C LYS E 146 17.55 27.84 15.61
N SER E 147 16.88 28.05 14.49
CA SER E 147 15.42 27.98 14.45
C SER E 147 14.86 26.59 14.24
N ASN E 148 15.71 25.63 13.91
CA ASN E 148 15.28 24.26 13.65
C ASN E 148 14.40 24.24 12.41
N TYR E 149 14.58 25.25 11.57
CA TYR E 149 13.83 25.33 10.33
C TYR E 149 14.30 24.17 9.50
N ASN E 150 13.36 23.30 9.12
CA ASN E 150 13.68 22.13 8.32
C ASN E 150 14.76 21.25 8.94
N PHE E 151 15.05 21.40 10.23
CA PHE E 151 16.13 20.61 10.80
C PHE E 151 16.02 19.08 10.65
N GLU E 152 14.84 18.58 10.34
CA GLU E 152 14.68 17.14 10.18
C GLU E 152 14.62 16.70 8.71
N LYS E 153 14.59 17.64 7.78
CA LYS E 153 14.54 17.29 6.36
C LYS E 153 15.69 16.37 5.93
N PRO E 154 16.95 16.84 6.03
CA PRO E 154 18.09 16.01 5.63
C PRO E 154 18.06 14.55 6.12
N PHE E 155 17.84 14.31 7.41
CA PHE E 155 17.80 12.95 7.91
C PHE E 155 16.60 12.17 7.41
N LEU E 156 15.48 12.87 7.20
CA LEU E 156 14.28 12.21 6.70
C LEU E 156 14.48 11.74 5.24
N TRP E 157 15.07 12.59 4.41
CA TRP E 157 15.31 12.24 3.02
C TRP E 157 16.26 11.06 2.91
N LEU E 158 17.42 11.14 3.55
CA LEU E 158 18.41 10.07 3.52
C LEU E 158 17.82 8.76 4.03
N ALA E 159 17.00 8.85 5.06
CA ALA E 159 16.37 7.68 5.65
C ALA E 159 15.36 7.02 4.71
N ARG E 160 14.73 7.81 3.84
CA ARG E 160 13.76 7.27 2.88
C ARG E 160 14.45 6.68 1.66
N LYS E 161 15.75 6.93 1.53
CA LYS E 161 16.50 6.40 0.42
C LYS E 161 17.19 5.14 0.95
N LEU E 162 17.89 5.28 2.07
CA LEU E 162 18.58 4.15 2.66
C LEU E 162 17.61 3.00 2.93
N ALA E 163 16.33 3.31 3.05
CA ALA E 163 15.34 2.26 3.27
C ALA E 163 14.77 1.94 1.90
N GLY E 164 14.60 2.97 1.11
CA GLY E 164 14.05 2.80 -0.23
C GLY E 164 12.54 2.80 -0.14
N ASN E 165 12.05 3.22 1.03
CA ASN E 165 10.61 3.29 1.28
C ASN E 165 10.20 4.74 1.45
N PRO E 166 9.56 5.33 0.42
CA PRO E 166 9.08 6.71 0.39
C PRO E 166 8.04 7.05 1.46
N GLN E 167 7.38 6.03 1.99
CA GLN E 167 6.36 6.27 3.00
C GLN E 167 6.92 6.22 4.42
N LEU E 168 8.23 6.37 4.57
CA LEU E 168 8.88 6.33 5.88
C LEU E 168 8.07 7.11 6.91
N GLU E 169 7.80 8.36 6.59
CA GLU E 169 7.01 9.21 7.46
C GLU E 169 6.34 10.28 6.64
PG GTP G . -2.53 -20.10 0.41
O1G GTP G . -1.92 -21.19 -0.37
O2G GTP G . -3.34 -19.08 -0.54
O3G GTP G . -1.40 -19.29 1.18
O3B GTP G . -3.55 -20.68 1.46
PB GTP G . -2.76 -21.71 2.38
O1B GTP G . -2.41 -22.93 1.63
O2B GTP G . -1.40 -21.07 2.97
O3A GTP G . -3.85 -22.09 3.50
PA GTP G . -3.28 -23.03 4.63
O1A GTP G . -2.91 -24.35 4.11
O2A GTP G . -2.01 -22.36 5.34
O5' GTP G . -4.49 -23.12 5.67
C5' GTP G . -4.04 -23.83 6.79
C4' GTP G . -5.15 -23.83 7.80
O4' GTP G . -6.31 -24.46 7.27
C3' GTP G . -4.70 -24.57 9.07
O3' GTP G . -4.65 -23.67 10.19
C2' GTP G . -5.68 -25.68 9.28
O2' GTP G . -6.33 -25.58 10.57
C1' GTP G . -6.67 -25.57 8.11
N9 GTP G . -6.66 -26.79 7.36
C8 GTP G . -5.97 -27.07 6.21
N7 GTP G . -6.22 -28.28 5.84
C5 GTP G . -7.07 -28.86 6.73
C6 GTP G . -7.70 -30.13 6.86
O6 GTP G . -7.50 -31.01 6.04
N1 GTP G . -8.53 -30.34 7.93
C2 GTP G . -8.76 -29.36 8.85
N2 GTP G . -9.60 -29.60 9.92
N3 GTP G . -8.19 -28.19 8.74
C4 GTP G . -7.36 -27.90 7.71
MG MG H . 0.07 -21.81 0.22
PG GTP I . 33.83 22.76 11.95
O1G GTP I . 33.00 21.56 11.70
O2G GTP I . 34.90 22.99 10.78
O3G GTP I . 34.62 22.60 13.33
O3B GTP I . 32.93 24.06 12.06
PB GTP I . 31.80 23.85 13.22
O1B GTP I . 30.77 22.88 12.78
O2B GTP I . 32.46 23.35 14.63
O3A GTP I . 31.14 25.30 13.32
PA GTP I . 30.09 25.41 14.50
O1A GTP I . 28.93 24.53 14.27
O2A GTP I . 30.77 25.05 15.91
O5' GTP I . 29.73 26.96 14.45
C5' GTP I . 28.89 27.27 15.53
C4' GTP I . 28.69 28.75 15.45
O4' GTP I . 28.01 29.04 14.22
C3' GTP I . 27.84 29.26 16.62
O3' GTP I . 28.58 30.22 17.38
C2' GTP I . 26.59 29.86 16.02
O2' GTP I . 26.47 31.25 16.38
C1' GTP I . 26.76 29.67 14.52
N9 GTP I . 25.66 28.94 13.97
C8 GTP I . 25.54 27.58 13.73
N7 GTP I . 24.37 27.32 13.22
C5 GTP I . 23.68 28.51 13.16
C6 GTP I . 22.36 28.91 12.68
O6 GTP I . 21.57 28.07 12.26
N1 GTP I . 22.03 30.24 12.78
C2 GTP I . 22.92 31.16 13.28
N2 GTP I . 22.58 32.48 13.37
N3 GTP I . 24.11 30.81 13.68
C4 GTP I . 24.51 29.52 13.65
MG MG J . 32.57 21.06 13.81
#